data_6F74
#
_entry.id   6F74
#
_cell.length_a   83.195
_cell.length_b   108.506
_cell.length_c   135.989
_cell.angle_alpha   90.00
_cell.angle_beta   90.00
_cell.angle_gamma   90.00
#
_symmetry.space_group_name_H-M   'P 1 21 1'
#
loop_
_entity.id
_entity.type
_entity.pdbx_description
1 polymer 'Alcohol oxidase'
2 branched 2-acetamido-2-deoxy-beta-D-glucopyranose-(1-4)-2-acetamido-2-deoxy-beta-D-glucopyranose
3 non-polymer 'FLAVIN-ADENINE DINUCLEOTIDE'
4 non-polymer 2-acetamido-2-deoxy-beta-D-glucopyranose
5 non-polymer GLYCEROL
6 water water
#
_entity_poly.entity_id   1
_entity_poly.type   'polypeptide(L)'
_entity_poly.pdbx_seq_one_letter_code
;MRLHIALSLFYTLGHAVGAEPQHAKRTPKCRCTPGEACWPDNSVWEAFDKTLGKGKLIKTSPIAQSCYDGPQKDLDRCAY
VNKMWTDQDFQTSDPIGRNYPYNITCAPVDYAAGETPTSCILGSLPYYAVNASTREDITLTLNFAKQHNIRLVTSSTGHD
LLGRSDGYGGLELWLHSFRNGVRFQKKYTSANKCTKSGWTGSAIHIDGAYQWRDVYTVAQANNVIAVGGGSPSPGAIGGW
PSGGGHGPATHNFGLGADQVLEAQIMLADGRIVTANHCENSDLFRAIRGGGPGYGIVLSQHIKVHPNVKAVTAHRLAIAP
RNETAENKDLLDAIAVLHQQLPALSNNGVAGYGFWFRSFPGPFVGDAHSGYTHGFWTIGKRQAEAEKAVAPLMNALKKFE
DKLVITSTFAEYQDYWSFYWAESGLHDPVGSTSIITSRLINPEALTDYNKVREAIEVVAGKPEEVSSNVVLLVSGGQVFK
DKADTSSGLHPAWRVSPFVMISGQGIPKVASREIRDYVQHQVTHVKGAALKKLAPNTGGYMNEGDGSDPEYIDAFYGKNY
AQHLAAKRKYDPDNIFFCRTCVGAEDFIERPDGPLCRK
;
_entity_poly.pdbx_strand_id   A,B,C,D
#
# COMPACT_ATOMS: atom_id res chain seq x y z
N THR A 27 5.69 4.39 -35.79
CA THR A 27 5.20 4.57 -34.37
C THR A 27 4.66 3.19 -33.86
N PRO A 28 4.86 2.84 -32.57
CA PRO A 28 4.77 1.43 -32.28
C PRO A 28 3.34 0.91 -32.32
N LYS A 29 3.20 -0.32 -32.82
CA LYS A 29 1.90 -0.94 -32.97
C LYS A 29 1.31 -1.39 -31.65
N CYS A 30 2.17 -1.74 -30.68
CA CYS A 30 1.73 -2.25 -29.41
C CYS A 30 1.94 -1.24 -28.30
N ARG A 31 0.97 -1.14 -27.42
CA ARG A 31 1.12 -0.39 -26.21
C ARG A 31 2.14 -1.06 -25.27
N CYS A 32 2.83 -0.22 -24.51
CA CYS A 32 3.79 -0.64 -23.50
C CYS A 32 3.09 -1.16 -22.22
N THR A 33 3.64 -2.22 -21.63
CA THR A 33 3.06 -2.86 -20.46
C THR A 33 4.09 -2.98 -19.34
N PRO A 34 3.66 -3.24 -18.10
CA PRO A 34 4.61 -3.35 -16.97
C PRO A 34 5.69 -4.39 -17.19
N GLY A 35 6.89 -4.09 -16.71
CA GLY A 35 8.01 -5.00 -16.83
C GLY A 35 8.81 -4.81 -18.11
N GLU A 36 8.23 -4.13 -19.10
CA GLU A 36 8.97 -3.90 -20.33
C GLU A 36 9.97 -2.76 -20.13
N ALA A 37 10.97 -2.73 -21.01
CA ALA A 37 11.97 -1.67 -21.05
C ALA A 37 11.34 -0.27 -21.25
N CYS A 38 10.30 -0.20 -22.08
CA CYS A 38 9.59 1.07 -22.34
C CYS A 38 8.71 1.60 -21.18
N TRP A 39 8.39 0.75 -20.22
CA TRP A 39 7.52 1.12 -19.11
C TRP A 39 8.23 2.15 -18.25
N PRO A 40 7.57 3.28 -17.92
CA PRO A 40 8.22 4.27 -17.07
C PRO A 40 8.66 3.71 -15.71
N ASP A 41 9.86 4.11 -15.24
CA ASP A 41 10.40 3.60 -13.97
C ASP A 41 9.75 4.30 -12.77
N ASN A 42 10.07 3.88 -11.55
CA ASN A 42 9.37 4.38 -10.38
C ASN A 42 9.43 5.91 -10.25
N SER A 43 10.56 6.52 -10.59
CA SER A 43 10.71 7.98 -10.48
C SER A 43 9.73 8.74 -11.39
N VAL A 44 9.48 8.19 -12.59
CA VAL A 44 8.58 8.84 -13.54
C VAL A 44 7.14 8.80 -13.01
N TRP A 45 6.73 7.65 -12.48
CA TRP A 45 5.39 7.52 -11.89
C TRP A 45 5.22 8.42 -10.68
N GLU A 46 6.28 8.51 -9.85
CA GLU A 46 6.24 9.35 -8.68
C GLU A 46 6.10 10.85 -9.03
N ALA A 47 6.86 11.29 -10.04
CA ALA A 47 6.72 12.67 -10.56
C ALA A 47 5.32 12.94 -11.14
N PHE A 48 4.71 11.92 -11.75
CA PHE A 48 3.35 12.05 -12.29
C PHE A 48 2.33 12.16 -11.14
N ASP A 49 2.54 11.39 -10.07
CA ASP A 49 1.72 11.50 -8.85
C ASP A 49 1.75 12.93 -8.30
N LYS A 50 2.94 13.51 -8.25
CA LYS A 50 3.17 14.87 -7.73
C LYS A 50 2.60 16.00 -8.59
N THR A 51 2.67 15.86 -9.90
CA THR A 51 2.00 16.77 -10.83
C THR A 51 0.49 16.75 -10.64
N LEU A 52 -0.07 15.55 -10.47
CA LEU A 52 -1.52 15.39 -10.24
C LEU A 52 -1.95 16.00 -8.92
N GLY A 53 -1.13 15.79 -7.90
CA GLY A 53 -1.51 16.03 -6.51
C GLY A 53 -1.35 14.68 -5.87
N LYS A 54 -0.35 14.59 -5.01
CA LYS A 54 -0.02 13.36 -4.28
C LYS A 54 -1.26 12.65 -3.77
N GLY A 55 -1.34 11.33 -3.99
CA GLY A 55 -2.51 10.51 -3.63
C GLY A 55 -3.47 10.18 -4.77
N LYS A 56 -3.49 10.98 -5.82
CA LYS A 56 -4.40 10.72 -6.96
C LYS A 56 -3.99 9.51 -7.81
N LEU A 57 -2.70 9.21 -7.91
CA LEU A 57 -2.24 8.04 -8.65
C LEU A 57 -2.26 6.84 -7.72
N ILE A 58 -3.03 5.82 -8.07
CA ILE A 58 -3.14 4.63 -7.25
C ILE A 58 -2.52 3.46 -8.02
N LYS A 59 -1.58 2.76 -7.38
CA LYS A 59 -1.09 1.50 -7.88
C LYS A 59 -2.14 0.48 -7.51
N THR A 60 -2.72 -0.18 -8.49
CA THR A 60 -3.87 -0.98 -8.21
C THR A 60 -3.42 -2.27 -7.53
N SER A 61 -4.37 -2.83 -6.76
CA SER A 61 -4.13 -4.12 -6.16
C SER A 61 -5.37 -4.99 -6.32
N PRO A 62 -5.20 -6.27 -6.72
CA PRO A 62 -6.35 -7.16 -6.83
C PRO A 62 -7.22 -7.12 -5.61
N ILE A 63 -8.53 -7.01 -5.80
CA ILE A 63 -9.49 -6.81 -4.70
C ILE A 63 -9.27 -7.77 -3.56
N ALA A 64 -9.09 -9.05 -3.92
CA ALA A 64 -8.92 -10.11 -2.92
C ALA A 64 -7.50 -10.60 -2.68
N GLN A 65 -6.49 -9.76 -2.88
CA GLN A 65 -5.07 -10.18 -2.68
C GLN A 65 -4.72 -10.61 -1.24
N SER A 66 -5.44 -10.05 -0.27
CA SER A 66 -5.27 -10.43 1.13
C SER A 66 -5.60 -11.88 1.47
N CYS A 67 -6.32 -12.56 0.58
CA CYS A 67 -6.64 -13.99 0.72
C CYS A 67 -5.50 -14.94 0.36
N TYR A 68 -4.40 -14.41 -0.17
CA TYR A 68 -3.33 -15.25 -0.71
C TYR A 68 -2.00 -15.05 0.03
N ASP A 69 -1.18 -16.07 0.05
CA ASP A 69 0.16 -16.03 0.68
C ASP A 69 1.07 -14.98 0.09
N GLY A 70 1.88 -14.37 0.94
CA GLY A 70 2.79 -13.28 0.53
C GLY A 70 2.65 -12.06 1.44
N PRO A 71 3.39 -11.00 1.15
CA PRO A 71 3.51 -9.81 2.03
C PRO A 71 2.20 -9.09 2.35
N GLN A 72 1.27 -9.18 1.43
CA GLN A 72 -0.04 -8.57 1.51
C GLN A 72 -1.13 -9.42 2.14
N LYS A 73 -0.80 -10.62 2.63
CA LYS A 73 -1.80 -11.50 3.25
C LYS A 73 -2.39 -10.91 4.53
N ASP A 74 -3.70 -11.08 4.71
CA ASP A 74 -4.43 -10.56 5.88
C ASP A 74 -5.81 -11.25 5.91
N LEU A 75 -5.96 -12.25 6.77
CA LEU A 75 -7.16 -13.07 6.79
C LEU A 75 -8.43 -12.33 7.25
N ASP A 76 -8.25 -11.31 8.08
CA ASP A 76 -9.35 -10.39 8.44
C ASP A 76 -9.81 -9.58 7.27
N ARG A 77 -8.86 -8.99 6.56
CA ARG A 77 -9.21 -8.26 5.31
C ARG A 77 -9.86 -9.23 4.31
N CYS A 78 -9.29 -10.43 4.18
CA CYS A 78 -9.81 -11.42 3.26
C CYS A 78 -11.28 -11.77 3.53
N ALA A 79 -11.62 -11.98 4.79
CA ALA A 79 -12.99 -12.29 5.20
C ALA A 79 -13.96 -11.14 4.94
N TYR A 80 -13.50 -9.91 5.20
CA TYR A 80 -14.29 -8.73 4.87
C TYR A 80 -14.56 -8.69 3.36
N VAL A 81 -13.52 -8.91 2.57
CA VAL A 81 -13.63 -8.89 1.11
C VAL A 81 -14.56 -10.00 0.62
N ASN A 82 -14.43 -11.18 1.22
CA ASN A 82 -15.32 -12.29 0.85
C ASN A 82 -16.79 -11.96 1.15
N LYS A 83 -17.02 -11.40 2.30
CA LYS A 83 -18.36 -11.00 2.72
C LYS A 83 -18.95 -9.91 1.82
N MET A 84 -18.13 -8.97 1.38
CA MET A 84 -18.61 -7.78 0.64
C MET A 84 -18.53 -7.87 -0.89
N TRP A 85 -18.02 -9.01 -1.39
CA TRP A 85 -17.85 -9.26 -2.82
C TRP A 85 -19.11 -9.11 -3.65
N THR A 86 -20.25 -9.50 -3.07
CA THR A 86 -21.51 -9.41 -3.78
C THR A 86 -22.18 -8.01 -3.69
N ASP A 87 -21.55 -7.05 -3.04
CA ASP A 87 -22.18 -5.73 -2.82
C ASP A 87 -21.74 -4.69 -3.84
N GLN A 88 -22.70 -4.01 -4.44
CA GLN A 88 -22.40 -3.14 -5.58
C GLN A 88 -21.54 -1.92 -5.17
N ASP A 89 -21.79 -1.37 -3.96
CA ASP A 89 -21.08 -0.21 -3.48
C ASP A 89 -19.63 -0.57 -3.17
N PHE A 90 -19.45 -1.73 -2.56
CA PHE A 90 -18.11 -2.23 -2.27
C PHE A 90 -17.30 -2.30 -3.56
N GLN A 91 -17.88 -2.87 -4.60
CA GLN A 91 -17.22 -2.97 -5.89
C GLN A 91 -17.02 -1.62 -6.61
N THR A 92 -17.93 -0.65 -6.48
CA THR A 92 -17.70 0.67 -7.10
C THR A 92 -16.69 1.54 -6.36
N SER A 93 -16.36 1.19 -5.11
CA SER A 93 -15.49 2.00 -4.25
C SER A 93 -13.99 1.85 -4.53
N ASP A 94 -13.59 0.71 -5.12
CA ASP A 94 -12.21 0.46 -5.49
C ASP A 94 -12.01 0.80 -6.98
N PRO A 95 -10.85 1.36 -7.35
CA PRO A 95 -10.58 1.68 -8.76
C PRO A 95 -10.66 0.52 -9.74
N ILE A 96 -10.37 -0.69 -9.30
CA ILE A 96 -10.54 -1.87 -10.15
C ILE A 96 -11.58 -2.86 -9.56
N GLY A 97 -12.52 -2.32 -8.81
CA GLY A 97 -13.66 -3.09 -8.35
C GLY A 97 -14.64 -3.24 -9.49
N ARG A 98 -15.13 -4.47 -9.67
CA ARG A 98 -16.00 -4.81 -10.77
C ARG A 98 -17.26 -5.52 -10.31
N ASN A 99 -18.42 -4.95 -10.64
CA ASN A 99 -19.68 -5.59 -10.29
C ASN A 99 -19.80 -6.98 -10.97
N TYR A 100 -19.55 -7.02 -12.26
CA TYR A 100 -19.57 -8.22 -13.02
C TYR A 100 -18.17 -8.50 -13.62
N PRO A 101 -17.24 -8.99 -12.79
CA PRO A 101 -15.85 -9.10 -13.23
C PRO A 101 -15.71 -10.02 -14.42
N TYR A 102 -15.03 -9.55 -15.46
CA TYR A 102 -15.04 -10.24 -16.75
C TYR A 102 -14.25 -11.57 -16.67
N ASN A 103 -13.22 -11.59 -15.83
CA ASN A 103 -12.33 -12.73 -15.67
C ASN A 103 -11.74 -12.67 -14.28
N ILE A 104 -12.33 -13.45 -13.36
CA ILE A 104 -11.89 -13.50 -11.96
C ILE A 104 -10.56 -14.27 -11.91
N THR A 105 -9.46 -13.52 -11.92
CA THR A 105 -8.11 -14.08 -11.80
C THR A 105 -7.53 -13.93 -10.39
N CYS A 106 -8.30 -13.35 -9.48
CA CYS A 106 -7.98 -13.31 -8.06
C CYS A 106 -9.24 -13.45 -7.24
N ALA A 107 -9.67 -14.69 -7.07
CA ALA A 107 -10.96 -15.00 -6.42
C ALA A 107 -10.93 -14.65 -4.93
N PRO A 108 -12.05 -14.15 -4.38
CA PRO A 108 -12.11 -14.16 -2.92
C PRO A 108 -12.17 -15.61 -2.42
N VAL A 109 -11.52 -15.86 -1.28
CA VAL A 109 -11.47 -17.21 -0.71
C VAL A 109 -12.29 -17.21 0.56
N ASP A 110 -13.25 -18.13 0.65
CA ASP A 110 -14.09 -18.27 1.82
C ASP A 110 -13.50 -19.36 2.71
N TYR A 111 -12.60 -18.94 3.60
CA TYR A 111 -11.90 -19.86 4.48
C TYR A 111 -12.84 -20.53 5.48
N ALA A 112 -13.82 -19.78 6.00
CA ALA A 112 -14.83 -20.33 6.90
C ALA A 112 -15.54 -21.54 6.26
N ALA A 113 -15.80 -21.47 4.96
CA ALA A 113 -16.45 -22.55 4.20
C ALA A 113 -15.50 -23.69 3.75
N GLY A 114 -14.25 -23.67 4.21
CA GLY A 114 -13.25 -24.67 3.84
C GLY A 114 -12.58 -24.51 2.46
N GLU A 115 -12.78 -23.36 1.80
CA GLU A 115 -12.14 -23.10 0.51
C GLU A 115 -10.66 -22.79 0.73
N THR A 116 -9.88 -22.98 -0.33
CA THR A 116 -8.42 -22.78 -0.29
C THR A 116 -7.96 -22.05 -1.55
N PRO A 117 -6.87 -21.27 -1.44
CA PRO A 117 -6.47 -20.41 -2.55
C PRO A 117 -5.82 -21.17 -3.71
N THR A 118 -6.05 -20.66 -4.92
CA THR A 118 -5.36 -21.13 -6.11
C THR A 118 -4.27 -20.09 -6.35
N SER A 119 -4.56 -19.08 -7.17
CA SER A 119 -3.62 -18.02 -7.43
C SER A 119 -4.31 -16.70 -7.52
N CYS A 120 -3.57 -15.62 -7.36
CA CYS A 120 -4.13 -14.27 -7.46
C CYS A 120 -3.22 -13.43 -8.33
N ILE A 121 -3.72 -13.06 -9.51
CA ILE A 121 -3.08 -12.02 -10.32
C ILE A 121 -4.07 -10.91 -10.67
N LEU A 122 -3.51 -9.80 -11.13
CA LEU A 122 -4.30 -8.67 -11.60
C LEU A 122 -5.12 -9.06 -12.83
N GLY A 123 -4.46 -9.81 -13.71
CA GLY A 123 -5.07 -10.23 -14.97
C GLY A 123 -5.13 -9.08 -15.94
N SER A 124 -6.32 -8.87 -16.47
CA SER A 124 -6.60 -7.85 -17.44
C SER A 124 -7.12 -6.56 -16.79
N LEU A 125 -7.05 -6.45 -15.47
CA LEU A 125 -7.43 -5.22 -14.81
C LEU A 125 -6.28 -4.25 -14.90
N PRO A 126 -6.58 -2.93 -14.99
CA PRO A 126 -5.54 -1.90 -15.02
C PRO A 126 -4.57 -1.95 -13.85
N TYR A 127 -3.32 -1.62 -14.18
CA TYR A 127 -2.18 -1.67 -13.25
C TYR A 127 -2.04 -0.38 -12.44
N TYR A 128 -2.37 0.75 -13.03
CA TYR A 128 -2.47 2.02 -12.30
C TYR A 128 -3.80 2.64 -12.58
N ALA A 129 -4.31 3.41 -11.63
CA ALA A 129 -5.47 4.26 -11.85
C ALA A 129 -5.19 5.66 -11.36
N VAL A 130 -5.73 6.66 -12.06
CA VAL A 130 -5.74 8.04 -11.56
C VAL A 130 -7.15 8.34 -11.04
N ASN A 131 -7.24 8.64 -9.75
CA ASN A 131 -8.49 9.07 -9.14
C ASN A 131 -8.75 10.52 -9.56
N ALA A 132 -9.33 10.68 -10.75
CA ALA A 132 -9.46 11.99 -11.40
C ALA A 132 -10.70 12.70 -10.90
N SER A 133 -10.53 13.88 -10.33
CA SER A 133 -11.65 14.72 -9.86
C SER A 133 -11.75 16.12 -10.49
N THR A 134 -10.80 16.48 -11.37
CA THR A 134 -10.83 17.75 -12.09
C THR A 134 -10.54 17.47 -13.56
N ARG A 135 -10.86 18.43 -14.42
CA ARG A 135 -10.46 18.36 -15.83
C ARG A 135 -8.93 18.30 -16.01
N GLU A 136 -8.19 18.89 -15.08
CA GLU A 136 -6.74 18.93 -15.18
C GLU A 136 -6.23 17.49 -14.98
N ASP A 137 -6.74 16.81 -13.96
CA ASP A 137 -6.45 15.39 -13.75
C ASP A 137 -6.63 14.57 -15.02
N ILE A 138 -7.74 14.82 -15.69
CA ILE A 138 -8.12 14.04 -16.87
C ILE A 138 -7.16 14.38 -18.01
N THR A 139 -6.92 15.67 -18.23
CA THR A 139 -6.00 16.11 -19.27
C THR A 139 -4.60 15.47 -19.05
N LEU A 140 -4.11 15.51 -17.80
CA LEU A 140 -2.79 14.98 -17.50
C LEU A 140 -2.70 13.44 -17.68
N THR A 141 -3.79 12.75 -17.38
CA THR A 141 -3.84 11.31 -17.51
C THR A 141 -3.84 10.93 -18.98
N LEU A 142 -4.73 11.55 -19.75
CA LEU A 142 -4.77 11.36 -21.19
C LEU A 142 -3.36 11.58 -21.76
N ASN A 143 -2.79 12.75 -21.49
CA ASN A 143 -1.48 13.11 -22.05
C ASN A 143 -0.36 12.13 -21.66
N PHE A 144 -0.31 11.75 -20.40
CA PHE A 144 0.70 10.79 -19.92
C PHE A 144 0.55 9.42 -20.64
N ALA A 145 -0.67 8.94 -20.84
CA ALA A 145 -0.92 7.65 -21.53
C ALA A 145 -0.37 7.68 -22.94
N LYS A 146 -0.70 8.75 -23.65
CA LYS A 146 -0.24 8.96 -25.03
C LYS A 146 1.27 9.16 -25.07
N GLN A 147 1.81 9.94 -24.15
CA GLN A 147 3.24 10.20 -24.12
C GLN A 147 4.06 8.93 -23.90
N HIS A 148 3.64 8.08 -22.96
CA HIS A 148 4.36 6.85 -22.67
C HIS A 148 3.81 5.61 -23.37
N ASN A 149 2.93 5.84 -24.36
CA ASN A 149 2.31 4.78 -25.15
C ASN A 149 1.72 3.67 -24.30
N ILE A 150 1.02 4.08 -23.25
CA ILE A 150 0.41 3.18 -22.30
C ILE A 150 -1.09 3.19 -22.59
N ARG A 151 -1.70 2.01 -22.54
CA ARG A 151 -3.12 1.83 -22.83
C ARG A 151 -3.98 2.58 -21.81
N LEU A 152 -4.87 3.45 -22.32
CA LEU A 152 -5.76 4.21 -21.44
C LEU A 152 -7.07 3.47 -21.32
N VAL A 153 -7.45 3.17 -20.08
CA VAL A 153 -8.70 2.52 -19.77
C VAL A 153 -9.60 3.51 -19.01
N THR A 154 -10.84 3.66 -19.47
CA THR A 154 -11.78 4.61 -18.88
C THR A 154 -12.81 3.85 -18.05
N SER A 155 -12.99 4.27 -16.80
CA SER A 155 -14.03 3.70 -15.94
C SER A 155 -14.75 4.80 -15.19
N SER A 156 -16.07 4.85 -15.33
CA SER A 156 -16.90 5.68 -14.42
C SER A 156 -17.26 4.92 -13.16
N THR A 157 -17.62 3.63 -13.29
CA THR A 157 -18.08 2.80 -12.17
C THR A 157 -17.59 1.33 -12.10
N GLY A 158 -17.03 0.79 -13.17
CA GLY A 158 -16.71 -0.63 -13.24
C GLY A 158 -17.89 -1.58 -13.31
N HIS A 159 -19.05 -1.07 -13.73
CA HIS A 159 -20.24 -1.90 -13.90
C HIS A 159 -20.18 -2.81 -15.10
N ASP A 160 -19.31 -2.55 -16.09
CA ASP A 160 -19.40 -3.25 -17.35
C ASP A 160 -19.39 -4.77 -17.22
N LEU A 161 -20.14 -5.40 -18.10
CA LEU A 161 -20.27 -6.86 -18.17
C LEU A 161 -19.31 -7.51 -19.17
N LEU A 162 -18.75 -6.70 -20.08
CA LEU A 162 -17.95 -7.15 -21.22
C LEU A 162 -16.44 -6.82 -21.19
N GLY A 163 -15.94 -6.36 -20.04
CA GLY A 163 -14.50 -5.97 -19.98
C GLY A 163 -14.14 -4.68 -20.71
N ARG A 164 -15.12 -3.83 -21.03
CA ARG A 164 -14.88 -2.59 -21.80
C ARG A 164 -14.30 -1.45 -20.96
N SER A 165 -14.34 -1.59 -19.64
CA SER A 165 -13.56 -0.76 -18.72
C SER A 165 -12.37 -1.51 -18.06
N ASP A 166 -11.82 -2.50 -18.76
CA ASP A 166 -10.62 -3.27 -18.32
C ASP A 166 -9.47 -3.04 -19.32
N GLY A 167 -8.28 -3.52 -18.99
CA GLY A 167 -7.23 -3.65 -20.00
C GLY A 167 -5.92 -4.02 -19.36
N TYR A 168 -5.38 -5.18 -19.73
CA TYR A 168 -4.06 -5.62 -19.27
C TYR A 168 -3.01 -4.53 -19.40
N GLY A 169 -2.29 -4.28 -18.32
CA GLY A 169 -1.17 -3.37 -18.32
C GLY A 169 -1.56 -1.90 -18.54
N GLY A 170 -2.79 -1.58 -18.19
CA GLY A 170 -3.40 -0.31 -18.53
C GLY A 170 -3.20 0.76 -17.49
N LEU A 171 -3.42 1.99 -17.91
CA LEU A 171 -3.54 3.14 -17.00
C LEU A 171 -5.01 3.50 -16.99
N GLU A 172 -5.67 3.35 -15.83
CA GLU A 172 -7.08 3.65 -15.74
C GLU A 172 -7.36 5.14 -15.46
N LEU A 173 -8.14 5.77 -16.32
CA LEU A 173 -8.78 7.03 -16.00
C LEU A 173 -10.04 6.72 -15.23
N TRP A 174 -9.97 6.83 -13.91
CA TRP A 174 -11.12 6.57 -13.02
C TRP A 174 -11.89 7.87 -12.75
N LEU A 175 -13.13 7.93 -13.23
CA LEU A 175 -13.93 9.15 -13.19
C LEU A 175 -14.91 9.24 -12.03
N HIS A 176 -14.84 8.29 -11.10
CA HIS A 176 -15.86 8.14 -10.05
C HIS A 176 -15.98 9.38 -9.14
N SER A 177 -14.89 10.12 -8.93
CA SER A 177 -14.94 11.39 -8.17
C SER A 177 -14.93 12.66 -9.04
N PHE A 178 -15.24 12.54 -10.33
CA PHE A 178 -15.29 13.68 -11.23
C PHE A 178 -16.72 14.14 -11.23
N ARG A 179 -17.05 15.04 -10.29
CA ARG A 179 -18.42 15.34 -9.96
C ARG A 179 -18.60 16.85 -9.74
N ASN A 180 -19.11 17.55 -10.76
CA ASN A 180 -19.20 19.03 -10.74
C ASN A 180 -20.64 19.55 -10.74
N GLY A 181 -21.54 18.74 -10.20
CA GLY A 181 -22.93 19.13 -9.94
C GLY A 181 -23.92 18.46 -10.86
N VAL A 182 -25.12 18.21 -10.31
CA VAL A 182 -26.26 17.79 -11.11
C VAL A 182 -27.31 18.87 -10.92
N ARG A 183 -27.66 19.56 -12.00
CA ARG A 183 -28.53 20.73 -11.89
C ARG A 183 -29.72 20.61 -12.81
N PHE A 184 -30.88 20.94 -12.28
CA PHE A 184 -32.13 20.91 -13.01
C PHE A 184 -32.28 22.19 -13.81
N GLN A 185 -32.77 22.06 -15.03
CA GLN A 185 -33.11 23.21 -15.88
C GLN A 185 -34.61 23.17 -16.18
N LYS A 186 -35.38 24.15 -15.74
CA LYS A 186 -36.83 24.15 -16.05
C LYS A 186 -37.06 24.09 -17.56
N LYS A 187 -36.19 24.78 -18.30
CA LYS A 187 -36.22 24.77 -19.76
C LYS A 187 -34.80 24.47 -20.21
N TYR A 188 -34.63 23.44 -21.03
CA TYR A 188 -33.30 23.10 -21.56
C TYR A 188 -32.58 24.31 -22.14
N THR A 189 -31.36 24.53 -21.66
CA THR A 189 -30.48 25.63 -22.08
C THR A 189 -29.16 25.01 -22.53
N SER A 190 -28.89 25.15 -23.82
CA SER A 190 -27.76 24.50 -24.48
C SER A 190 -26.52 25.37 -24.34
N ALA A 191 -25.37 24.70 -24.18
CA ALA A 191 -24.07 25.33 -24.15
C ALA A 191 -23.74 26.14 -25.40
N ASN A 192 -24.28 25.76 -26.56
CA ASN A 192 -24.07 26.54 -27.81
C ASN A 192 -25.37 27.10 -28.38
N LYS A 193 -26.40 27.17 -27.55
CA LYS A 193 -27.75 27.67 -27.90
C LYS A 193 -28.45 26.96 -29.06
N CYS A 194 -28.16 25.68 -29.18
CA CYS A 194 -28.75 24.88 -30.25
C CYS A 194 -30.24 24.69 -30.04
N THR A 195 -31.00 24.93 -31.13
CA THR A 195 -32.46 24.80 -31.14
C THR A 195 -32.95 23.59 -31.93
N LYS A 196 -32.02 22.92 -32.60
CA LYS A 196 -32.36 21.85 -33.53
C LYS A 196 -32.81 20.54 -32.86
N SER A 197 -32.62 20.39 -31.55
CA SER A 197 -33.28 19.29 -30.85
C SER A 197 -34.79 19.35 -30.90
N GLY A 198 -35.33 20.57 -30.99
CA GLY A 198 -36.77 20.80 -30.95
C GLY A 198 -37.33 20.65 -29.54
N TRP A 199 -36.45 20.57 -28.53
CA TRP A 199 -36.87 20.24 -27.17
C TRP A 199 -36.92 21.52 -26.37
N THR A 200 -38.13 21.89 -25.92
CA THR A 200 -38.29 23.08 -25.07
C THR A 200 -38.83 22.68 -23.68
N GLY A 201 -38.70 21.39 -23.36
CA GLY A 201 -39.05 20.90 -22.04
C GLY A 201 -37.89 21.06 -21.09
N SER A 202 -38.03 20.46 -19.90
CA SER A 202 -37.02 20.55 -18.86
C SER A 202 -35.83 19.64 -19.16
N ALA A 203 -34.74 19.88 -18.43
CA ALA A 203 -33.54 19.05 -18.53
C ALA A 203 -32.77 18.94 -17.23
N ILE A 204 -31.85 17.95 -17.19
CA ILE A 204 -30.85 17.89 -16.14
C ILE A 204 -29.46 17.96 -16.76
N HIS A 205 -28.64 18.89 -16.26
CA HIS A 205 -27.22 18.97 -16.59
C HIS A 205 -26.49 18.02 -15.67
N ILE A 206 -26.09 16.87 -16.21
CA ILE A 206 -25.31 15.93 -15.43
C ILE A 206 -23.85 16.30 -15.64
N ASP A 207 -23.30 17.12 -14.73
CA ASP A 207 -21.99 17.72 -14.87
C ASP A 207 -20.96 16.90 -14.12
N GLY A 208 -20.76 15.66 -14.58
CA GLY A 208 -19.81 14.75 -13.97
C GLY A 208 -20.20 13.29 -14.24
N ALA A 209 -19.30 12.38 -13.88
CA ALA A 209 -19.55 10.94 -14.00
C ALA A 209 -20.39 10.44 -12.83
N TYR A 210 -21.59 11.02 -12.70
CA TYR A 210 -22.52 10.66 -11.67
C TYR A 210 -23.13 9.28 -11.97
N GLN A 211 -23.70 8.69 -10.93
CA GLN A 211 -24.49 7.46 -11.04
C GLN A 211 -25.95 7.86 -11.13
N TRP A 212 -26.79 6.93 -11.55
CA TRP A 212 -28.24 7.20 -11.63
C TRP A 212 -28.85 7.63 -10.29
N ARG A 213 -28.35 7.05 -9.20
CA ARG A 213 -28.82 7.43 -7.88
C ARG A 213 -28.78 8.94 -7.70
N ASP A 214 -27.68 9.55 -8.11
CA ASP A 214 -27.44 11.00 -7.90
C ASP A 214 -28.39 11.83 -8.74
N VAL A 215 -28.61 11.38 -9.98
CA VAL A 215 -29.46 12.06 -10.94
C VAL A 215 -30.92 11.99 -10.48
N TYR A 216 -31.31 10.83 -9.98
CA TYR A 216 -32.66 10.60 -9.50
C TYR A 216 -33.07 11.49 -8.33
N THR A 217 -32.14 11.76 -7.41
CA THR A 217 -32.40 12.66 -6.28
C THR A 217 -32.82 14.07 -6.73
N VAL A 218 -32.15 14.59 -7.77
CA VAL A 218 -32.46 15.90 -8.32
C VAL A 218 -33.76 15.90 -9.12
N ALA A 219 -33.98 14.86 -9.92
CA ALA A 219 -35.24 14.74 -10.67
C ALA A 219 -36.45 14.69 -9.72
N GLN A 220 -36.29 13.93 -8.65
CA GLN A 220 -37.33 13.82 -7.61
C GLN A 220 -37.60 15.14 -6.92
N ALA A 221 -36.54 15.86 -6.57
CA ALA A 221 -36.69 17.18 -5.95
C ALA A 221 -37.42 18.16 -6.85
N ASN A 222 -37.36 17.95 -8.17
CA ASN A 222 -37.98 18.83 -9.14
C ASN A 222 -39.23 18.25 -9.78
N ASN A 223 -39.80 17.19 -9.19
CA ASN A 223 -41.03 16.58 -9.68
C ASN A 223 -40.97 16.22 -11.18
N VAL A 224 -39.85 15.67 -11.64
CA VAL A 224 -39.76 15.21 -13.03
C VAL A 224 -39.26 13.78 -13.08
N ILE A 225 -39.37 13.20 -14.26
CA ILE A 225 -38.96 11.83 -14.52
C ILE A 225 -37.66 11.83 -15.31
N ALA A 226 -36.62 11.29 -14.70
CA ALA A 226 -35.36 11.03 -15.34
C ALA A 226 -35.40 9.57 -15.74
N VAL A 227 -35.12 9.32 -17.01
CA VAL A 227 -35.19 8.00 -17.61
C VAL A 227 -33.81 7.33 -17.47
N GLY A 228 -33.63 6.66 -16.32
CA GLY A 228 -32.39 5.98 -15.98
C GLY A 228 -32.63 4.47 -15.96
N GLY A 229 -31.66 3.75 -15.42
CA GLY A 229 -31.75 2.30 -15.31
C GLY A 229 -32.61 1.84 -14.16
N GLY A 230 -32.93 0.56 -14.21
CA GLY A 230 -33.68 -0.10 -13.16
C GLY A 230 -32.87 -0.24 -11.89
N SER A 231 -31.54 -0.19 -12.02
CA SER A 231 -30.64 -0.15 -10.89
C SER A 231 -29.99 1.24 -10.83
N PRO A 232 -29.89 1.85 -9.63
CA PRO A 232 -29.34 3.21 -9.60
C PRO A 232 -27.83 3.36 -9.49
N SER A 233 -27.12 2.24 -9.35
CA SER A 233 -25.65 2.27 -9.18
C SER A 233 -24.84 2.54 -10.46
N PRO A 234 -25.30 2.07 -11.65
CA PRO A 234 -24.54 2.33 -12.86
C PRO A 234 -24.39 3.80 -13.20
N GLY A 235 -23.37 4.12 -13.96
CA GLY A 235 -23.08 5.50 -14.40
C GLY A 235 -24.16 6.06 -15.29
N ALA A 236 -24.40 7.36 -15.17
CA ALA A 236 -25.41 8.04 -15.96
C ALA A 236 -24.92 8.43 -17.35
N ILE A 237 -23.62 8.67 -17.53
CA ILE A 237 -23.14 9.25 -18.79
C ILE A 237 -22.09 8.44 -19.56
N GLY A 238 -21.89 7.16 -19.22
CA GLY A 238 -20.82 6.36 -19.82
C GLY A 238 -21.40 5.29 -20.73
N GLY A 239 -21.19 4.05 -20.36
CA GLY A 239 -21.69 2.93 -21.13
C GLY A 239 -23.22 2.82 -21.18
N TRP A 240 -23.89 3.27 -20.12
CA TRP A 240 -25.34 3.07 -20.04
C TRP A 240 -26.06 3.74 -21.23
N PRO A 241 -25.95 5.09 -21.40
CA PRO A 241 -26.63 5.73 -22.51
C PRO A 241 -26.00 5.42 -23.88
N SER A 242 -24.69 5.27 -23.92
CA SER A 242 -23.98 5.09 -25.21
C SER A 242 -24.32 3.76 -25.91
N GLY A 243 -24.69 2.77 -25.10
CA GLY A 243 -25.12 1.49 -25.62
C GLY A 243 -26.61 1.33 -25.84
N GLY A 244 -27.39 2.31 -25.40
CA GLY A 244 -28.85 2.15 -25.36
C GLY A 244 -29.42 2.65 -24.06
N GLY A 245 -29.35 1.83 -23.02
CA GLY A 245 -29.88 2.18 -21.70
C GLY A 245 -31.38 1.98 -21.57
N HIS A 246 -31.78 0.88 -20.92
CA HIS A 246 -33.18 0.59 -20.62
C HIS A 246 -33.44 0.78 -19.15
N GLY A 247 -34.72 0.96 -18.83
CA GLY A 247 -35.17 1.15 -17.46
C GLY A 247 -36.68 1.19 -17.45
N PRO A 248 -37.30 1.34 -16.29
CA PRO A 248 -38.76 1.34 -16.23
C PRO A 248 -39.49 2.32 -17.18
N ALA A 249 -38.89 3.51 -17.39
CA ALA A 249 -39.53 4.61 -18.09
C ALA A 249 -39.23 4.74 -19.61
N THR A 250 -38.47 3.80 -20.18
CA THR A 250 -37.99 3.97 -21.57
C THR A 250 -39.08 3.73 -22.63
N HIS A 251 -39.94 2.73 -22.44
CA HIS A 251 -41.08 2.59 -23.34
C HIS A 251 -41.86 3.91 -23.47
N ASN A 252 -42.13 4.53 -22.34
CA ASN A 252 -42.96 5.74 -22.33
C ASN A 252 -42.25 6.97 -22.83
N PHE A 253 -40.94 7.11 -22.54
CA PHE A 253 -40.23 8.37 -22.83
C PHE A 253 -39.00 8.27 -23.73
N GLY A 254 -38.66 7.05 -24.18
CA GLY A 254 -37.50 6.83 -25.04
C GLY A 254 -36.35 6.16 -24.34
N LEU A 255 -35.50 5.51 -25.11
CA LEU A 255 -34.29 4.91 -24.56
C LEU A 255 -33.33 5.99 -24.09
N GLY A 256 -32.39 5.57 -23.23
CA GLY A 256 -31.43 6.47 -22.61
C GLY A 256 -30.61 7.27 -23.62
N ALA A 257 -30.17 6.59 -24.64
CA ALA A 257 -29.42 7.25 -25.73
C ALA A 257 -30.17 8.40 -26.32
N ASP A 258 -31.49 8.27 -26.43
CA ASP A 258 -32.32 9.34 -26.99
C ASP A 258 -32.73 10.43 -26.02
N GLN A 259 -32.40 10.27 -24.74
CA GLN A 259 -32.53 11.35 -23.76
C GLN A 259 -31.43 12.38 -23.88
N VAL A 260 -30.31 12.01 -24.47
CA VAL A 260 -29.12 12.86 -24.50
C VAL A 260 -29.34 14.01 -25.48
N LEU A 261 -29.31 15.23 -24.96
CA LEU A 261 -29.50 16.45 -25.75
C LEU A 261 -28.19 17.03 -26.26
N GLU A 262 -27.16 16.92 -25.44
CA GLU A 262 -25.80 17.32 -25.78
C GLU A 262 -24.82 16.76 -24.79
N ALA A 263 -23.53 16.90 -25.12
CA ALA A 263 -22.44 16.45 -24.25
C ALA A 263 -21.23 17.38 -24.39
N GLN A 264 -20.41 17.44 -23.35
CA GLN A 264 -19.07 17.95 -23.44
C GLN A 264 -18.17 16.73 -23.42
N ILE A 265 -17.22 16.70 -24.35
CA ILE A 265 -16.37 15.56 -24.59
C ILE A 265 -14.95 16.02 -24.84
N MET A 266 -13.99 15.41 -24.14
CA MET A 266 -12.57 15.61 -24.38
C MET A 266 -12.10 14.56 -25.38
N LEU A 267 -11.62 15.05 -26.52
CA LEU A 267 -11.18 14.16 -27.60
C LEU A 267 -9.80 13.62 -27.27
N ALA A 268 -9.37 12.59 -28.01
CA ALA A 268 -8.02 12.02 -27.85
C ALA A 268 -6.90 13.08 -27.98
N ASP A 269 -7.14 14.09 -28.82
CA ASP A 269 -6.19 15.20 -28.99
C ASP A 269 -6.24 16.23 -27.87
N GLY A 270 -7.09 16.03 -26.87
CA GLY A 270 -7.11 16.88 -25.69
C GLY A 270 -8.10 18.02 -25.75
N ARG A 271 -8.64 18.33 -26.95
CA ARG A 271 -9.68 19.36 -27.08
C ARG A 271 -10.98 18.96 -26.42
N ILE A 272 -11.58 19.92 -25.74
CA ILE A 272 -12.90 19.76 -25.15
C ILE A 272 -13.89 20.37 -26.12
N VAL A 273 -14.84 19.56 -26.64
CA VAL A 273 -15.81 20.00 -27.64
C VAL A 273 -17.24 19.76 -27.18
N THR A 274 -18.16 20.57 -27.73
CA THR A 274 -19.59 20.32 -27.60
C THR A 274 -20.03 19.36 -28.70
N ALA A 275 -20.84 18.39 -28.31
CA ALA A 275 -21.46 17.48 -29.28
C ALA A 275 -22.98 17.56 -29.09
N ASN A 276 -23.65 18.08 -30.12
CA ASN A 276 -25.11 18.12 -30.14
C ASN A 276 -25.62 18.23 -31.59
N HIS A 277 -26.89 18.60 -31.74
CA HIS A 277 -27.53 18.64 -33.05
C HIS A 277 -26.88 19.68 -33.97
N CYS A 278 -26.28 20.72 -33.38
CA CYS A 278 -25.67 21.82 -34.10
C CYS A 278 -24.17 21.73 -34.26
N GLU A 279 -23.52 20.86 -33.49
CA GLU A 279 -22.06 20.88 -33.43
C GLU A 279 -21.50 19.47 -33.25
N ASN A 280 -20.53 19.13 -34.08
CA ASN A 280 -19.97 17.78 -34.14
C ASN A 280 -21.09 16.73 -34.10
N SER A 281 -22.10 16.91 -34.96
CA SER A 281 -23.30 16.08 -34.93
C SER A 281 -23.01 14.59 -35.25
N ASP A 282 -21.93 14.31 -35.99
CA ASP A 282 -21.50 12.92 -36.22
C ASP A 282 -20.98 12.27 -34.95
N LEU A 283 -20.25 13.04 -34.13
CA LEU A 283 -19.83 12.55 -32.82
C LEU A 283 -21.03 12.34 -31.88
N PHE A 284 -22.01 13.25 -31.94
CA PHE A 284 -23.19 13.23 -31.10
C PHE A 284 -24.04 11.98 -31.37
N ARG A 285 -24.17 11.66 -32.67
CA ARG A 285 -24.86 10.47 -33.11
C ARG A 285 -24.13 9.21 -32.65
N ALA A 286 -22.82 9.17 -32.83
CA ALA A 286 -22.01 8.01 -32.40
C ALA A 286 -22.16 7.65 -30.92
N ILE A 287 -22.11 8.65 -30.05
CA ILE A 287 -22.25 8.38 -28.60
C ILE A 287 -23.67 8.02 -28.17
N ARG A 288 -24.66 8.29 -29.03
CA ARG A 288 -26.05 7.94 -28.77
C ARG A 288 -26.44 6.65 -29.48
N GLY A 289 -25.79 5.54 -29.10
CA GLY A 289 -26.07 4.21 -29.65
C GLY A 289 -24.88 3.45 -30.23
N GLY A 290 -23.77 4.12 -30.45
CA GLY A 290 -22.58 3.50 -31.03
C GLY A 290 -21.54 3.05 -30.05
N GLY A 291 -21.90 2.97 -28.77
CA GLY A 291 -21.02 2.48 -27.75
C GLY A 291 -20.03 3.49 -27.24
N PRO A 292 -19.05 3.02 -26.44
CA PRO A 292 -17.98 3.85 -25.93
C PRO A 292 -16.83 3.97 -26.89
N GLY A 293 -15.95 4.93 -26.60
CA GLY A 293 -14.62 5.01 -27.23
C GLY A 293 -14.43 6.08 -28.26
N TYR A 294 -15.30 7.08 -28.28
CA TYR A 294 -15.21 8.20 -29.23
C TYR A 294 -14.49 9.40 -28.62
N GLY A 295 -14.50 9.46 -27.29
CA GLY A 295 -13.95 10.60 -26.53
C GLY A 295 -14.32 10.36 -25.09
N ILE A 296 -13.76 11.16 -24.19
CA ILE A 296 -14.08 11.06 -22.76
C ILE A 296 -15.26 11.97 -22.46
N VAL A 297 -16.40 11.37 -22.08
CA VAL A 297 -17.61 12.12 -21.82
C VAL A 297 -17.52 12.79 -20.44
N LEU A 298 -17.46 14.12 -20.45
CA LEU A 298 -17.34 14.92 -19.24
C LEU A 298 -18.68 15.26 -18.64
N SER A 299 -19.66 15.51 -19.50
CA SER A 299 -20.98 15.90 -19.04
C SER A 299 -22.00 15.58 -20.12
N GLN A 300 -23.25 15.40 -19.71
CA GLN A 300 -24.35 15.38 -20.68
C GLN A 300 -25.51 16.20 -20.11
N HIS A 301 -26.34 16.68 -21.02
CA HIS A 301 -27.65 17.18 -20.68
C HIS A 301 -28.66 16.12 -21.13
N ILE A 302 -29.62 15.76 -20.26
CA ILE A 302 -30.70 14.85 -20.60
C ILE A 302 -32.07 15.52 -20.54
N LYS A 303 -32.97 15.12 -21.45
CA LYS A 303 -34.39 15.44 -21.31
C LYS A 303 -34.90 14.84 -20.02
N VAL A 304 -35.72 15.61 -19.32
CA VAL A 304 -36.53 15.06 -18.22
C VAL A 304 -37.99 15.40 -18.50
N HIS A 305 -38.88 14.61 -17.91
CA HIS A 305 -40.27 14.56 -18.35
C HIS A 305 -41.23 14.85 -17.22
N PRO A 306 -42.39 15.46 -17.52
CA PRO A 306 -43.39 15.72 -16.47
C PRO A 306 -43.71 14.46 -15.65
N ASN A 307 -43.87 14.62 -14.34
CA ASN A 307 -44.33 13.51 -13.50
C ASN A 307 -45.75 13.10 -13.93
N VAL A 308 -46.12 11.85 -13.61
CA VAL A 308 -47.45 11.34 -13.92
C VAL A 308 -48.28 11.35 -12.66
N LYS A 309 -49.60 11.25 -12.82
CA LYS A 309 -50.50 11.16 -11.66
C LYS A 309 -50.77 9.74 -11.20
N ALA A 310 -50.45 8.76 -12.04
CA ALA A 310 -50.67 7.38 -11.64
C ALA A 310 -49.71 6.48 -12.37
N VAL A 311 -49.33 5.41 -11.68
CA VAL A 311 -48.65 4.25 -12.29
C VAL A 311 -49.25 3.05 -11.60
N THR A 312 -49.57 2.03 -12.38
CA THR A 312 -50.00 0.76 -11.78
C THR A 312 -49.04 -0.32 -12.20
N ALA A 313 -48.62 -1.12 -11.23
CA ALA A 313 -47.75 -2.26 -11.46
C ALA A 313 -48.56 -3.55 -11.45
N HIS A 314 -48.16 -4.50 -12.28
CA HIS A 314 -48.78 -5.80 -12.38
C HIS A 314 -47.77 -6.87 -11.99
N ARG A 315 -48.05 -7.60 -10.93
CA ARG A 315 -47.18 -8.69 -10.52
C ARG A 315 -47.80 -10.02 -10.95
N LEU A 316 -47.09 -10.76 -11.79
CA LEU A 316 -47.61 -12.04 -12.30
C LEU A 316 -46.65 -13.14 -11.92
N ALA A 317 -47.18 -14.28 -11.50
CA ALA A 317 -46.36 -15.43 -11.21
C ALA A 317 -47.06 -16.69 -11.67
N ILE A 318 -46.27 -17.57 -12.27
CA ILE A 318 -46.75 -18.79 -12.91
C ILE A 318 -45.86 -19.93 -12.46
N ALA A 319 -46.47 -21.00 -11.99
CA ALA A 319 -45.74 -22.19 -11.62
C ALA A 319 -46.47 -23.44 -12.04
N PRO A 320 -45.73 -24.55 -12.29
CA PRO A 320 -46.34 -25.82 -12.61
C PRO A 320 -47.15 -26.37 -11.46
N ARG A 321 -48.29 -26.94 -11.76
CA ARG A 321 -48.96 -27.81 -10.80
C ARG A 321 -48.20 -29.09 -10.70
N ASN A 322 -47.63 -29.55 -11.81
CA ASN A 322 -46.97 -30.86 -11.95
C ASN A 322 -45.54 -30.61 -12.43
N GLU A 323 -44.62 -30.52 -11.48
CA GLU A 323 -43.28 -30.13 -11.79
C GLU A 323 -42.53 -31.38 -12.33
N THR A 324 -41.85 -31.22 -13.47
CA THR A 324 -41.05 -32.24 -14.10
C THR A 324 -39.82 -31.53 -14.69
N ALA A 325 -38.81 -32.34 -15.05
CA ALA A 325 -37.59 -31.83 -15.69
C ALA A 325 -37.89 -31.18 -17.04
N GLU A 326 -38.81 -31.77 -17.81
CA GLU A 326 -39.23 -31.19 -19.09
C GLU A 326 -40.04 -29.87 -18.91
N ASN A 327 -40.90 -29.81 -17.88
CA ASN A 327 -41.78 -28.66 -17.62
C ASN A 327 -42.51 -28.18 -18.87
N LYS A 328 -43.08 -29.14 -19.59
CA LYS A 328 -43.72 -28.87 -20.86
C LYS A 328 -44.81 -27.77 -20.74
N ASP A 329 -45.71 -27.89 -19.76
CA ASP A 329 -46.83 -26.94 -19.63
C ASP A 329 -46.40 -25.51 -19.27
N LEU A 330 -45.44 -25.40 -18.35
CA LEU A 330 -44.84 -24.11 -17.99
C LEU A 330 -44.27 -23.40 -19.19
N LEU A 331 -43.51 -24.14 -19.97
CA LEU A 331 -42.84 -23.56 -21.14
C LEU A 331 -43.83 -23.27 -22.25
N ASP A 332 -44.90 -24.06 -22.38
CA ASP A 332 -45.98 -23.74 -23.34
C ASP A 332 -46.53 -22.34 -23.02
N ALA A 333 -46.82 -22.09 -21.74
CA ALA A 333 -47.41 -20.85 -21.30
C ALA A 333 -46.45 -19.68 -21.45
N ILE A 334 -45.15 -19.91 -21.24
CA ILE A 334 -44.12 -18.89 -21.43
C ILE A 334 -44.00 -18.51 -22.90
N ALA A 335 -44.08 -19.52 -23.77
CA ALA A 335 -44.14 -19.28 -25.19
C ALA A 335 -45.35 -18.40 -25.55
N VAL A 336 -46.54 -18.76 -25.06
CA VAL A 336 -47.77 -17.99 -25.28
C VAL A 336 -47.60 -16.56 -24.80
N LEU A 337 -47.05 -16.40 -23.59
CA LEU A 337 -46.84 -15.11 -22.97
C LEU A 337 -45.94 -14.24 -23.84
N HIS A 338 -44.85 -14.82 -24.35
CA HIS A 338 -43.98 -14.10 -25.27
C HIS A 338 -44.77 -13.57 -26.48
N GLN A 339 -45.67 -14.38 -27.02
CA GLN A 339 -46.53 -13.93 -28.14
C GLN A 339 -47.46 -12.77 -27.82
N GLN A 340 -47.79 -12.56 -26.53
CA GLN A 340 -48.67 -11.50 -26.12
C GLN A 340 -47.95 -10.16 -25.86
N LEU A 341 -46.61 -10.18 -25.85
CA LEU A 341 -45.87 -9.00 -25.42
C LEU A 341 -46.07 -7.79 -26.30
N PRO A 342 -46.12 -7.99 -27.64
CA PRO A 342 -46.28 -6.80 -28.47
C PRO A 342 -47.60 -6.07 -28.23
N ALA A 343 -48.68 -6.82 -28.08
CA ALA A 343 -49.97 -6.23 -27.73
C ALA A 343 -49.89 -5.44 -26.43
N LEU A 344 -49.27 -6.07 -25.44
CA LEU A 344 -49.03 -5.41 -24.17
C LEU A 344 -48.21 -4.11 -24.34
N SER A 345 -47.14 -4.20 -25.11
CA SER A 345 -46.35 -3.04 -25.40
C SER A 345 -47.16 -1.93 -26.07
N ASN A 346 -47.96 -2.29 -27.08
CA ASN A 346 -48.88 -1.35 -27.71
C ASN A 346 -49.88 -0.68 -26.76
N ASN A 347 -50.25 -1.39 -25.70
CA ASN A 347 -51.13 -0.88 -24.66
C ASN A 347 -50.41 -0.07 -23.58
N GLY A 348 -49.13 0.30 -23.76
CA GLY A 348 -48.40 1.07 -22.74
C GLY A 348 -47.81 0.31 -21.57
N VAL A 349 -47.62 -1.01 -21.74
CA VAL A 349 -47.06 -1.86 -20.72
C VAL A 349 -45.53 -2.01 -20.94
N ALA A 350 -44.80 -1.96 -19.83
CA ALA A 350 -43.36 -2.15 -19.82
C ALA A 350 -42.94 -2.86 -18.54
N GLY A 351 -41.70 -3.34 -18.54
CA GLY A 351 -41.10 -3.91 -17.32
C GLY A 351 -40.28 -5.16 -17.58
N TYR A 352 -40.13 -5.97 -16.54
CA TYR A 352 -39.20 -7.07 -16.61
C TYR A 352 -39.79 -8.36 -16.11
N GLY A 353 -39.51 -9.43 -16.85
CA GLY A 353 -39.94 -10.78 -16.52
C GLY A 353 -38.77 -11.73 -16.45
N PHE A 354 -38.92 -12.74 -15.60
CA PHE A 354 -37.83 -13.63 -15.20
C PHE A 354 -38.39 -15.04 -15.14
N TRP A 355 -37.64 -16.02 -15.64
CA TRP A 355 -38.16 -17.38 -15.63
C TRP A 355 -37.05 -18.42 -15.68
N PHE A 356 -37.41 -19.60 -15.23
CA PHE A 356 -36.48 -20.71 -15.04
C PHE A 356 -37.22 -21.98 -15.36
N ARG A 357 -36.62 -22.80 -16.20
CA ARG A 357 -37.08 -24.18 -16.38
C ARG A 357 -36.84 -25.02 -15.14
N SER A 358 -35.71 -24.79 -14.52
CA SER A 358 -35.39 -25.42 -13.24
C SER A 358 -34.52 -24.46 -12.46
N PHE A 359 -34.67 -24.48 -11.15
CA PHE A 359 -33.99 -23.53 -10.24
C PHE A 359 -33.53 -24.30 -9.02
N PRO A 360 -32.41 -23.90 -8.40
CA PRO A 360 -31.97 -24.74 -7.26
C PRO A 360 -32.73 -24.47 -5.96
N GLY A 361 -34.05 -24.54 -5.99
CA GLY A 361 -34.85 -24.22 -4.84
C GLY A 361 -36.15 -23.60 -5.27
N PRO A 362 -37.01 -23.28 -4.31
CA PRO A 362 -38.30 -22.71 -4.66
C PRO A 362 -38.14 -21.39 -5.40
N PHE A 363 -38.81 -21.28 -6.54
CA PHE A 363 -38.82 -20.05 -7.29
C PHE A 363 -40.21 -19.39 -7.21
N VAL A 364 -41.26 -20.09 -7.63
CA VAL A 364 -42.63 -19.54 -7.52
C VAL A 364 -43.36 -20.42 -6.55
N GLY A 365 -43.70 -19.79 -5.43
CA GLY A 365 -44.35 -20.44 -4.31
C GLY A 365 -43.51 -21.63 -3.93
N ASP A 366 -44.13 -22.79 -4.06
CA ASP A 366 -43.55 -24.07 -3.67
C ASP A 366 -42.75 -24.78 -4.75
N ALA A 367 -42.86 -24.31 -5.99
CA ALA A 367 -42.27 -24.96 -7.16
C ALA A 367 -40.85 -24.48 -7.38
N HIS A 368 -39.96 -25.41 -7.74
CA HIS A 368 -38.56 -25.07 -8.05
C HIS A 368 -38.40 -24.69 -9.53
N SER A 369 -39.34 -23.88 -10.03
CA SER A 369 -39.34 -23.39 -11.41
C SER A 369 -40.49 -22.39 -11.57
N GLY A 370 -40.53 -21.73 -12.71
CA GLY A 370 -41.64 -20.84 -13.02
C GLY A 370 -41.23 -19.57 -13.72
N TYR A 371 -42.21 -18.66 -13.79
CA TYR A 371 -42.07 -17.39 -14.45
C TYR A 371 -42.63 -16.36 -13.50
N THR A 372 -41.96 -15.21 -13.42
CA THR A 372 -42.47 -14.11 -12.63
C THR A 372 -42.19 -12.81 -13.36
N HIS A 373 -43.01 -11.80 -13.16
CA HIS A 373 -42.71 -10.47 -13.68
C HIS A 373 -43.24 -9.32 -12.86
N GLY A 374 -42.60 -8.16 -13.05
CA GLY A 374 -43.05 -6.85 -12.60
C GLY A 374 -43.20 -5.99 -13.85
N PHE A 375 -44.45 -5.84 -14.30
CA PHE A 375 -44.80 -4.98 -15.42
C PHE A 375 -45.58 -3.80 -14.88
N TRP A 376 -45.78 -2.80 -15.74
CA TRP A 376 -46.48 -1.58 -15.33
C TRP A 376 -46.97 -0.76 -16.49
N THR A 377 -48.01 0.01 -16.20
CA THR A 377 -48.53 1.01 -17.10
C THR A 377 -48.36 2.38 -16.46
N ILE A 378 -47.30 3.08 -16.86
CA ILE A 378 -47.08 4.45 -16.41
C ILE A 378 -48.16 5.36 -16.95
N GLY A 379 -48.80 6.13 -16.08
CA GLY A 379 -49.85 7.06 -16.49
C GLY A 379 -51.26 6.53 -16.45
N LYS A 380 -51.46 5.27 -15.99
CA LYS A 380 -52.78 4.62 -16.00
C LYS A 380 -53.14 4.07 -14.62
N ARG A 381 -54.39 4.26 -14.22
CA ARG A 381 -54.91 3.73 -12.95
C ARG A 381 -55.22 2.24 -13.16
N GLN A 382 -55.59 1.55 -12.10
CA GLN A 382 -55.69 0.09 -12.14
C GLN A 382 -56.65 -0.46 -13.19
N ALA A 383 -57.81 0.18 -13.33
CA ALA A 383 -58.83 -0.31 -14.28
C ALA A 383 -58.26 -0.35 -15.69
N GLU A 384 -57.51 0.69 -16.06
CA GLU A 384 -56.89 0.75 -17.37
C GLU A 384 -55.70 -0.17 -17.45
N ALA A 385 -55.01 -0.37 -16.35
CA ALA A 385 -53.90 -1.32 -16.27
C ALA A 385 -54.39 -2.76 -16.51
N GLU A 386 -55.54 -3.11 -15.94
CA GLU A 386 -56.12 -4.44 -16.15
C GLU A 386 -56.49 -4.68 -17.61
N LYS A 387 -57.06 -3.67 -18.26
CA LYS A 387 -57.37 -3.78 -19.70
C LYS A 387 -56.09 -3.95 -20.49
N ALA A 388 -55.05 -3.24 -20.09
CA ALA A 388 -53.77 -3.25 -20.80
C ALA A 388 -53.12 -4.63 -20.83
N VAL A 389 -53.24 -5.39 -19.74
CA VAL A 389 -52.65 -6.73 -19.64
C VAL A 389 -53.65 -7.85 -19.95
N ALA A 390 -54.88 -7.48 -20.30
CA ALA A 390 -55.92 -8.43 -20.57
C ALA A 390 -55.54 -9.39 -21.67
N PRO A 391 -54.93 -8.92 -22.80
CA PRO A 391 -54.58 -9.89 -23.83
C PRO A 391 -53.74 -11.06 -23.29
N LEU A 392 -52.83 -10.76 -22.37
CA LEU A 392 -52.05 -11.80 -21.68
C LEU A 392 -52.85 -12.66 -20.70
N MET A 393 -53.62 -12.06 -19.81
CA MET A 393 -54.40 -12.87 -18.82
C MET A 393 -55.46 -13.74 -19.47
N ASN A 394 -56.06 -13.20 -20.53
CA ASN A 394 -57.00 -13.97 -21.33
C ASN A 394 -56.32 -15.18 -21.97
N ALA A 395 -55.11 -14.99 -22.50
CA ALA A 395 -54.40 -16.10 -23.14
C ALA A 395 -53.99 -17.13 -22.13
N LEU A 396 -53.70 -16.69 -20.91
CA LEU A 396 -53.37 -17.60 -19.80
C LEU A 396 -54.50 -18.36 -19.15
N LYS A 397 -55.76 -17.98 -19.37
CA LYS A 397 -56.91 -18.76 -18.90
C LYS A 397 -56.87 -20.21 -19.36
N LYS A 398 -56.29 -20.51 -20.50
CA LYS A 398 -56.20 -21.90 -21.02
C LYS A 398 -55.31 -22.81 -20.19
N PHE A 399 -54.49 -22.20 -19.33
CA PHE A 399 -53.52 -22.92 -18.49
C PHE A 399 -53.95 -22.99 -17.03
N GLU A 400 -55.18 -22.68 -16.68
CA GLU A 400 -55.59 -22.64 -15.25
C GLU A 400 -55.63 -24.03 -14.64
N ASP A 401 -56.00 -25.03 -15.43
CA ASP A 401 -55.96 -26.42 -15.00
C ASP A 401 -54.56 -27.00 -14.88
N LYS A 402 -53.59 -26.43 -15.58
CA LYS A 402 -52.24 -26.96 -15.72
C LYS A 402 -51.18 -26.25 -14.87
N LEU A 403 -51.43 -24.97 -14.56
CA LEU A 403 -50.49 -24.12 -13.83
C LEU A 403 -51.18 -23.35 -12.71
N VAL A 404 -50.42 -23.04 -11.66
CA VAL A 404 -50.87 -22.09 -10.63
C VAL A 404 -50.43 -20.69 -11.03
N ILE A 405 -51.39 -19.78 -11.17
CA ILE A 405 -51.15 -18.44 -11.70
C ILE A 405 -51.70 -17.40 -10.73
N THR A 406 -50.89 -16.41 -10.38
CA THR A 406 -51.29 -15.36 -9.47
C THR A 406 -51.01 -14.04 -10.14
N SER A 407 -51.87 -13.08 -9.85
CA SER A 407 -51.90 -11.85 -10.59
C SER A 407 -52.41 -10.77 -9.68
N THR A 408 -51.58 -9.77 -9.40
CA THR A 408 -52.00 -8.67 -8.54
C THR A 408 -51.57 -7.34 -9.11
N PHE A 409 -52.24 -6.28 -8.66
CA PHE A 409 -51.97 -4.93 -9.11
C PHE A 409 -51.72 -4.04 -7.92
N ALA A 410 -50.79 -3.10 -8.07
CA ALA A 410 -50.51 -2.09 -7.06
C ALA A 410 -50.52 -0.72 -7.73
N GLU A 411 -51.28 0.21 -7.18
CA GLU A 411 -51.39 1.57 -7.75
C GLU A 411 -50.49 2.52 -6.96
N TYR A 412 -49.79 3.42 -7.67
CA TYR A 412 -48.99 4.48 -7.05
C TYR A 412 -49.46 5.82 -7.58
N GLN A 413 -49.23 6.88 -6.81
CA GLN A 413 -49.71 8.25 -7.17
C GLN A 413 -48.65 9.16 -7.84
N ASP A 414 -47.46 8.63 -8.13
CA ASP A 414 -46.46 9.31 -8.97
C ASP A 414 -45.41 8.34 -9.43
N TYR A 415 -44.50 8.80 -10.29
CA TYR A 415 -43.46 7.93 -10.79
C TYR A 415 -42.51 7.42 -9.68
N TRP A 416 -42.10 8.31 -8.79
CA TRP A 416 -41.03 7.99 -7.86
C TRP A 416 -41.41 7.04 -6.76
N SER A 417 -42.61 7.15 -6.21
CA SER A 417 -43.08 6.17 -5.22
C SER A 417 -43.17 4.78 -5.90
N PHE A 418 -43.62 4.78 -7.16
CA PHE A 418 -43.64 3.58 -7.99
C PHE A 418 -42.23 3.03 -8.19
N TYR A 419 -41.32 3.92 -8.57
CA TYR A 419 -39.98 3.51 -8.97
C TYR A 419 -39.32 2.77 -7.83
N TRP A 420 -39.34 3.38 -6.67
CA TRP A 420 -38.63 2.85 -5.52
C TRP A 420 -39.29 1.60 -4.95
N ALA A 421 -40.60 1.47 -5.13
CA ALA A 421 -41.33 0.30 -4.67
C ALA A 421 -41.10 -0.90 -5.59
N GLU A 422 -41.12 -0.68 -6.90
CA GLU A 422 -41.12 -1.75 -7.90
C GLU A 422 -39.79 -1.96 -8.60
N SER A 423 -38.88 -0.99 -8.47
CA SER A 423 -37.59 -1.01 -9.19
C SER A 423 -36.53 -0.45 -8.24
N GLY A 424 -35.51 0.24 -8.75
CA GLY A 424 -34.46 0.80 -7.89
C GLY A 424 -33.70 -0.35 -7.22
N LEU A 425 -33.26 -1.30 -8.04
CA LEU A 425 -32.69 -2.54 -7.55
C LEU A 425 -31.22 -2.39 -7.14
N HIS A 426 -30.85 -3.15 -6.12
CA HIS A 426 -29.49 -3.23 -5.62
C HIS A 426 -29.26 -4.74 -5.37
N ASP A 427 -29.39 -5.54 -6.42
CA ASP A 427 -29.28 -6.99 -6.31
C ASP A 427 -27.82 -7.43 -6.11
N PRO A 428 -27.63 -8.67 -5.65
CA PRO A 428 -26.25 -9.17 -5.52
C PRO A 428 -25.56 -9.27 -6.86
N VAL A 429 -24.26 -9.02 -6.88
CA VAL A 429 -23.42 -8.99 -8.10
C VAL A 429 -22.15 -9.83 -7.81
N GLY A 430 -21.07 -9.60 -8.54
CA GLY A 430 -19.79 -10.25 -8.27
C GLY A 430 -19.48 -11.55 -9.03
N SER A 431 -20.36 -11.93 -9.95
CA SER A 431 -20.07 -13.03 -10.86
C SER A 431 -19.81 -12.55 -12.29
N THR A 432 -19.08 -13.37 -13.03
CA THR A 432 -18.88 -13.16 -14.47
C THR A 432 -20.21 -13.29 -15.21
N SER A 433 -20.42 -12.40 -16.17
CA SER A 433 -21.61 -12.41 -17.02
C SER A 433 -21.29 -13.14 -18.31
N ILE A 434 -22.09 -14.14 -18.61
CA ILE A 434 -22.03 -14.86 -19.89
C ILE A 434 -23.48 -14.97 -20.37
N ILE A 435 -23.88 -13.96 -21.13
CA ILE A 435 -25.25 -13.84 -21.62
C ILE A 435 -25.24 -13.54 -23.11
N THR A 436 -26.42 -13.73 -23.70
CA THR A 436 -26.69 -13.30 -25.09
C THR A 436 -28.01 -12.52 -25.08
N SER A 437 -28.14 -11.53 -25.94
CA SER A 437 -29.39 -10.76 -26.01
C SER A 437 -29.83 -10.67 -27.46
N ARG A 438 -31.16 -10.66 -27.60
CA ARG A 438 -31.79 -10.59 -28.90
C ARG A 438 -33.03 -9.74 -28.83
N LEU A 439 -33.04 -8.68 -29.62
CA LEU A 439 -34.21 -7.86 -29.80
C LEU A 439 -35.21 -8.68 -30.62
N ILE A 440 -36.47 -8.68 -30.22
CA ILE A 440 -37.52 -9.49 -30.86
C ILE A 440 -38.59 -8.61 -31.51
N ASN A 441 -38.74 -8.73 -32.83
CA ASN A 441 -39.79 -8.01 -33.60
C ASN A 441 -41.11 -8.80 -33.55
N PRO A 442 -42.27 -8.11 -33.63
CA PRO A 442 -43.55 -8.84 -33.47
C PRO A 442 -43.77 -10.01 -34.42
N GLU A 443 -43.29 -9.84 -35.66
CA GLU A 443 -43.46 -10.81 -36.74
C GLU A 443 -42.73 -12.12 -36.48
N ALA A 444 -41.72 -12.09 -35.61
CA ALA A 444 -41.00 -13.31 -35.22
C ALA A 444 -41.85 -14.19 -34.29
N LEU A 445 -43.00 -13.71 -33.83
CA LEU A 445 -43.77 -14.36 -32.78
C LEU A 445 -45.16 -14.84 -33.16
N THR A 446 -45.49 -14.78 -34.43
CA THR A 446 -46.84 -15.09 -34.87
C THR A 446 -47.00 -16.61 -34.97
N ASP A 447 -45.92 -17.34 -35.22
CA ASP A 447 -45.98 -18.81 -35.25
C ASP A 447 -45.60 -19.38 -33.89
N TYR A 448 -46.59 -19.87 -33.16
CA TYR A 448 -46.38 -20.47 -31.86
C TYR A 448 -45.28 -21.53 -31.84
N ASN A 449 -45.20 -22.37 -32.85
CA ASN A 449 -44.27 -23.48 -32.83
C ASN A 449 -42.83 -23.00 -32.86
N LYS A 450 -42.57 -21.98 -33.67
CA LYS A 450 -41.22 -21.37 -33.71
C LYS A 450 -40.80 -20.76 -32.39
N VAL A 451 -41.76 -20.15 -31.71
CA VAL A 451 -41.52 -19.51 -30.43
C VAL A 451 -41.26 -20.60 -29.41
N ARG A 452 -42.16 -21.56 -29.33
CA ARG A 452 -42.01 -22.70 -28.42
C ARG A 452 -40.66 -23.42 -28.56
N GLU A 453 -40.21 -23.59 -29.80
CA GLU A 453 -38.90 -24.16 -30.07
C GLU A 453 -37.72 -23.28 -29.54
N ALA A 454 -37.84 -21.96 -29.70
CA ALA A 454 -36.86 -21.04 -29.13
C ALA A 454 -36.82 -21.13 -27.59
N ILE A 455 -37.99 -21.06 -26.99
CA ILE A 455 -38.15 -21.24 -25.55
C ILE A 455 -37.56 -22.57 -25.07
N GLU A 456 -37.80 -23.67 -25.78
CA GLU A 456 -37.25 -24.97 -25.40
C GLU A 456 -35.74 -24.92 -25.29
N VAL A 457 -35.08 -24.38 -26.31
CA VAL A 457 -33.61 -24.24 -26.30
C VAL A 457 -33.06 -23.29 -25.23
N VAL A 458 -33.58 -22.05 -25.16
CA VAL A 458 -33.08 -21.08 -24.14
C VAL A 458 -33.42 -21.49 -22.67
N ALA A 459 -34.46 -22.29 -22.47
CA ALA A 459 -34.74 -22.89 -21.16
C ALA A 459 -33.55 -23.68 -20.60
N GLY A 460 -32.75 -24.21 -21.52
CA GLY A 460 -31.52 -24.88 -21.13
C GLY A 460 -31.76 -26.28 -20.66
N LYS A 461 -30.66 -26.88 -20.23
CA LYS A 461 -30.65 -28.26 -19.78
C LYS A 461 -31.14 -28.25 -18.33
N PRO A 462 -32.14 -29.10 -18.01
CA PRO A 462 -32.66 -29.16 -16.63
C PRO A 462 -31.61 -29.32 -15.50
N GLU A 463 -30.39 -29.73 -15.84
CA GLU A 463 -29.30 -29.91 -14.90
C GLU A 463 -28.55 -28.59 -14.69
N GLU A 464 -28.61 -27.71 -15.69
CA GLU A 464 -27.86 -26.48 -15.68
C GLU A 464 -28.83 -25.30 -15.51
N VAL A 465 -28.52 -24.42 -14.56
CA VAL A 465 -29.33 -23.22 -14.36
C VAL A 465 -29.08 -22.26 -15.50
N SER A 466 -30.17 -21.86 -16.14
CA SER A 466 -30.17 -20.90 -17.20
C SER A 466 -31.06 -19.73 -16.74
N SER A 467 -30.48 -18.54 -16.71
CA SER A 467 -31.26 -17.34 -16.49
C SER A 467 -31.89 -16.91 -17.82
N ASN A 468 -33.20 -16.71 -17.81
CA ASN A 468 -33.87 -16.12 -18.94
C ASN A 468 -34.62 -14.87 -18.46
N VAL A 469 -34.50 -13.79 -19.21
CA VAL A 469 -35.04 -12.51 -18.80
C VAL A 469 -35.70 -11.86 -20.01
N VAL A 470 -36.88 -11.30 -19.76
CA VAL A 470 -37.61 -10.48 -20.72
C VAL A 470 -37.51 -8.99 -20.34
N LEU A 471 -37.02 -8.15 -21.26
CA LEU A 471 -36.91 -6.71 -21.03
C LEU A 471 -37.95 -6.00 -21.87
N LEU A 472 -39.12 -5.78 -21.30
CA LEU A 472 -40.21 -5.19 -22.05
C LEU A 472 -39.99 -3.67 -21.94
N VAL A 473 -39.04 -3.19 -22.73
CA VAL A 473 -38.49 -1.84 -22.54
C VAL A 473 -38.50 -0.97 -23.76
N SER A 474 -38.95 -1.47 -24.89
CA SER A 474 -38.99 -0.67 -26.11
C SER A 474 -40.47 -0.53 -26.48
N GLY A 475 -40.78 -0.33 -27.75
CA GLY A 475 -42.12 0.04 -28.16
C GLY A 475 -42.39 1.49 -27.83
N GLY A 476 -43.63 1.93 -27.99
CA GLY A 476 -44.05 3.29 -27.63
C GLY A 476 -43.14 4.39 -28.16
N GLN A 477 -42.55 5.16 -27.25
CA GLN A 477 -41.75 6.33 -27.65
C GLN A 477 -40.45 5.91 -28.32
N VAL A 478 -39.94 4.72 -27.99
CA VAL A 478 -38.73 4.21 -28.64
C VAL A 478 -38.98 4.00 -30.13
N PHE A 479 -40.17 3.50 -30.47
CA PHE A 479 -40.59 3.34 -31.87
C PHE A 479 -40.74 4.72 -32.51
N LYS A 480 -41.48 5.59 -31.86
CA LYS A 480 -41.66 6.94 -32.34
C LYS A 480 -40.35 7.67 -32.61
N ASP A 481 -39.34 7.46 -31.75
CA ASP A 481 -38.08 8.19 -31.86
C ASP A 481 -37.24 7.74 -33.06
N LYS A 482 -37.75 6.81 -33.86
CA LYS A 482 -37.21 6.60 -35.20
C LYS A 482 -37.19 7.85 -36.06
N ALA A 483 -38.16 8.76 -35.86
CA ALA A 483 -38.15 10.07 -36.54
C ALA A 483 -36.90 10.91 -36.26
N ASP A 484 -36.25 10.68 -35.11
CA ASP A 484 -35.07 11.41 -34.74
C ASP A 484 -33.79 10.86 -35.44
N THR A 485 -33.45 11.50 -36.56
CA THR A 485 -32.26 11.09 -37.34
C THR A 485 -30.92 11.46 -36.71
N SER A 486 -30.91 12.30 -35.67
CA SER A 486 -29.67 12.58 -34.91
C SER A 486 -29.25 11.38 -34.02
N SER A 487 -30.15 10.43 -33.83
CA SER A 487 -29.87 9.24 -33.03
C SER A 487 -29.00 8.22 -33.73
N GLY A 488 -28.17 7.54 -32.95
CA GLY A 488 -27.33 6.45 -33.42
C GLY A 488 -27.81 5.06 -33.04
N LEU A 489 -29.07 4.92 -32.59
CA LEU A 489 -29.53 3.67 -32.01
C LEU A 489 -29.74 2.65 -33.09
N HIS A 490 -29.28 1.43 -32.81
CA HIS A 490 -29.53 0.25 -33.66
C HIS A 490 -30.97 0.29 -34.20
N PRO A 491 -31.14 0.27 -35.55
CA PRO A 491 -32.48 0.24 -36.16
C PRO A 491 -33.50 -0.75 -35.53
N ALA A 492 -33.04 -1.95 -35.19
CA ALA A 492 -33.92 -2.96 -34.61
C ALA A 492 -34.69 -2.49 -33.37
N TRP A 493 -34.14 -1.54 -32.61
CA TRP A 493 -34.88 -0.95 -31.48
C TRP A 493 -36.22 -0.34 -31.91
N ARG A 494 -36.26 0.16 -33.15
CA ARG A 494 -37.42 0.83 -33.66
C ARG A 494 -38.54 -0.13 -34.06
N VAL A 495 -38.25 -1.44 -34.16
CA VAL A 495 -39.28 -2.45 -34.48
C VAL A 495 -39.48 -3.52 -33.39
N SER A 496 -38.62 -3.55 -32.38
CA SER A 496 -38.63 -4.62 -31.38
C SER A 496 -39.10 -4.09 -30.04
N PRO A 497 -40.26 -4.56 -29.55
CA PRO A 497 -40.77 -3.98 -28.30
C PRO A 497 -40.09 -4.53 -27.06
N PHE A 498 -39.44 -5.69 -27.17
CA PHE A 498 -38.75 -6.28 -26.06
C PHE A 498 -37.47 -7.01 -26.46
N VAL A 499 -36.68 -7.31 -25.43
CA VAL A 499 -35.44 -8.05 -25.56
C VAL A 499 -35.53 -9.33 -24.76
N MET A 500 -34.99 -10.41 -25.32
CA MET A 500 -34.77 -11.66 -24.57
C MET A 500 -33.30 -11.74 -24.26
N ILE A 501 -32.99 -11.99 -23.00
CA ILE A 501 -31.64 -12.28 -22.54
C ILE A 501 -31.63 -13.69 -21.94
N SER A 502 -30.65 -14.48 -22.35
CA SER A 502 -30.48 -15.85 -21.83
C SER A 502 -29.01 -16.02 -21.47
N GLY A 503 -28.72 -16.63 -20.33
CA GLY A 503 -27.30 -16.75 -19.89
C GLY A 503 -27.10 -17.91 -18.93
N GLN A 504 -25.81 -18.18 -18.63
CA GLN A 504 -25.42 -19.16 -17.61
C GLN A 504 -24.21 -18.64 -16.87
N GLY A 505 -24.02 -19.14 -15.66
CA GLY A 505 -22.85 -18.85 -14.85
C GLY A 505 -21.73 -19.86 -14.99
N ILE A 506 -20.56 -19.48 -14.48
CA ILE A 506 -19.41 -20.37 -14.34
C ILE A 506 -19.00 -20.32 -12.88
N PRO A 507 -18.36 -21.39 -12.39
CA PRO A 507 -17.78 -21.35 -11.05
C PRO A 507 -16.90 -20.12 -10.85
N LYS A 508 -16.82 -19.68 -9.59
CA LYS A 508 -16.01 -18.51 -9.23
C LYS A 508 -14.55 -18.72 -9.65
N VAL A 509 -14.01 -19.91 -9.36
CA VAL A 509 -12.71 -20.34 -9.89
C VAL A 509 -12.96 -21.29 -11.05
N ALA A 510 -12.86 -20.75 -12.26
CA ALA A 510 -13.27 -21.40 -13.48
C ALA A 510 -12.07 -21.75 -14.35
N SER A 511 -11.91 -23.02 -14.68
CA SER A 511 -10.92 -23.46 -15.68
C SER A 511 -11.26 -22.89 -17.05
N ARG A 512 -10.27 -22.78 -17.92
CA ARG A 512 -10.50 -22.31 -19.30
C ARG A 512 -11.48 -23.21 -20.05
N GLU A 513 -11.40 -24.50 -19.79
CA GLU A 513 -12.22 -25.49 -20.47
C GLU A 513 -13.67 -25.33 -20.11
N ILE A 514 -13.95 -25.11 -18.84
CA ILE A 514 -15.31 -24.94 -18.34
C ILE A 514 -15.90 -23.65 -18.89
N ARG A 515 -15.12 -22.57 -18.93
CA ARG A 515 -15.60 -21.31 -19.48
C ARG A 515 -15.89 -21.41 -20.99
N ASP A 516 -15.02 -22.12 -21.73
CA ASP A 516 -15.24 -22.31 -23.18
C ASP A 516 -16.52 -23.14 -23.44
N TYR A 517 -16.77 -24.14 -22.60
CA TYR A 517 -18.01 -24.94 -22.69
C TYR A 517 -19.23 -24.04 -22.44
N VAL A 518 -19.20 -23.25 -21.39
CA VAL A 518 -20.34 -22.37 -21.08
C VAL A 518 -20.51 -21.29 -22.14
N GLN A 519 -19.41 -20.67 -22.58
CA GLN A 519 -19.49 -19.62 -23.60
C GLN A 519 -20.08 -20.15 -24.90
N HIS A 520 -19.70 -21.37 -25.27
CA HIS A 520 -20.26 -22.06 -26.43
C HIS A 520 -21.75 -22.33 -26.32
N GLN A 521 -22.22 -22.76 -25.15
CA GLN A 521 -23.66 -22.92 -24.94
C GLN A 521 -24.38 -21.58 -25.11
N VAL A 522 -23.86 -20.51 -24.51
CA VAL A 522 -24.48 -19.21 -24.58
C VAL A 522 -24.48 -18.66 -25.99
N THR A 523 -23.34 -18.69 -26.66
CA THR A 523 -23.22 -18.11 -28.00
C THR A 523 -23.88 -18.96 -29.09
N HIS A 524 -23.53 -20.25 -29.14
CA HIS A 524 -23.88 -21.12 -30.28
C HIS A 524 -25.06 -22.06 -30.08
N VAL A 525 -25.57 -22.20 -28.87
CA VAL A 525 -26.84 -22.91 -28.60
C VAL A 525 -27.94 -21.88 -28.25
N LYS A 526 -27.75 -21.12 -27.17
CA LYS A 526 -28.75 -20.14 -26.74
C LYS A 526 -28.90 -19.00 -27.77
N GLY A 527 -27.80 -18.29 -28.03
CA GLY A 527 -27.79 -17.16 -28.96
C GLY A 527 -28.27 -17.49 -30.34
N ALA A 528 -27.89 -18.69 -30.82
CA ALA A 528 -28.29 -19.23 -32.11
C ALA A 528 -29.78 -19.47 -32.24
N ALA A 529 -30.40 -19.94 -31.17
CA ALA A 529 -31.84 -20.17 -31.15
C ALA A 529 -32.55 -18.82 -31.23
N LEU A 530 -32.04 -17.84 -30.48
CA LEU A 530 -32.64 -16.51 -30.46
C LEU A 530 -32.55 -15.82 -31.81
N LYS A 531 -31.41 -16.03 -32.50
CA LYS A 531 -31.21 -15.50 -33.85
C LYS A 531 -32.12 -16.14 -34.84
N LYS A 532 -32.28 -17.46 -34.75
CA LYS A 532 -33.22 -18.18 -35.60
C LYS A 532 -34.65 -17.70 -35.40
N LEU A 533 -35.05 -17.47 -34.16
CA LEU A 533 -36.34 -16.86 -33.87
C LEU A 533 -36.50 -15.47 -34.48
N ALA A 534 -35.53 -14.59 -34.23
CA ALA A 534 -35.56 -13.22 -34.78
C ALA A 534 -34.29 -12.88 -35.56
N PRO A 535 -34.24 -13.29 -36.86
CA PRO A 535 -32.97 -13.16 -37.59
C PRO A 535 -32.67 -11.79 -38.17
N ASN A 536 -33.64 -10.88 -38.16
CA ASN A 536 -33.49 -9.58 -38.81
C ASN A 536 -33.29 -8.42 -37.88
N THR A 537 -33.01 -8.68 -36.60
CA THR A 537 -32.93 -7.65 -35.58
C THR A 537 -31.49 -7.39 -35.11
N GLY A 538 -31.13 -7.86 -33.91
CA GLY A 538 -29.83 -7.57 -33.33
C GLY A 538 -29.91 -7.84 -31.84
N GLY A 539 -28.88 -7.39 -31.13
CA GLY A 539 -28.75 -7.59 -29.71
C GLY A 539 -28.48 -6.27 -29.05
N TYR A 540 -28.21 -6.33 -27.75
CA TYR A 540 -28.00 -5.18 -26.89
C TYR A 540 -26.56 -5.22 -26.32
N MET A 541 -25.70 -4.31 -26.78
CA MET A 541 -24.28 -4.33 -26.45
C MET A 541 -23.99 -4.36 -24.95
N ASN A 542 -24.74 -3.56 -24.19
CA ASN A 542 -24.49 -3.40 -22.75
C ASN A 542 -24.75 -4.66 -21.94
N GLU A 543 -25.70 -5.45 -22.42
CA GLU A 543 -26.04 -6.73 -21.79
C GLU A 543 -26.20 -7.70 -22.95
N GLY A 544 -25.05 -8.19 -23.41
CA GLY A 544 -24.99 -8.94 -24.64
C GLY A 544 -23.75 -9.79 -24.76
N ASP A 545 -23.63 -10.43 -25.92
CA ASP A 545 -22.66 -11.51 -26.14
C ASP A 545 -21.41 -10.95 -26.77
N GLY A 546 -20.39 -10.72 -25.96
CA GLY A 546 -19.14 -10.13 -26.43
C GLY A 546 -18.28 -11.15 -27.15
N SER A 547 -18.61 -12.45 -27.08
CA SER A 547 -17.90 -13.49 -27.86
C SER A 547 -18.54 -13.90 -29.15
N ASP A 548 -19.64 -13.23 -29.54
CA ASP A 548 -20.34 -13.56 -30.76
C ASP A 548 -19.45 -13.15 -31.92
N PRO A 549 -19.02 -14.12 -32.77
CA PRO A 549 -18.32 -13.76 -34.01
C PRO A 549 -19.02 -12.68 -34.84
N GLU A 550 -20.35 -12.63 -34.74
CA GLU A 550 -21.11 -11.63 -35.49
C GLU A 550 -21.53 -10.45 -34.63
N TYR A 551 -20.81 -10.18 -33.55
CA TYR A 551 -21.15 -9.10 -32.60
C TYR A 551 -21.30 -7.75 -33.24
N ILE A 552 -20.55 -7.45 -34.30
CA ILE A 552 -20.61 -6.11 -34.93
C ILE A 552 -22.06 -5.87 -35.41
N ASP A 553 -22.55 -6.84 -36.14
CA ASP A 553 -23.94 -6.86 -36.63
C ASP A 553 -24.96 -6.77 -35.51
N ALA A 554 -24.79 -7.64 -34.52
CA ALA A 554 -25.68 -7.71 -33.36
C ALA A 554 -25.73 -6.37 -32.63
N PHE A 555 -24.57 -5.83 -32.34
CA PHE A 555 -24.45 -4.67 -31.46
C PHE A 555 -24.83 -3.36 -32.13
N TYR A 556 -24.38 -3.18 -33.37
CA TYR A 556 -24.45 -1.90 -34.08
C TYR A 556 -25.36 -1.89 -35.31
N GLY A 557 -25.52 -3.06 -35.94
CA GLY A 557 -26.31 -3.18 -37.15
C GLY A 557 -25.78 -2.34 -38.30
N LYS A 558 -26.72 -1.86 -39.10
CA LYS A 558 -26.43 -1.06 -40.29
C LYS A 558 -25.89 0.33 -39.98
N ASN A 559 -25.98 0.79 -38.74
CA ASN A 559 -25.33 2.05 -38.33
C ASN A 559 -23.79 1.94 -38.26
N TYR A 560 -23.24 0.74 -38.41
CA TYR A 560 -21.85 0.50 -38.06
C TYR A 560 -20.87 1.36 -38.87
N ALA A 561 -21.04 1.39 -40.18
CA ALA A 561 -20.16 2.16 -41.08
C ALA A 561 -20.07 3.63 -40.67
N GLN A 562 -21.20 4.21 -40.25
CA GLN A 562 -21.22 5.59 -39.75
C GLN A 562 -20.58 5.69 -38.39
N HIS A 563 -20.80 4.71 -37.52
CA HIS A 563 -20.11 4.73 -36.23
C HIS A 563 -18.60 4.67 -36.44
N LEU A 564 -18.18 3.74 -37.27
CA LEU A 564 -16.77 3.60 -37.60
C LEU A 564 -16.16 4.86 -38.18
N ALA A 565 -16.86 5.56 -39.06
CA ALA A 565 -16.32 6.81 -39.61
C ALA A 565 -16.02 7.84 -38.49
N ALA A 566 -17.01 8.07 -37.64
CA ALA A 566 -16.84 8.91 -36.45
C ALA A 566 -15.66 8.44 -35.55
N LYS A 567 -15.53 7.14 -35.37
CA LYS A 567 -14.43 6.56 -34.64
C LYS A 567 -13.08 6.92 -35.25
N ARG A 568 -12.96 6.75 -36.55
CA ARG A 568 -11.73 7.02 -37.25
C ARG A 568 -11.42 8.55 -37.36
N LYS A 569 -12.46 9.38 -37.48
CA LYS A 569 -12.31 10.84 -37.47
C LYS A 569 -11.83 11.35 -36.11
N TYR A 570 -12.53 11.00 -35.04
CA TYR A 570 -12.33 11.60 -33.73
C TYR A 570 -11.28 10.90 -32.85
N ASP A 571 -11.04 9.62 -33.09
CA ASP A 571 -9.98 8.89 -32.43
C ASP A 571 -9.20 8.03 -33.42
N PRO A 572 -8.41 8.66 -34.32
CA PRO A 572 -7.67 7.90 -35.32
C PRO A 572 -6.65 6.88 -34.77
N ASP A 573 -6.10 7.17 -33.59
CA ASP A 573 -5.05 6.31 -32.98
C ASP A 573 -5.63 5.28 -32.04
N ASN A 574 -6.93 5.37 -31.80
CA ASN A 574 -7.67 4.45 -30.95
C ASN A 574 -7.10 4.47 -29.53
N ILE A 575 -6.93 5.69 -29.03
CA ILE A 575 -6.51 5.91 -27.68
C ILE A 575 -7.54 5.35 -26.70
N PHE A 576 -8.82 5.29 -27.12
CA PHE A 576 -9.88 4.83 -26.28
C PHE A 576 -10.37 3.44 -26.61
N PHE A 577 -9.46 2.59 -27.12
CA PHE A 577 -9.77 1.20 -27.43
C PHE A 577 -10.56 0.55 -26.32
N CYS A 578 -11.65 -0.10 -26.67
CA CYS A 578 -12.27 -1.06 -25.79
C CYS A 578 -12.78 -2.26 -26.57
N ARG A 579 -12.81 -3.37 -25.86
CA ARG A 579 -13.22 -4.69 -26.38
C ARG A 579 -14.65 -4.64 -26.96
N THR A 580 -14.84 -5.08 -28.20
CA THR A 580 -16.10 -5.03 -28.93
C THR A 580 -16.57 -3.62 -29.33
N CYS A 581 -15.87 -2.57 -28.89
CA CYS A 581 -16.27 -1.21 -29.22
C CYS A 581 -16.03 -0.99 -30.70
N VAL A 582 -16.67 0.05 -31.24
CA VAL A 582 -16.58 0.30 -32.67
C VAL A 582 -15.10 0.49 -33.04
N GLY A 583 -14.66 -0.22 -34.07
CA GLY A 583 -13.27 -0.16 -34.52
C GLY A 583 -12.30 -1.09 -33.87
N ALA A 584 -12.75 -1.88 -32.87
CA ALA A 584 -11.87 -2.74 -32.09
C ALA A 584 -11.22 -3.86 -32.89
N GLU A 585 -11.85 -4.22 -34.00
CA GLU A 585 -11.30 -5.22 -34.92
C GLU A 585 -10.00 -4.83 -35.60
N ASP A 586 -9.62 -3.54 -35.55
CA ASP A 586 -8.32 -3.14 -36.07
C ASP A 586 -7.18 -3.40 -35.10
N PHE A 587 -7.50 -3.87 -33.90
CA PHE A 587 -6.53 -4.26 -32.89
C PHE A 587 -6.69 -5.70 -32.44
N ILE A 588 -5.65 -6.21 -31.78
CA ILE A 588 -5.67 -7.50 -31.10
C ILE A 588 -5.43 -7.24 -29.61
N GLU A 589 -6.44 -7.58 -28.81
CA GLU A 589 -6.35 -7.52 -27.37
C GLU A 589 -5.94 -8.90 -26.84
N ARG A 590 -5.11 -8.88 -25.80
CA ARG A 590 -4.73 -10.09 -25.10
C ARG A 590 -5.14 -9.88 -23.64
N PRO A 591 -5.43 -10.98 -22.94
CA PRO A 591 -5.69 -10.88 -21.51
C PRO A 591 -4.40 -10.75 -20.67
N ASP A 592 -3.26 -11.13 -21.26
CA ASP A 592 -1.99 -11.22 -20.57
C ASP A 592 -0.78 -10.69 -21.35
N GLY A 593 -1.03 -9.85 -22.34
CA GLY A 593 0.06 -9.20 -23.08
C GLY A 593 -0.34 -7.88 -23.66
N PRO A 594 0.59 -7.18 -24.34
CA PRO A 594 0.30 -5.88 -24.95
C PRO A 594 -0.85 -5.92 -25.95
N LEU A 595 -1.66 -4.84 -25.92
CA LEU A 595 -2.63 -4.53 -26.92
C LEU A 595 -1.88 -4.05 -28.14
N CYS A 596 -2.22 -4.59 -29.32
CA CYS A 596 -1.52 -4.22 -30.55
C CYS A 596 -2.44 -3.90 -31.69
N ARG A 597 -2.02 -2.97 -32.54
CA ARG A 597 -2.66 -2.73 -33.83
C ARG A 597 -2.34 -3.88 -34.76
N LYS A 598 -3.33 -4.32 -35.52
CA LYS A 598 -3.08 -5.31 -36.58
C LYS A 598 -2.15 -4.74 -37.61
N THR B 27 -4.78 -0.43 32.61
CA THR B 27 -5.21 -1.65 33.37
C THR B 27 -5.03 -2.99 32.63
N PRO B 28 -5.14 -3.02 31.28
CA PRO B 28 -4.70 -4.28 30.67
C PRO B 28 -3.16 -4.39 30.74
N LYS B 29 -2.71 -5.62 30.94
CA LYS B 29 -1.30 -5.89 31.03
C LYS B 29 -0.60 -5.87 29.69
N CYS B 30 -1.33 -6.20 28.63
CA CYS B 30 -0.77 -6.28 27.29
C CYS B 30 -1.24 -5.17 26.41
N ARG B 31 -0.34 -4.62 25.64
CA ARG B 31 -0.70 -3.69 24.57
C ARG B 31 -1.47 -4.45 23.47
N CYS B 32 -2.41 -3.73 22.85
CA CYS B 32 -3.19 -4.21 21.74
C CYS B 32 -2.39 -4.24 20.42
N THR B 33 -2.61 -5.29 19.62
CA THR B 33 -1.86 -5.50 18.38
C THR B 33 -2.82 -5.71 17.20
N PRO B 34 -2.35 -5.59 15.97
CA PRO B 34 -3.22 -5.77 14.80
C PRO B 34 -3.94 -7.10 14.76
N GLY B 35 -5.19 -7.09 14.30
CA GLY B 35 -6.01 -8.28 14.20
C GLY B 35 -6.77 -8.60 15.46
N GLU B 36 -6.38 -8.03 16.60
CA GLU B 36 -7.14 -8.28 17.82
C GLU B 36 -8.42 -7.42 17.81
N ALA B 37 -9.38 -7.85 18.61
CA ALA B 37 -10.65 -7.17 18.78
C ALA B 37 -10.50 -5.70 19.25
N CYS B 38 -9.54 -5.46 20.13
CA CYS B 38 -9.24 -4.10 20.63
C CYS B 38 -8.57 -3.13 19.63
N TRP B 39 -8.04 -3.65 18.54
CA TRP B 39 -7.32 -2.83 17.57
C TRP B 39 -8.32 -1.89 16.89
N PRO B 40 -8.02 -0.60 16.81
CA PRO B 40 -8.93 0.33 16.13
C PRO B 40 -9.18 -0.03 14.66
N ASP B 41 -10.43 0.08 14.20
CA ASP B 41 -10.82 -0.30 12.82
C ASP B 41 -10.39 0.78 11.83
N ASN B 42 -10.58 0.53 10.53
CA ASN B 42 -10.03 1.43 9.52
C ASN B 42 -10.54 2.88 9.67
N SER B 43 -11.79 3.06 10.06
CA SER B 43 -12.37 4.40 10.22
C SER B 43 -11.66 5.22 11.32
N VAL B 44 -11.28 4.55 12.40
CA VAL B 44 -10.57 5.21 13.50
C VAL B 44 -9.19 5.68 13.05
N TRP B 45 -8.47 4.82 12.35
CA TRP B 45 -7.15 5.20 11.81
C TRP B 45 -7.25 6.34 10.80
N GLU B 46 -8.27 6.29 9.96
CA GLU B 46 -8.51 7.33 8.95
C GLU B 46 -8.81 8.70 9.60
N ALA B 47 -9.66 8.69 10.63
CA ALA B 47 -9.92 9.91 11.44
C ALA B 47 -8.66 10.46 12.13
N PHE B 48 -7.78 9.56 12.54
CA PHE B 48 -6.50 9.95 13.17
C PHE B 48 -5.58 10.58 12.11
N ASP B 49 -5.56 10.01 10.90
CA ASP B 49 -4.80 10.60 9.78
C ASP B 49 -5.26 12.05 9.52
N LYS B 50 -6.57 12.26 9.52
CA LYS B 50 -7.18 13.57 9.26
C LYS B 50 -6.97 14.61 10.35
N THR B 51 -6.99 14.19 11.61
CA THR B 51 -6.62 15.04 12.74
C THR B 51 -5.16 15.50 12.64
N LEU B 52 -4.28 14.56 12.28
CA LEU B 52 -2.86 14.88 12.12
C LEU B 52 -2.62 15.85 10.97
N GLY B 53 -3.33 15.62 9.87
CA GLY B 53 -3.02 16.24 8.59
C GLY B 53 -2.82 15.06 7.69
N LYS B 54 -3.74 14.88 6.75
CA LYS B 54 -3.68 13.79 5.76
C LYS B 54 -2.25 13.61 5.22
N GLY B 55 -1.77 12.35 5.19
CA GLY B 55 -0.45 11.99 4.72
C GLY B 55 0.58 11.71 5.85
N LYS B 56 0.36 12.25 7.05
CA LYS B 56 1.30 12.03 8.16
C LYS B 56 1.29 10.61 8.73
N LEU B 57 0.12 9.94 8.67
CA LEU B 57 0.02 8.56 9.11
C LEU B 57 0.40 7.65 7.97
N ILE B 58 1.43 6.84 8.16
CA ILE B 58 1.87 5.90 7.13
C ILE B 58 1.61 4.49 7.62
N LYS B 59 0.91 3.70 6.82
CA LYS B 59 0.80 2.25 7.04
C LYS B 59 2.08 1.69 6.50
N THR B 60 2.82 1.01 7.36
CA THR B 60 4.16 0.61 6.97
C THR B 60 4.10 -0.58 6.05
N SER B 61 5.12 -0.72 5.23
CA SER B 61 5.27 -1.90 4.38
C SER B 61 6.74 -2.29 4.35
N PRO B 62 7.03 -3.60 4.38
CA PRO B 62 8.41 -4.06 4.34
C PRO B 62 9.19 -3.46 3.19
N ILE B 63 10.38 -2.94 3.51
CA ILE B 63 11.23 -2.24 2.55
C ILE B 63 11.37 -3.07 1.26
N ALA B 64 11.62 -4.37 1.39
CA ALA B 64 11.90 -5.23 0.26
C ALA B 64 10.72 -6.10 -0.23
N GLN B 65 9.47 -5.70 0.01
CA GLN B 65 8.33 -6.49 -0.47
C GLN B 65 8.21 -6.66 -2.01
N SER B 66 8.77 -5.71 -2.76
CA SER B 66 8.83 -5.83 -4.24
C SER B 66 9.65 -7.03 -4.76
N CYS B 67 10.50 -7.61 -3.92
CA CYS B 67 11.28 -8.79 -4.24
C CYS B 67 10.52 -10.11 -4.17
N TYR B 68 9.26 -10.07 -3.73
CA TYR B 68 8.51 -11.30 -3.48
C TYR B 68 7.32 -11.46 -4.44
N ASP B 69 7.05 -12.72 -4.79
CA ASP B 69 5.94 -13.07 -5.69
C ASP B 69 4.60 -12.61 -5.21
N GLY B 70 3.76 -12.24 -6.19
CA GLY B 70 2.41 -11.75 -5.94
C GLY B 70 2.18 -10.42 -6.66
N PRO B 71 0.98 -9.84 -6.48
CA PRO B 71 0.50 -8.70 -7.30
C PRO B 71 1.35 -7.45 -7.19
N GLN B 72 1.99 -7.29 -6.05
CA GLN B 72 2.88 -6.15 -5.80
C GLN B 72 4.35 -6.36 -6.10
N LYS B 73 4.71 -7.46 -6.73
CA LYS B 73 6.11 -7.70 -7.16
C LYS B 73 6.59 -6.67 -8.18
N ASP B 74 7.84 -6.26 -8.07
CA ASP B 74 8.46 -5.32 -9.02
C ASP B 74 9.97 -5.51 -9.02
N LEU B 75 10.49 -6.21 -10.03
CA LEU B 75 11.91 -6.59 -10.04
C LEU B 75 12.86 -5.41 -10.19
N ASP B 76 12.41 -4.34 -10.86
CA ASP B 76 13.17 -3.08 -10.92
C ASP B 76 13.25 -2.42 -9.56
N ARG B 77 12.12 -2.32 -8.88
CA ARG B 77 12.14 -1.79 -7.50
C ARG B 77 13.00 -2.69 -6.60
N CYS B 78 12.85 -4.01 -6.74
CA CYS B 78 13.60 -4.96 -5.96
C CYS B 78 15.12 -4.77 -6.10
N ALA B 79 15.58 -4.62 -7.33
CA ALA B 79 17.02 -4.41 -7.63
C ALA B 79 17.53 -3.09 -7.09
N TYR B 80 16.71 -2.03 -7.17
CA TYR B 80 17.06 -0.76 -6.55
C TYR B 80 17.24 -0.95 -5.05
N VAL B 81 16.27 -1.61 -4.42
CA VAL B 81 16.32 -1.86 -2.98
C VAL B 81 17.51 -2.72 -2.60
N ASN B 82 17.81 -3.73 -3.41
CA ASN B 82 18.96 -4.60 -3.13
C ASN B 82 20.25 -3.82 -3.22
N LYS B 83 20.37 -3.00 -4.24
CA LYS B 83 21.57 -2.18 -4.45
C LYS B 83 21.77 -1.20 -3.32
N MET B 84 20.68 -0.62 -2.80
CA MET B 84 20.77 0.48 -1.81
C MET B 84 20.63 0.07 -0.36
N TRP B 85 20.43 -1.22 -0.12
CA TRP B 85 20.30 -1.82 1.22
C TRP B 85 21.45 -1.53 2.12
N THR B 86 22.66 -1.50 1.57
CA THR B 86 23.84 -1.24 2.41
C THR B 86 24.08 0.30 2.67
N ASP B 87 23.25 1.18 2.14
CA ASP B 87 23.47 2.62 2.24
C ASP B 87 22.68 3.25 3.40
N GLN B 88 23.38 4.02 4.21
CA GLN B 88 22.80 4.54 5.45
C GLN B 88 21.65 5.54 5.21
N ASP B 89 21.77 6.36 4.16
CA ASP B 89 20.77 7.37 3.83
C ASP B 89 19.50 6.70 3.33
N PHE B 90 19.69 5.67 2.50
CA PHE B 90 18.55 4.91 2.01
C PHE B 90 17.75 4.35 3.18
N GLN B 91 18.45 3.75 4.13
CA GLN B 91 17.78 3.21 5.31
C GLN B 91 17.16 4.28 6.26
N THR B 92 17.78 5.45 6.40
CA THR B 92 17.18 6.50 7.24
C THR B 92 15.98 7.20 6.61
N SER B 93 15.81 7.07 5.30
CA SER B 93 14.75 7.73 4.55
C SER B 93 13.37 7.10 4.68
N ASP B 94 13.32 5.80 4.97
CA ASP B 94 12.05 5.09 5.18
C ASP B 94 11.70 5.03 6.68
N PRO B 95 10.40 5.14 7.03
CA PRO B 95 9.98 5.05 8.44
C PRO B 95 10.37 3.77 9.17
N ILE B 96 10.49 2.65 8.48
CA ILE B 96 10.97 1.41 9.10
C ILE B 96 12.28 0.92 8.44
N GLY B 97 13.03 1.86 7.89
CA GLY B 97 14.36 1.57 7.39
C GLY B 97 15.31 1.48 8.58
N ARG B 98 16.13 0.43 8.57
CA ARG B 98 17.02 0.12 9.66
C ARG B 98 18.46 -0.10 9.19
N ASN B 99 19.39 0.69 9.72
CA ASN B 99 20.81 0.50 9.39
C ASN B 99 21.29 -0.91 9.77
N TYR B 100 21.02 -1.29 11.00
CA TYR B 100 21.36 -2.59 11.51
C TYR B 100 20.07 -3.32 11.93
N PRO B 101 19.33 -3.87 10.95
CA PRO B 101 18.03 -4.46 11.26
C PRO B 101 18.14 -5.59 12.23
N TYR B 102 17.34 -5.54 13.31
CA TYR B 102 17.53 -6.48 14.43
C TYR B 102 17.12 -7.89 14.02
N ASN B 103 16.16 -8.01 13.10
CA ASN B 103 15.65 -9.29 12.63
C ASN B 103 15.12 -9.11 11.21
N ILE B 104 15.92 -9.49 10.22
CA ILE B 104 15.57 -9.39 8.81
C ILE B 104 14.52 -10.47 8.49
N THR B 105 13.25 -10.05 8.52
CA THR B 105 12.12 -10.93 8.20
C THR B 105 11.58 -10.69 6.79
N CYS B 106 12.17 -9.73 6.07
CA CYS B 106 11.87 -9.51 4.65
C CYS B 106 13.16 -9.09 3.95
N ALA B 107 13.96 -10.08 3.59
CA ALA B 107 15.29 -9.86 3.02
C ALA B 107 15.20 -9.24 1.62
N PRO B 108 16.12 -8.33 1.28
CA PRO B 108 16.25 -8.04 -0.15
C PRO B 108 16.80 -9.28 -0.88
N VAL B 109 16.35 -9.50 -2.12
CA VAL B 109 16.74 -10.63 -2.93
C VAL B 109 17.58 -10.13 -4.08
N ASP B 110 18.78 -10.70 -4.24
CA ASP B 110 19.69 -10.36 -5.31
C ASP B 110 19.50 -11.35 -6.44
N TYR B 111 18.57 -11.03 -7.34
CA TYR B 111 18.23 -11.93 -8.45
C TYR B 111 19.39 -12.09 -9.44
N ALA B 112 20.11 -11.01 -9.71
CA ALA B 112 21.30 -11.04 -10.57
C ALA B 112 22.30 -12.09 -10.07
N ALA B 113 22.46 -12.21 -8.76
CA ALA B 113 23.37 -13.20 -8.15
C ALA B 113 22.78 -14.63 -8.00
N GLY B 114 21.61 -14.88 -8.59
CA GLY B 114 20.95 -16.17 -8.54
C GLY B 114 20.16 -16.48 -7.27
N GLU B 115 19.96 -15.49 -6.39
CA GLU B 115 19.18 -15.69 -5.18
C GLU B 115 17.69 -15.78 -5.49
N THR B 116 16.94 -16.39 -4.58
CA THR B 116 15.48 -16.59 -4.74
C THR B 116 14.76 -16.28 -3.42
N PRO B 117 13.50 -15.86 -3.50
CA PRO B 117 12.80 -15.41 -2.29
C PRO B 117 12.34 -16.55 -1.38
N THR B 118 12.37 -16.29 -0.07
CA THR B 118 11.82 -17.17 0.94
C THR B 118 10.49 -16.56 1.32
N SER B 119 10.45 -15.73 2.36
CA SER B 119 9.23 -15.09 2.77
C SER B 119 9.48 -13.66 3.18
N CYS B 120 8.43 -12.85 3.18
CA CYS B 120 8.52 -11.45 3.55
C CYS B 120 7.41 -11.04 4.49
N ILE B 121 7.74 -10.74 5.73
CA ILE B 121 6.78 -10.13 6.69
C ILE B 121 7.39 -8.90 7.36
N LEU B 122 6.54 -8.11 7.98
CA LEU B 122 6.93 -6.92 8.73
C LEU B 122 7.81 -7.34 9.95
N GLY B 123 7.40 -8.40 10.60
CA GLY B 123 8.06 -8.87 11.79
C GLY B 123 7.79 -7.99 13.00
N SER B 124 8.86 -7.60 13.64
CA SER B 124 8.81 -6.77 14.81
C SER B 124 8.97 -5.27 14.50
N LEU B 125 8.91 -4.93 13.23
CA LEU B 125 8.96 -3.52 12.85
C LEU B 125 7.55 -2.96 13.05
N PRO B 126 7.43 -1.67 13.39
CA PRO B 126 6.13 -1.00 13.57
C PRO B 126 5.19 -1.11 12.39
N TYR B 127 3.91 -1.23 12.71
CA TYR B 127 2.82 -1.46 11.74
C TYR B 127 2.28 -0.12 11.18
N TYR B 128 2.28 0.91 12.00
CA TYR B 128 2.00 2.28 11.53
C TYR B 128 3.12 3.18 11.98
N ALA B 129 3.38 4.22 11.23
CA ALA B 129 4.25 5.31 11.67
C ALA B 129 3.56 6.65 11.46
N VAL B 130 3.79 7.59 12.36
CA VAL B 130 3.39 9.00 12.16
C VAL B 130 4.67 9.77 11.80
N ASN B 131 4.68 10.34 10.59
CA ASN B 131 5.74 11.21 10.15
C ASN B 131 5.55 12.58 10.88
N ALA B 132 6.06 12.65 12.12
CA ALA B 132 5.83 13.78 12.98
C ALA B 132 6.80 14.91 12.70
N SER B 133 6.29 16.08 12.35
CA SER B 133 7.11 17.29 12.16
C SER B 133 6.77 18.48 13.07
N THR B 134 5.75 18.35 13.93
CA THR B 134 5.37 19.41 14.87
C THR B 134 5.17 18.75 16.22
N ARG B 135 5.17 19.57 17.28
CA ARG B 135 4.77 19.07 18.60
C ARG B 135 3.35 18.56 18.66
N GLU B 136 2.46 19.06 17.81
CA GLU B 136 1.05 18.65 17.79
C GLU B 136 1.02 17.21 17.28
N ASP B 137 1.74 16.93 16.21
CA ASP B 137 1.92 15.55 15.72
C ASP B 137 2.31 14.59 16.83
N ILE B 138 3.28 15.02 17.62
CA ILE B 138 3.86 14.20 18.66
C ILE B 138 2.83 14.01 19.78
N THR B 139 2.21 15.11 20.19
CA THR B 139 1.18 15.07 21.25
C THR B 139 0.05 14.11 20.82
N LEU B 140 -0.40 14.22 19.57
CA LEU B 140 -1.52 13.39 19.10
C LEU B 140 -1.14 11.91 19.00
N THR B 141 0.11 11.64 18.64
CA THR B 141 0.58 10.27 18.52
C THR B 141 0.68 9.64 19.89
N LEU B 142 1.34 10.34 20.81
CA LEU B 142 1.39 9.91 22.20
C LEU B 142 -0.01 9.61 22.72
N ASN B 143 -0.90 10.58 22.62
CA ASN B 143 -2.27 10.46 23.15
C ASN B 143 -3.04 9.29 22.52
N PHE B 144 -2.96 9.15 21.20
CA PHE B 144 -3.63 8.04 20.50
C PHE B 144 -3.09 6.67 20.98
N ALA B 145 -1.79 6.53 21.18
CA ALA B 145 -1.18 5.27 21.65
C ALA B 145 -1.70 4.89 23.00
N LYS B 146 -1.72 5.85 23.91
CA LYS B 146 -2.23 5.67 25.27
C LYS B 146 -3.74 5.39 25.24
N GLN B 147 -4.47 6.15 24.45
CA GLN B 147 -5.92 5.98 24.37
C GLN B 147 -6.33 4.57 23.89
N HIS B 148 -5.67 4.08 22.84
CA HIS B 148 -5.99 2.78 22.28
C HIS B 148 -5.10 1.65 22.77
N ASN B 149 -4.32 1.92 23.83
CA ASN B 149 -3.40 0.97 24.44
C ASN B 149 -2.51 0.27 23.40
N ILE B 150 -1.99 1.07 22.49
CA ILE B 150 -1.13 0.60 21.42
C ILE B 150 0.30 0.98 21.78
N ARG B 151 1.22 0.04 21.53
CA ARG B 151 2.63 0.23 21.86
C ARG B 151 3.24 1.38 21.05
N LEU B 152 3.82 2.34 21.76
CA LEU B 152 4.45 3.49 21.09
C LEU B 152 5.93 3.20 20.93
N VAL B 153 6.40 3.28 19.67
CA VAL B 153 7.79 3.07 19.34
C VAL B 153 8.39 4.38 18.82
N THR B 154 9.53 4.77 19.35
CA THR B 154 10.14 6.07 19.05
C THR B 154 11.36 5.85 18.18
N SER B 155 11.44 6.55 17.06
CA SER B 155 12.60 6.47 16.17
C SER B 155 12.96 7.87 15.68
N SER B 156 14.20 8.29 15.92
CA SER B 156 14.76 9.46 15.24
C SER B 156 15.36 9.11 13.90
N THR B 157 16.08 7.98 13.83
CA THR B 157 16.80 7.56 12.60
C THR B 157 16.75 6.05 12.21
N GLY B 158 16.35 5.18 13.11
CA GLY B 158 16.44 3.72 12.89
C GLY B 158 17.84 3.16 12.92
N HIS B 159 18.80 3.89 13.49
CA HIS B 159 20.17 3.42 13.60
C HIS B 159 20.37 2.30 14.58
N ASP B 160 19.45 2.11 15.54
CA ASP B 160 19.75 1.22 16.65
C ASP B 160 20.18 -0.19 16.22
N LEU B 161 21.07 -0.76 17.01
CA LEU B 161 21.61 -2.10 16.82
C LEU B 161 20.87 -3.19 17.61
N LEU B 162 20.09 -2.76 18.61
CA LEU B 162 19.45 -3.63 19.58
C LEU B 162 17.89 -3.74 19.50
N GLY B 163 17.29 -3.24 18.44
CA GLY B 163 15.84 -3.20 18.30
C GLY B 163 15.09 -2.28 19.27
N ARG B 164 15.77 -1.26 19.80
CA ARG B 164 15.16 -0.33 20.78
C ARG B 164 14.25 0.73 20.13
N SER B 165 14.36 0.87 18.81
CA SER B 165 13.38 1.59 18.00
C SER B 165 12.48 0.68 17.12
N ASP B 166 12.25 -0.56 17.60
CA ASP B 166 11.34 -1.52 16.94
C ASP B 166 10.15 -1.83 17.87
N GLY B 167 9.16 -2.54 17.35
CA GLY B 167 8.19 -3.18 18.24
C GLY B 167 7.05 -3.75 17.44
N TYR B 168 6.87 -5.08 17.53
CA TYR B 168 5.74 -5.77 16.89
C TYR B 168 4.42 -5.05 17.21
N GLY B 169 3.65 -4.80 16.16
CA GLY B 169 2.31 -4.25 16.29
C GLY B 169 2.25 -2.84 16.83
N GLY B 170 3.34 -2.11 16.64
CA GLY B 170 3.56 -0.83 17.26
C GLY B 170 3.06 0.31 16.42
N LEU B 171 2.88 1.46 17.07
CA LEU B 171 2.70 2.72 16.39
C LEU B 171 4.00 3.48 16.54
N GLU B 172 4.68 3.75 15.42
CA GLU B 172 5.97 4.44 15.49
C GLU B 172 5.79 5.99 15.50
N LEU B 173 6.35 6.64 16.51
CA LEU B 173 6.59 8.05 16.49
C LEU B 173 7.90 8.27 15.77
N TRP B 174 7.81 8.60 14.49
CA TRP B 174 9.00 8.87 13.65
C TRP B 174 9.34 10.38 13.68
N LEU B 175 10.50 10.71 14.26
CA LEU B 175 10.90 12.09 14.51
C LEU B 175 11.81 12.70 13.48
N HIS B 176 12.07 11.97 12.40
CA HIS B 176 13.09 12.37 11.41
C HIS B 176 12.82 13.73 10.78
N SER B 177 11.55 14.14 10.63
CA SER B 177 11.25 15.51 10.14
C SER B 177 10.88 16.55 11.23
N PHE B 178 11.19 16.24 12.49
CA PHE B 178 10.87 17.15 13.58
C PHE B 178 12.12 17.98 13.80
N ARG B 179 12.22 19.09 13.08
CA ARG B 179 13.47 19.84 12.91
C ARG B 179 13.20 21.34 12.94
N ASN B 180 13.49 21.97 14.08
CA ASN B 180 13.14 23.40 14.32
C ASN B 180 14.38 24.29 14.48
N GLY B 181 15.49 23.89 13.85
CA GLY B 181 16.70 24.68 13.75
C GLY B 181 17.86 24.17 14.56
N VAL B 182 19.07 24.36 14.04
CA VAL B 182 20.29 24.15 14.78
C VAL B 182 21.00 25.48 14.86
N ARG B 183 21.14 26.02 16.06
CA ARG B 183 21.64 27.39 16.22
C ARG B 183 22.82 27.44 17.17
N PHE B 184 23.84 28.18 16.77
CA PHE B 184 25.05 28.36 17.54
C PHE B 184 24.82 29.46 18.55
N GLN B 185 25.31 29.27 19.77
CA GLN B 185 25.28 30.29 20.82
C GLN B 185 26.72 30.62 21.21
N LYS B 186 27.16 31.85 21.00
CA LYS B 186 28.52 32.23 21.39
C LYS B 186 28.75 31.96 22.89
N LYS B 187 27.69 32.17 23.69
CA LYS B 187 27.71 31.92 25.12
C LYS B 187 26.45 31.14 25.42
N TYR B 188 26.57 29.96 26.02
CA TYR B 188 25.41 29.19 26.43
C TYR B 188 24.36 30.01 27.16
N THR B 189 23.12 29.94 26.65
CA THR B 189 21.95 30.65 27.20
C THR B 189 20.88 29.60 27.44
N SER B 190 20.55 29.39 28.72
CA SER B 190 19.64 28.33 29.14
C SER B 190 18.19 28.81 29.06
N ALA B 191 17.32 27.87 28.70
CA ALA B 191 15.87 28.07 28.69
C ALA B 191 15.28 28.53 30.03
N ASN B 192 15.89 28.13 31.15
CA ASN B 192 15.44 28.56 32.50
C ASN B 192 16.51 29.35 33.25
N LYS B 193 17.47 29.89 32.50
CA LYS B 193 18.60 30.69 33.03
C LYS B 193 19.48 30.01 34.09
N CYS B 194 19.60 28.70 33.98
CA CYS B 194 20.39 27.93 34.92
C CYS B 194 21.87 28.21 34.78
N THR B 195 22.53 28.42 35.92
CA THR B 195 23.96 28.72 36.02
C THR B 195 24.79 27.55 36.56
N LYS B 196 24.10 26.51 37.00
CA LYS B 196 24.72 25.45 37.79
C LYS B 196 25.57 24.47 36.98
N SER B 197 25.47 24.51 35.66
CA SER B 197 26.44 23.79 34.82
C SER B 197 27.86 24.31 35.01
N GLY B 198 27.98 25.59 35.34
CA GLY B 198 29.27 26.27 35.45
C GLY B 198 29.85 26.60 34.09
N TRP B 199 29.08 26.41 33.02
CA TRP B 199 29.57 26.52 31.65
C TRP B 199 29.22 27.88 31.09
N THR B 200 30.24 28.68 30.80
CA THR B 200 30.05 30.00 30.17
C THR B 200 30.75 30.02 28.80
N GLY B 201 31.02 28.83 28.26
CA GLY B 201 31.52 28.70 26.90
C GLY B 201 30.38 28.70 25.90
N SER B 202 30.72 28.42 24.64
CA SER B 202 29.77 28.38 23.57
C SER B 202 28.90 27.10 23.61
N ALA B 203 27.81 27.14 22.86
CA ALA B 203 26.90 26.01 22.75
C ALA B 203 26.21 25.93 21.40
N ILE B 204 25.60 24.75 21.13
CA ILE B 204 24.67 24.59 20.03
C ILE B 204 23.32 24.14 20.56
N HIS B 205 22.27 24.88 20.18
CA HIS B 205 20.89 24.47 20.45
C HIS B 205 20.47 23.54 19.33
N ILE B 206 20.41 22.25 19.64
CA ILE B 206 19.93 21.31 18.65
C ILE B 206 18.44 21.20 18.82
N ASP B 207 17.68 21.98 18.04
CA ASP B 207 16.23 22.16 18.24
C ASP B 207 15.47 21.23 17.32
N GLY B 208 15.64 19.92 17.53
CA GLY B 208 14.97 18.92 16.69
C GLY B 208 15.74 17.61 16.70
N ALA B 209 15.16 16.58 16.10
CA ALA B 209 15.79 15.28 15.98
C ALA B 209 16.79 15.23 14.81
N TYR B 210 17.74 16.15 14.86
CA TYR B 210 18.76 16.26 13.87
C TYR B 210 19.79 15.12 13.98
N GLN B 211 20.53 14.94 12.90
CA GLN B 211 21.63 13.97 12.83
C GLN B 211 22.90 14.74 13.08
N TRP B 212 23.98 14.01 13.37
CA TRP B 212 25.29 14.67 13.60
C TRP B 212 25.76 15.51 12.40
N ARG B 213 25.47 15.04 11.20
CA ARG B 213 25.80 15.76 10.00
C ARG B 213 25.30 17.22 10.09
N ASP B 214 24.08 17.41 10.54
CA ASP B 214 23.44 18.73 10.58
C ASP B 214 24.12 19.63 11.60
N VAL B 215 24.47 19.04 12.73
CA VAL B 215 25.10 19.72 13.86
C VAL B 215 26.51 20.17 13.47
N TYR B 216 27.22 19.26 12.80
CA TYR B 216 28.57 19.51 12.36
C TYR B 216 28.71 20.69 11.38
N THR B 217 27.75 20.86 10.48
CA THR B 217 27.76 21.97 9.53
C THR B 217 27.75 23.35 10.26
N VAL B 218 26.94 23.44 11.31
CA VAL B 218 26.85 24.66 12.11
C VAL B 218 28.10 24.88 12.98
N ALA B 219 28.60 23.82 13.60
CA ALA B 219 29.84 23.91 14.40
C ALA B 219 31.02 24.38 13.54
N GLN B 220 31.11 23.81 12.35
CA GLN B 220 32.17 24.18 11.39
C GLN B 220 32.05 25.62 10.94
N ALA B 221 30.83 26.08 10.66
CA ALA B 221 30.63 27.48 10.28
C ALA B 221 31.04 28.44 11.38
N ASN B 222 31.01 27.99 12.63
CA ASN B 222 31.35 28.81 13.78
C ASN B 222 32.72 28.50 14.40
N ASN B 223 33.55 27.76 13.66
CA ASN B 223 34.90 27.39 14.11
C ASN B 223 34.94 26.75 15.52
N VAL B 224 34.00 25.87 15.81
CA VAL B 224 34.03 25.15 17.09
C VAL B 224 33.93 23.65 16.86
N ILE B 225 34.20 22.92 17.93
CA ILE B 225 34.22 21.46 17.90
C ILE B 225 32.97 20.94 18.60
N ALA B 226 32.13 20.25 17.83
CA ALA B 226 30.99 19.56 18.33
C ALA B 226 31.40 18.11 18.50
N VAL B 227 31.18 17.56 19.69
CA VAL B 227 31.64 16.24 20.04
C VAL B 227 30.53 15.23 19.70
N GLY B 228 30.54 14.77 18.45
CA GLY B 228 29.57 13.85 17.89
C GLY B 228 30.23 12.50 17.62
N GLY B 229 29.53 11.66 16.87
CA GLY B 229 30.03 10.37 16.51
C GLY B 229 31.03 10.39 15.37
N GLY B 230 31.68 9.26 15.21
CA GLY B 230 32.58 9.04 14.12
C GLY B 230 31.87 8.93 12.79
N SER B 231 30.60 8.55 12.84
CA SER B 231 29.72 8.55 11.67
C SER B 231 28.70 9.68 11.83
N PRO B 232 28.43 10.46 10.77
CA PRO B 232 27.53 11.62 10.98
C PRO B 232 26.03 11.36 10.79
N SER B 233 25.66 10.14 10.41
CA SER B 233 24.26 9.79 10.15
C SER B 233 23.38 9.55 11.40
N PRO B 234 23.95 9.02 12.50
CA PRO B 234 23.14 8.81 13.68
C PRO B 234 22.55 10.08 14.27
N GLY B 235 21.44 9.93 15.01
CA GLY B 235 20.79 11.08 15.65
C GLY B 235 21.66 11.74 16.69
N ALA B 236 21.52 13.06 16.83
CA ALA B 236 22.29 13.83 17.79
C ALA B 236 21.70 13.80 19.19
N ILE B 237 20.39 13.62 19.33
CA ILE B 237 19.74 13.80 20.62
C ILE B 237 18.96 12.57 21.15
N GLY B 238 19.14 11.36 20.55
CA GLY B 238 18.34 10.21 20.95
C GLY B 238 19.18 9.20 21.66
N GLY B 239 19.34 8.03 21.05
CA GLY B 239 20.13 6.97 21.65
C GLY B 239 21.60 7.26 21.77
N TRP B 240 22.16 8.05 20.86
CA TRP B 240 23.60 8.30 20.86
C TRP B 240 24.09 8.90 22.20
N PRO B 241 23.58 10.11 22.59
CA PRO B 241 24.05 10.73 23.85
C PRO B 241 23.52 9.99 25.09
N SER B 242 22.30 9.48 25.02
CA SER B 242 21.66 8.86 26.18
C SER B 242 22.36 7.57 26.66
N GLY B 243 22.99 6.90 25.72
CA GLY B 243 23.76 5.70 26.02
C GLY B 243 25.23 5.92 26.31
N GLY B 244 25.72 7.14 26.11
CA GLY B 244 27.17 7.38 26.12
C GLY B 244 27.59 8.27 24.98
N GLY B 245 27.77 7.66 23.80
CA GLY B 245 28.17 8.40 22.60
C GLY B 245 29.66 8.69 22.54
N HIS B 246 30.38 7.89 21.74
CA HIS B 246 31.80 8.06 21.49
C HIS B 246 32.02 8.60 20.11
N GLY B 247 33.20 9.18 19.93
CA GLY B 247 33.59 9.78 18.65
C GLY B 247 35.04 10.22 18.76
N PRO B 248 35.61 10.76 17.70
CA PRO B 248 37.01 11.18 17.74
C PRO B 248 37.42 12.13 18.89
N ALA B 249 36.50 13.03 19.26
CA ALA B 249 36.82 14.12 20.20
C ALA B 249 36.45 13.85 21.68
N THR B 250 35.95 12.66 22.02
CA THR B 250 35.46 12.41 23.37
C THR B 250 36.55 12.25 24.44
N HIS B 251 37.65 11.58 24.12
CA HIS B 251 38.78 11.55 25.06
C HIS B 251 39.16 13.00 25.49
N ASN B 252 39.26 13.88 24.53
CA ASN B 252 39.73 15.25 24.79
C ASN B 252 38.70 16.14 25.45
N PHE B 253 37.41 15.98 25.10
CA PHE B 253 36.38 16.93 25.58
C PHE B 253 35.21 16.32 26.36
N GLY B 254 35.21 14.99 26.53
CA GLY B 254 34.14 14.31 27.25
C GLY B 254 33.23 13.51 26.36
N LEU B 255 32.59 12.50 26.95
CA LEU B 255 31.61 11.72 26.21
C LEU B 255 30.39 12.54 25.86
N GLY B 256 29.63 12.06 24.88
CA GLY B 256 28.46 12.77 24.37
C GLY B 256 27.44 13.10 25.44
N ALA B 257 27.18 12.13 26.31
CA ALA B 257 26.28 12.33 27.44
C ALA B 257 26.66 13.54 28.27
N ASP B 258 27.96 13.77 28.44
CA ASP B 258 28.44 14.86 29.25
C ASP B 258 28.53 16.22 28.52
N GLN B 259 28.29 16.22 27.22
CA GLN B 259 28.13 17.46 26.47
C GLN B 259 26.76 18.10 26.68
N VAL B 260 25.78 17.31 27.12
CA VAL B 260 24.41 17.79 27.21
C VAL B 260 24.26 18.75 28.40
N LEU B 261 23.89 19.98 28.11
CA LEU B 261 23.69 21.03 29.10
C LEU B 261 22.27 21.10 29.61
N GLU B 262 21.30 20.84 28.70
CA GLU B 262 19.89 20.77 29.04
C GLU B 262 19.11 20.11 27.90
N ALA B 263 17.84 19.83 28.16
CA ALA B 263 16.94 19.25 27.18
C ALA B 263 15.50 19.73 27.41
N GLN B 264 14.71 19.75 26.35
CA GLN B 264 13.28 19.86 26.42
C GLN B 264 12.76 18.47 26.13
N ILE B 265 11.83 17.99 26.94
CA ILE B 265 11.33 16.63 26.90
C ILE B 265 9.83 16.62 27.16
N MET B 266 9.10 15.91 26.30
CA MET B 266 7.67 15.64 26.51
C MET B 266 7.52 14.34 27.28
N LEU B 267 6.91 14.45 28.45
CA LEU B 267 6.73 13.27 29.31
C LEU B 267 5.57 12.42 28.79
N ALA B 268 5.46 11.18 29.28
CA ALA B 268 4.34 10.30 28.98
C ALA B 268 2.96 10.93 29.23
N ASP B 269 2.88 11.79 30.23
CA ASP B 269 1.65 12.52 30.55
C ASP B 269 1.39 13.71 29.62
N GLY B 270 2.28 13.97 28.67
CA GLY B 270 2.05 14.99 27.66
C GLY B 270 2.67 16.35 28.01
N ARG B 271 3.08 16.56 29.26
CA ARG B 271 3.78 17.80 29.65
C ARG B 271 5.15 17.94 29.02
N ILE B 272 5.43 19.16 28.57
CA ILE B 272 6.75 19.50 28.04
C ILE B 272 7.55 20.16 29.14
N VAL B 273 8.68 19.55 29.54
CA VAL B 273 9.49 20.06 30.66
C VAL B 273 10.93 20.33 30.27
N THR B 274 11.57 21.24 31.00
CA THR B 274 13.01 21.44 30.90
C THR B 274 13.70 20.49 31.86
N ALA B 275 14.77 19.86 31.38
CA ALA B 275 15.64 19.03 32.21
C ALA B 275 17.06 19.57 32.14
N ASN B 276 17.54 20.06 33.27
CA ASN B 276 18.93 20.52 33.40
C ASN B 276 19.36 20.51 34.86
N HIS B 277 20.46 21.19 35.15
CA HIS B 277 21.05 21.18 36.49
C HIS B 277 20.11 21.78 37.54
N CYS B 278 19.23 22.69 37.10
CA CYS B 278 18.34 23.42 37.97
C CYS B 278 16.92 22.89 38.00
N GLU B 279 16.55 22.04 37.05
CA GLU B 279 15.15 21.64 36.92
C GLU B 279 15.03 20.19 36.45
N ASN B 280 14.20 19.44 37.14
CA ASN B 280 14.07 18.00 36.92
C ASN B 280 15.45 17.34 36.76
N SER B 281 16.34 17.64 37.70
CA SER B 281 17.73 17.20 37.62
C SER B 281 17.89 15.66 37.64
N ASP B 282 16.93 14.96 38.25
CA ASP B 282 16.93 13.49 38.22
C ASP B 282 16.63 12.95 36.82
N LEU B 283 15.72 13.62 36.11
CA LEU B 283 15.49 13.30 34.70
C LEU B 283 16.70 13.61 33.81
N PHE B 284 17.37 14.72 34.11
CA PHE B 284 18.52 15.21 33.35
C PHE B 284 19.69 14.22 33.45
N ARG B 285 19.89 13.71 34.67
CA ARG B 285 20.88 12.70 34.93
C ARG B 285 20.56 11.39 34.22
N ALA B 286 19.31 10.95 34.30
CA ALA B 286 18.86 9.72 33.65
C ALA B 286 19.14 9.68 32.13
N ILE B 287 18.82 10.78 31.45
CA ILE B 287 19.04 10.82 29.97
C ILE B 287 20.51 10.96 29.60
N ARG B 288 21.36 11.32 30.55
CA ARG B 288 22.81 11.44 30.33
C ARG B 288 23.53 10.19 30.82
N GLY B 289 23.23 9.05 30.19
CA GLY B 289 23.87 7.77 30.52
C GLY B 289 22.94 6.60 30.87
N GLY B 290 21.67 6.89 31.13
CA GLY B 290 20.71 5.87 31.50
C GLY B 290 19.85 5.31 30.39
N GLY B 291 20.25 5.58 29.15
CA GLY B 291 19.56 5.07 28.00
C GLY B 291 18.32 5.86 27.61
N PRO B 292 17.53 5.30 26.67
CA PRO B 292 16.27 5.87 26.26
C PRO B 292 15.12 5.48 27.17
N GLY B 293 14.01 6.18 26.99
CA GLY B 293 12.70 5.75 27.51
C GLY B 293 12.19 6.49 28.74
N TYR B 294 12.73 7.68 29.00
CA TYR B 294 12.30 8.51 30.12
C TYR B 294 11.27 9.54 29.67
N GLY B 295 11.26 9.85 28.38
CA GLY B 295 10.41 10.89 27.81
C GLY B 295 10.85 11.06 26.36
N ILE B 296 10.08 11.82 25.59
CA ILE B 296 10.43 12.08 24.18
C ILE B 296 11.30 13.33 24.10
N VAL B 297 12.57 13.17 23.71
CA VAL B 297 13.50 14.28 23.68
C VAL B 297 13.25 15.18 22.46
N LEU B 298 12.81 16.39 22.73
CA LEU B 298 12.48 17.40 21.70
C LEU B 298 13.69 18.18 21.25
N SER B 299 14.56 18.52 22.19
CA SER B 299 15.73 19.35 21.87
C SER B 299 16.81 19.14 22.94
N GLN B 300 18.06 19.41 22.62
CA GLN B 300 19.10 19.54 23.62
C GLN B 300 20.00 20.69 23.29
N HIS B 301 20.64 21.21 24.32
CA HIS B 301 21.76 22.12 24.16
C HIS B 301 23.05 21.32 24.45
N ILE B 302 24.08 21.42 23.60
CA ILE B 302 25.40 20.83 23.85
C ILE B 302 26.50 21.87 24.01
N LYS B 303 27.45 21.60 24.90
CA LYS B 303 28.72 22.34 24.93
C LYS B 303 29.39 22.16 23.58
N VAL B 304 29.98 23.23 23.07
CA VAL B 304 30.93 23.13 21.95
C VAL B 304 32.22 23.80 22.38
N HIS B 305 33.31 23.41 21.75
CA HIS B 305 34.65 23.67 22.26
C HIS B 305 35.49 24.43 21.25
N PRO B 306 36.40 25.31 21.73
CA PRO B 306 37.30 26.02 20.81
C PRO B 306 38.01 25.06 19.83
N ASN B 307 38.15 25.50 18.58
CA ASN B 307 38.94 24.75 17.61
C ASN B 307 40.40 24.64 18.09
N VAL B 308 41.11 23.63 17.59
CA VAL B 308 42.52 23.40 17.92
C VAL B 308 43.38 23.86 16.76
N LYS B 309 44.66 24.08 17.02
CA LYS B 309 45.58 24.43 15.96
C LYS B 309 46.24 23.26 15.27
N ALA B 310 46.17 22.09 15.87
CA ALA B 310 46.79 20.93 15.28
C ALA B 310 46.12 19.68 15.75
N VAL B 311 46.12 18.69 14.87
CA VAL B 311 45.76 17.31 15.20
C VAL B 311 46.70 16.47 14.34
N THR B 312 47.27 15.45 14.92
CA THR B 312 48.04 14.49 14.14
C THR B 312 47.42 13.11 14.27
N ALA B 313 47.23 12.45 13.12
CA ALA B 313 46.71 11.10 13.06
C ALA B 313 47.83 10.09 12.86
N HIS B 314 47.69 8.93 13.48
CA HIS B 314 48.66 7.84 13.40
C HIS B 314 48.00 6.65 12.75
N ARG B 315 48.47 6.24 11.58
CA ARG B 315 47.95 5.06 10.92
C ARG B 315 48.89 3.88 11.13
N LEU B 316 48.39 2.83 11.76
CA LEU B 316 49.22 1.65 12.06
C LEU B 316 48.64 0.45 11.39
N ALA B 317 49.46 -0.41 10.83
CA ALA B 317 48.98 -1.66 10.26
C ALA B 317 49.99 -2.76 10.52
N ILE B 318 49.48 -3.92 10.90
CA ILE B 318 50.27 -5.06 11.30
C ILE B 318 49.73 -6.29 10.61
N ALA B 319 50.60 -7.04 9.96
CA ALA B 319 50.23 -8.29 9.33
C ALA B 319 51.32 -9.33 9.56
N PRO B 320 50.95 -10.63 9.51
CA PRO B 320 51.93 -11.71 9.54
C PRO B 320 52.81 -11.68 8.32
N ARG B 321 54.10 -11.94 8.50
CA ARG B 321 54.97 -12.28 7.42
C ARG B 321 54.59 -13.65 6.88
N ASN B 322 54.23 -14.56 7.79
CA ASN B 322 53.94 -15.96 7.42
C ASN B 322 52.62 -16.26 8.06
N GLU B 323 51.61 -16.24 7.22
CA GLU B 323 50.26 -16.41 7.70
C GLU B 323 49.97 -17.89 7.96
N THR B 324 49.34 -18.14 9.11
CA THR B 324 48.85 -19.47 9.49
C THR B 324 47.44 -19.29 10.08
N ALA B 325 46.74 -20.41 10.19
CA ALA B 325 45.40 -20.43 10.81
C ALA B 325 45.45 -20.01 12.28
N GLU B 326 46.48 -20.47 12.99
CA GLU B 326 46.69 -20.08 14.38
C GLU B 326 47.06 -18.58 14.55
N ASN B 327 47.87 -18.04 13.64
CA ASN B 327 48.35 -16.63 13.69
C ASN B 327 48.84 -16.24 15.09
N LYS B 328 49.67 -17.11 15.64
CA LYS B 328 50.15 -16.93 17.03
C LYS B 328 50.85 -15.58 17.20
N ASP B 329 51.75 -15.24 16.29
CA ASP B 329 52.60 -14.04 16.39
C ASP B 329 51.77 -12.74 16.27
N LEU B 330 50.83 -12.71 15.33
CA LEU B 330 49.90 -11.59 15.18
C LEU B 330 49.13 -11.33 16.45
N LEU B 331 48.60 -12.39 17.03
CA LEU B 331 47.78 -12.25 18.22
C LEU B 331 48.65 -11.92 19.44
N ASP B 332 49.89 -12.41 19.50
CA ASP B 332 50.81 -12.00 20.57
C ASP B 332 50.95 -10.45 20.56
N ALA B 333 51.17 -9.89 19.38
CA ALA B 333 51.41 -8.46 19.20
C ALA B 333 50.14 -7.65 19.51
N ILE B 334 48.97 -8.19 19.17
CA ILE B 334 47.69 -7.55 19.47
C ILE B 334 47.44 -7.52 20.99
N ALA B 335 47.79 -8.62 21.64
CA ALA B 335 47.77 -8.66 23.10
C ALA B 335 48.67 -7.58 23.70
N VAL B 336 49.92 -7.50 23.21
CA VAL B 336 50.87 -6.48 23.69
C VAL B 336 50.31 -5.07 23.47
N LEU B 337 49.75 -4.84 22.28
CA LEU B 337 49.19 -3.56 21.90
C LEU B 337 48.08 -3.16 22.85
N HIS B 338 47.20 -4.10 23.16
CA HIS B 338 46.14 -3.84 24.14
C HIS B 338 46.73 -3.38 25.47
N GLN B 339 47.81 -4.00 25.91
CA GLN B 339 48.50 -3.57 27.16
C GLN B 339 49.08 -2.16 27.12
N GLN B 340 49.35 -1.63 25.92
CA GLN B 340 49.92 -0.28 25.78
C GLN B 340 48.87 0.82 25.73
N LEU B 341 47.59 0.44 25.61
CA LEU B 341 46.55 1.44 25.37
C LEU B 341 46.39 2.47 26.49
N PRO B 342 46.50 2.03 27.76
CA PRO B 342 46.31 3.03 28.82
C PRO B 342 47.37 4.12 28.80
N ALA B 343 48.63 3.73 28.58
CA ALA B 343 49.71 4.69 28.46
C ALA B 343 49.43 5.66 27.32
N LEU B 344 49.05 5.10 26.17
CA LEU B 344 48.66 5.93 25.04
C LEU B 344 47.52 6.89 25.38
N SER B 345 46.49 6.37 26.04
CA SER B 345 45.39 7.20 26.46
C SER B 345 45.86 8.34 27.39
N ASN B 346 46.70 8.01 28.37
CA ASN B 346 47.31 9.03 29.23
C ASN B 346 48.12 10.11 28.49
N ASN B 347 48.69 9.73 27.35
CA ASN B 347 49.39 10.65 26.49
C ASN B 347 48.50 11.43 25.51
N GLY B 348 47.18 11.41 25.68
CA GLY B 348 46.27 12.14 24.76
C GLY B 348 45.93 11.48 23.42
N VAL B 349 46.10 10.15 23.36
CA VAL B 349 45.80 9.40 22.15
C VAL B 349 44.37 8.83 22.24
N ALA B 350 43.68 8.89 21.11
CA ALA B 350 42.34 8.35 20.95
C ALA B 350 42.15 7.83 19.55
N GLY B 351 41.07 7.05 19.36
CA GLY B 351 40.67 6.59 18.02
C GLY B 351 40.23 5.14 17.98
N TYR B 352 40.32 4.53 16.81
CA TYR B 352 39.73 3.23 16.61
C TYR B 352 40.67 2.27 15.94
N GLY B 353 40.66 1.03 16.43
CA GLY B 353 41.47 -0.07 15.91
C GLY B 353 40.60 -1.26 15.56
N PHE B 354 41.03 -2.01 14.54
CA PHE B 354 40.25 -3.06 13.91
C PHE B 354 41.16 -4.22 13.62
N TRP B 355 40.72 -5.46 13.86
CA TRP B 355 41.58 -6.58 13.63
C TRP B 355 40.81 -7.89 13.42
N PHE B 356 41.49 -8.82 12.77
CA PHE B 356 40.93 -10.08 12.34
C PHE B 356 41.99 -11.13 12.47
N ARG B 357 41.64 -12.24 13.10
CA ARG B 357 42.49 -13.43 13.07
C ARG B 357 42.53 -14.06 11.69
N SER B 358 41.37 -14.02 11.04
CA SER B 358 41.24 -14.50 9.67
C SER B 358 40.14 -13.68 9.03
N PHE B 359 40.30 -13.42 7.74
CA PHE B 359 39.39 -12.55 6.97
C PHE B 359 39.19 -13.17 5.61
N PRO B 360 38.01 -13.00 4.98
CA PRO B 360 37.83 -13.67 3.70
C PRO B 360 38.52 -12.99 2.51
N GLY B 361 39.81 -12.72 2.62
CA GLY B 361 40.52 -12.00 1.58
C GLY B 361 41.58 -11.12 2.21
N PRO B 362 42.29 -10.36 1.39
CA PRO B 362 43.34 -9.51 1.93
C PRO B 362 42.78 -8.47 2.88
N PHE B 363 43.36 -8.39 4.08
CA PHE B 363 43.01 -7.36 5.03
C PHE B 363 44.15 -6.34 5.18
N VAL B 364 45.35 -6.77 5.53
CA VAL B 364 46.49 -5.86 5.63
C VAL B 364 47.47 -6.28 4.58
N GLY B 365 47.63 -5.37 3.60
CA GLY B 365 48.41 -5.60 2.41
C GLY B 365 47.94 -6.89 1.78
N ASP B 366 48.88 -7.81 1.74
CA ASP B 366 48.77 -9.10 1.10
C ASP B 366 48.12 -10.20 1.97
N ALA B 367 48.09 -9.98 3.28
CA ALA B 367 47.73 -10.98 4.25
C ALA B 367 46.23 -10.98 4.48
N HIS B 368 45.64 -12.16 4.60
CA HIS B 368 44.22 -12.32 4.88
C HIS B 368 43.95 -12.28 6.39
N SER B 369 44.59 -11.34 7.08
CA SER B 369 44.48 -11.15 8.51
C SER B 369 45.28 -9.90 8.91
N GLY B 370 45.13 -9.49 10.15
CA GLY B 370 45.92 -8.40 10.69
C GLY B 370 45.17 -7.44 11.58
N TYR B 371 45.84 -6.34 11.89
CA TYR B 371 45.38 -5.30 12.78
C TYR B 371 45.63 -4.00 12.09
N THR B 372 44.68 -3.08 12.16
CA THR B 372 44.88 -1.74 11.64
C THR B 372 44.24 -0.74 12.58
N HIS B 373 44.77 0.47 12.62
CA HIS B 373 44.10 1.54 13.37
C HIS B 373 44.30 2.93 12.82
N GLY B 374 43.36 3.82 13.17
CA GLY B 374 43.44 5.27 13.01
C GLY B 374 43.32 5.87 14.40
N PHE B 375 44.47 6.27 14.95
CA PHE B 375 44.56 6.93 16.23
C PHE B 375 44.98 8.38 15.98
N TRP B 376 44.91 9.20 17.02
CA TRP B 376 45.24 10.61 16.90
C TRP B 376 45.48 11.27 18.22
N THR B 377 46.27 12.35 18.16
CA THR B 377 46.51 13.25 19.26
C THR B 377 45.98 14.62 18.90
N ILE B 378 44.75 14.91 19.33
CA ILE B 378 44.16 16.24 19.11
C ILE B 378 44.92 17.26 19.90
N GLY B 379 45.34 18.34 19.25
CA GLY B 379 46.04 19.43 19.92
C GLY B 379 47.57 19.33 19.85
N LYS B 380 48.11 18.29 19.19
CA LYS B 380 49.56 18.04 19.16
C LYS B 380 50.07 17.87 17.76
N ARG B 381 51.25 18.46 17.50
CA ARG B 381 51.92 18.37 16.21
C ARG B 381 52.64 17.03 16.16
N GLN B 382 53.22 16.69 15.03
CA GLN B 382 53.71 15.34 14.78
C GLN B 382 54.76 14.84 15.77
N ALA B 383 55.69 15.72 16.13
CA ALA B 383 56.77 15.36 17.07
C ALA B 383 56.20 14.87 18.39
N GLU B 384 55.17 15.56 18.89
CA GLU B 384 54.53 15.19 20.13
C GLU B 384 53.65 13.96 19.94
N ALA B 385 53.07 13.83 18.74
CA ALA B 385 52.30 12.63 18.38
C ALA B 385 53.16 11.37 18.40
N GLU B 386 54.38 11.48 17.87
CA GLU B 386 55.30 10.34 17.86
C GLU B 386 55.68 9.92 19.28
N LYS B 387 55.93 10.89 20.16
CA LYS B 387 56.24 10.58 21.55
C LYS B 387 55.05 9.89 22.20
N ALA B 388 53.84 10.37 21.86
CA ALA B 388 52.63 9.87 22.46
C ALA B 388 52.39 8.38 22.19
N VAL B 389 52.73 7.92 20.99
CA VAL B 389 52.55 6.50 20.61
C VAL B 389 53.81 5.67 20.78
N ALA B 390 54.89 6.29 21.26
CA ALA B 390 56.14 5.62 21.43
C ALA B 390 56.03 4.39 22.30
N PRO B 391 55.31 4.45 23.44
CA PRO B 391 55.24 3.23 24.26
C PRO B 391 54.76 2.00 23.46
N LEU B 392 53.83 2.23 22.55
CA LEU B 392 53.37 1.17 21.61
C LEU B 392 54.39 0.77 20.57
N MET B 393 54.97 1.74 19.86
CA MET B 393 55.96 1.37 18.78
C MET B 393 57.21 0.70 19.35
N ASN B 394 57.62 1.14 20.54
CA ASN B 394 58.73 0.51 21.23
C ASN B 394 58.40 -0.94 21.59
N ALA B 395 57.17 -1.19 22.06
CA ALA B 395 56.78 -2.54 22.44
C ALA B 395 56.69 -3.45 21.21
N LEU B 396 56.32 -2.86 20.07
CA LEU B 396 56.26 -3.58 18.79
C LEU B 396 57.57 -3.90 18.10
N LYS B 397 58.68 -3.23 18.48
CA LYS B 397 60.00 -3.57 17.92
C LYS B 397 60.37 -5.06 18.05
N LYS B 398 59.87 -5.72 19.10
CA LYS B 398 60.20 -7.16 19.31
C LYS B 398 59.58 -8.09 18.28
N PHE B 399 58.62 -7.58 17.49
CA PHE B 399 57.91 -8.36 16.48
C PHE B 399 58.35 -8.07 15.05
N GLU B 400 59.48 -7.37 14.86
CA GLU B 400 59.86 -6.95 13.50
C GLU B 400 60.26 -8.10 12.63
N ASP B 401 60.86 -9.15 13.21
CA ASP B 401 61.18 -10.36 12.47
C ASP B 401 59.98 -11.22 12.08
N LYS B 402 58.88 -11.07 12.81
CA LYS B 402 57.72 -11.97 12.72
C LYS B 402 56.53 -11.33 11.96
N LEU B 403 56.45 -9.99 11.99
CA LEU B 403 55.33 -9.27 11.41
C LEU B 403 55.80 -8.11 10.55
N VAL B 404 55.00 -7.80 9.52
CA VAL B 404 55.17 -6.59 8.74
C VAL B 404 54.36 -5.47 9.40
N ILE B 405 55.03 -4.39 9.75
CA ILE B 405 54.40 -3.28 10.50
C ILE B 405 54.65 -1.98 9.75
N THR B 406 53.61 -1.22 9.52
CA THR B 406 53.71 0.08 8.89
C THR B 406 53.09 1.11 9.80
N SER B 407 53.67 2.29 9.78
CA SER B 407 53.36 3.31 10.76
C SER B 407 53.56 4.64 10.09
N THR B 408 52.50 5.43 9.96
CA THR B 408 52.61 6.76 9.36
C THR B 408 51.82 7.78 10.13
N PHE B 409 52.18 9.04 9.94
CA PHE B 409 51.53 10.16 10.61
C PHE B 409 51.08 11.18 9.58
N ALA B 410 49.95 11.80 9.85
CA ALA B 410 49.43 12.88 9.03
C ALA B 410 49.04 14.03 9.94
N GLU B 411 49.52 15.25 9.66
CA GLU B 411 49.22 16.44 10.46
C GLU B 411 48.12 17.25 9.80
N TYR B 412 47.18 17.76 10.61
CA TYR B 412 46.11 18.66 10.14
C TYR B 412 46.16 19.93 10.93
N GLN B 413 45.66 21.03 10.35
CA GLN B 413 45.72 22.38 10.95
C GLN B 413 44.45 22.83 11.70
N ASP B 414 43.44 21.97 11.77
CA ASP B 414 42.27 22.17 12.64
C ASP B 414 41.53 20.87 12.83
N TYR B 415 40.50 20.89 13.67
CA TYR B 415 39.74 19.72 13.95
C TYR B 415 39.00 19.17 12.70
N TRP B 416 38.38 20.07 11.94
CA TRP B 416 37.46 19.63 10.89
C TRP B 416 38.14 19.06 9.68
N SER B 417 39.29 19.60 9.26
CA SER B 417 40.03 18.98 8.16
C SER B 417 40.50 17.56 8.59
N PHE B 418 40.88 17.45 9.87
CA PHE B 418 41.23 16.16 10.47
C PHE B 418 40.02 15.23 10.47
N TYR B 419 38.88 15.75 10.92
CA TYR B 419 37.71 14.93 11.14
C TYR B 419 37.31 14.26 9.84
N TRP B 420 37.18 15.08 8.82
CA TRP B 420 36.68 14.58 7.52
C TRP B 420 37.66 13.70 6.80
N ALA B 421 38.96 13.89 7.05
CA ALA B 421 39.99 13.06 6.46
C ALA B 421 40.07 11.69 7.13
N GLU B 422 40.00 11.66 8.46
CA GLU B 422 40.28 10.47 9.24
C GLU B 422 39.04 9.78 9.80
N SER B 423 37.91 10.47 9.77
CA SER B 423 36.66 9.97 10.36
C SER B 423 35.50 10.40 9.43
N GLY B 424 34.32 10.69 9.98
CA GLY B 424 33.16 11.09 9.17
C GLY B 424 32.78 9.93 8.26
N LEU B 425 32.60 8.76 8.86
CA LEU B 425 32.44 7.51 8.11
C LEU B 425 30.97 7.35 7.65
N HIS B 426 30.85 6.74 6.48
CA HIS B 426 29.58 6.34 5.91
C HIS B 426 29.83 4.91 5.38
N ASP B 427 30.19 4.01 6.28
CA ASP B 427 30.49 2.63 5.92
C ASP B 427 29.24 1.83 5.58
N PRO B 428 29.40 0.69 4.89
CA PRO B 428 28.24 -0.12 4.57
C PRO B 428 27.57 -0.65 5.82
N VAL B 429 26.24 -0.78 5.76
CA VAL B 429 25.40 -1.23 6.89
C VAL B 429 24.43 -2.29 6.35
N GLY B 430 23.31 -2.51 7.03
CA GLY B 430 22.24 -3.41 6.51
C GLY B 430 22.27 -4.85 6.95
N SER B 431 23.19 -5.19 7.86
CA SER B 431 23.20 -6.51 8.50
C SER B 431 22.81 -6.45 9.97
N THR B 432 22.36 -7.59 10.48
CA THR B 432 22.08 -7.74 11.91
C THR B 432 23.37 -7.63 12.73
N SER B 433 23.28 -6.92 13.85
CA SER B 433 24.40 -6.77 14.76
C SER B 433 24.27 -7.79 15.87
N ILE B 434 25.31 -8.58 16.05
CA ILE B 434 25.44 -9.51 17.17
C ILE B 434 26.85 -9.33 17.74
N ILE B 435 26.95 -8.42 18.69
CA ILE B 435 28.20 -8.03 19.29
C ILE B 435 28.09 -8.04 20.82
N THR B 436 29.25 -8.01 21.45
CA THR B 436 29.39 -7.80 22.90
C THR B 436 30.42 -6.69 23.13
N SER B 437 30.24 -5.90 24.19
CA SER B 437 31.22 -4.85 24.48
C SER B 437 31.62 -4.90 25.94
N ARG B 438 32.88 -4.55 26.17
CA ARG B 438 33.46 -4.56 27.51
C ARG B 438 34.40 -3.38 27.68
N LEU B 439 34.08 -2.54 28.66
CA LEU B 439 34.98 -1.46 29.07
C LEU B 439 36.15 -2.12 29.78
N ILE B 440 37.38 -1.70 29.46
CA ILE B 440 38.61 -2.30 29.99
C ILE B 440 39.38 -1.30 30.85
N ASN B 441 39.53 -1.63 32.15
CA ASN B 441 40.30 -0.83 33.10
C ASN B 441 41.80 -1.24 33.04
N PRO B 442 42.72 -0.31 33.35
CA PRO B 442 44.17 -0.65 33.19
C PRO B 442 44.62 -1.89 33.93
N GLU B 443 44.07 -2.10 35.14
CA GLU B 443 44.43 -3.20 36.02
C GLU B 443 44.09 -4.59 35.43
N ALA B 444 43.16 -4.64 34.50
CA ALA B 444 42.82 -5.86 33.79
C ALA B 444 43.90 -6.30 32.80
N LEU B 445 44.91 -5.45 32.55
CA LEU B 445 45.86 -5.64 31.45
C LEU B 445 47.30 -5.82 31.87
N THR B 446 47.55 -5.97 33.16
CA THR B 446 48.91 -5.99 33.65
C THR B 446 49.53 -7.38 33.43
N ASP B 447 48.70 -8.43 33.41
CA ASP B 447 49.20 -9.80 33.20
C ASP B 447 49.04 -10.14 31.72
N TYR B 448 50.14 -10.19 31.00
CA TYR B 448 50.13 -10.54 29.59
C TYR B 448 49.37 -11.82 29.27
N ASN B 449 49.54 -12.86 30.10
CA ASN B 449 48.93 -14.14 29.76
C ASN B 449 47.42 -14.08 29.77
N LYS B 450 46.86 -13.36 30.73
CA LYS B 450 45.40 -13.17 30.80
C LYS B 450 44.85 -12.41 29.61
N VAL B 451 45.61 -11.44 29.14
CA VAL B 451 45.23 -10.63 28.01
C VAL B 451 45.29 -11.50 26.77
N ARG B 452 46.43 -12.15 26.57
CA ARG B 452 46.62 -13.07 25.45
C ARG B 452 45.52 -14.14 25.35
N GLU B 453 45.12 -14.69 26.49
CA GLU B 453 44.02 -15.64 26.55
C GLU B 453 42.66 -15.02 26.14
N ALA B 454 42.40 -13.81 26.55
CA ALA B 454 41.21 -13.06 26.11
C ALA B 454 41.21 -12.84 24.59
N ILE B 455 42.33 -12.35 24.08
CA ILE B 455 42.56 -12.20 22.64
C ILE B 455 42.37 -13.52 21.88
N GLU B 456 42.89 -14.63 22.40
CA GLU B 456 42.75 -15.93 21.75
C GLU B 456 41.28 -16.27 21.55
N VAL B 457 40.48 -16.15 22.63
CA VAL B 457 39.05 -16.42 22.54
C VAL B 457 38.26 -15.45 21.63
N VAL B 458 38.40 -14.13 21.81
CA VAL B 458 37.69 -13.17 20.96
C VAL B 458 38.13 -13.16 19.47
N ALA B 459 39.36 -13.60 19.18
CA ALA B 459 39.83 -13.81 17.81
C ALA B 459 38.93 -14.78 17.05
N GLY B 460 38.30 -15.70 17.77
CA GLY B 460 37.37 -16.62 17.19
C GLY B 460 38.11 -17.76 16.45
N LYS B 461 37.28 -18.62 15.86
CA LYS B 461 37.74 -19.76 15.14
C LYS B 461 38.18 -19.33 13.74
N PRO B 462 39.38 -19.74 13.32
CA PRO B 462 39.86 -19.47 11.95
C PRO B 462 38.88 -19.68 10.78
N GLU B 463 37.83 -20.49 11.00
CA GLU B 463 36.78 -20.77 9.99
C GLU B 463 35.73 -19.70 10.00
N GLU B 464 35.56 -19.03 11.13
CA GLU B 464 34.50 -18.06 11.31
C GLU B 464 35.14 -16.66 11.38
N VAL B 465 34.58 -15.73 10.62
CA VAL B 465 34.97 -14.33 10.69
C VAL B 465 34.43 -13.73 11.97
N SER B 466 35.32 -13.16 12.76
CA SER B 466 34.96 -12.46 13.99
C SER B 466 35.50 -11.03 13.88
N SER B 467 34.62 -10.06 14.01
CA SER B 467 35.01 -8.65 14.04
C SER B 467 35.44 -8.30 15.46
N ASN B 468 36.64 -7.75 15.59
CA ASN B 468 37.11 -7.23 16.86
C ASN B 468 37.48 -5.74 16.66
N VAL B 469 37.08 -4.91 17.61
CA VAL B 469 37.23 -3.49 17.48
C VAL B 469 37.66 -2.94 18.84
N VAL B 470 38.64 -2.02 18.78
CA VAL B 470 39.08 -1.23 19.91
C VAL B 470 38.56 0.20 19.80
N LEU B 471 37.85 0.69 20.82
CA LEU B 471 37.35 2.10 20.85
C LEU B 471 38.16 2.87 21.87
N LEU B 472 39.25 3.49 21.43
CA LEU B 472 40.11 4.21 22.35
C LEU B 472 39.49 5.59 22.51
N VAL B 473 38.42 5.65 23.31
CA VAL B 473 37.52 6.81 23.30
C VAL B 473 37.26 7.41 24.67
N SER B 474 37.83 6.82 25.72
CA SER B 474 37.64 7.36 27.04
C SER B 474 39.03 7.80 27.52
N GLY B 475 39.26 7.83 28.84
CA GLY B 475 40.43 8.45 29.39
C GLY B 475 40.28 9.98 29.34
N GLY B 476 41.34 10.68 29.66
CA GLY B 476 41.39 12.16 29.57
C GLY B 476 40.21 12.86 30.23
N GLN B 477 39.45 13.60 29.45
CA GLN B 477 38.36 14.42 30.00
C GLN B 477 37.20 13.54 30.51
N VAL B 478 37.05 12.36 29.92
CA VAL B 478 36.02 11.41 30.39
C VAL B 478 36.30 10.99 31.83
N PHE B 479 37.58 10.78 32.15
CA PHE B 479 38.00 10.48 33.52
C PHE B 479 37.77 11.68 34.41
N LYS B 480 38.24 12.83 33.97
CA LYS B 480 38.03 14.06 34.72
C LYS B 480 36.56 14.32 35.03
N ASP B 481 35.66 14.03 34.08
CA ASP B 481 34.24 14.36 34.22
C ASP B 481 33.53 13.49 35.25
N LYS B 482 34.26 12.60 35.91
CA LYS B 482 33.78 11.98 37.14
C LYS B 482 33.39 13.00 38.20
N ALA B 483 34.05 14.16 38.23
CA ALA B 483 33.67 15.24 39.13
C ALA B 483 32.25 15.79 38.91
N ASP B 484 31.72 15.62 37.71
CA ASP B 484 30.38 16.06 37.38
C ASP B 484 29.30 15.08 37.89
N THR B 485 28.77 15.38 39.07
CA THR B 485 27.72 14.56 39.69
C THR B 485 26.34 14.64 39.03
N SER B 486 26.11 15.63 38.14
CA SER B 486 24.88 15.68 37.35
C SER B 486 24.83 14.60 36.26
N SER B 487 25.96 13.99 35.97
CA SER B 487 26.04 12.93 34.96
C SER B 487 25.50 11.59 35.43
N GLY B 488 24.91 10.86 34.47
CA GLY B 488 24.41 9.51 34.71
C GLY B 488 25.26 8.41 34.11
N LEU B 489 26.51 8.70 33.73
CA LEU B 489 27.30 7.76 32.97
C LEU B 489 27.77 6.62 33.84
N HIS B 490 27.64 5.40 33.34
CA HIS B 490 28.22 4.19 33.97
C HIS B 490 29.58 4.50 34.62
N PRO B 491 29.73 4.26 35.93
CA PRO B 491 31.01 4.48 36.63
C PRO B 491 32.28 3.96 35.90
N ALA B 492 32.19 2.77 35.31
CA ALA B 492 33.30 2.18 34.60
C ALA B 492 33.92 3.08 33.53
N TRP B 493 33.13 3.97 32.92
CA TRP B 493 33.69 4.96 31.97
C TRP B 493 34.80 5.81 32.61
N ARG B 494 34.67 6.04 33.91
CA ARG B 494 35.60 6.89 34.61
C ARG B 494 36.95 6.22 34.89
N VAL B 495 37.03 4.89 34.74
CA VAL B 495 38.29 4.14 34.96
C VAL B 495 38.79 3.39 33.72
N SER B 496 38.00 3.33 32.65
CA SER B 496 38.32 2.50 31.49
C SER B 496 38.65 3.39 30.29
N PRO B 497 39.89 3.35 29.81
CA PRO B 497 40.24 4.27 28.73
C PRO B 497 39.74 3.81 27.36
N PHE B 498 39.44 2.52 27.22
CA PHE B 498 38.94 1.99 25.97
C PHE B 498 37.92 0.89 26.14
N VAL B 499 37.25 0.58 25.03
CA VAL B 499 36.26 -0.48 24.95
C VAL B 499 36.70 -1.51 23.93
N MET B 500 36.48 -2.79 24.24
CA MET B 500 36.63 -3.87 23.27
C MET B 500 35.24 -4.29 22.83
N ILE B 501 35.04 -4.38 21.52
CA ILE B 501 33.85 -4.96 20.91
C ILE B 501 34.26 -6.18 20.11
N SER B 502 33.56 -7.29 20.29
CA SER B 502 33.77 -8.49 19.50
C SER B 502 32.40 -8.97 19.02
N GLY B 503 32.32 -9.43 17.77
CA GLY B 503 31.02 -9.88 17.24
C GLY B 503 31.16 -10.81 16.05
N GLN B 504 30.02 -11.33 15.60
CA GLN B 504 29.95 -12.15 14.37
C GLN B 504 28.67 -11.82 13.66
N GLY B 505 28.67 -12.08 12.35
CA GLY B 505 27.49 -11.94 11.51
C GLY B 505 26.74 -13.25 11.33
N ILE B 506 25.52 -13.13 10.79
CA ILE B 506 24.70 -14.25 10.40
C ILE B 506 24.32 -14.03 8.95
N PRO B 507 24.01 -15.12 8.23
CA PRO B 507 23.50 -14.98 6.87
C PRO B 507 22.31 -14.02 6.82
N LYS B 508 22.14 -13.38 5.67
CA LYS B 508 21.06 -12.43 5.45
C LYS B 508 19.69 -13.10 5.69
N VAL B 509 19.52 -14.30 5.14
CA VAL B 509 18.40 -15.18 5.48
C VAL B 509 18.89 -16.24 6.44
N ALA B 510 18.62 -16.01 7.72
CA ALA B 510 19.19 -16.78 8.82
C ALA B 510 18.08 -17.55 9.52
N SER B 511 18.24 -18.86 9.61
CA SER B 511 17.32 -19.69 10.45
C SER B 511 17.47 -19.30 11.92
N ARG B 512 16.44 -19.55 12.71
CA ARG B 512 16.49 -19.33 14.15
C ARG B 512 17.65 -20.08 14.83
N GLU B 513 17.91 -21.30 14.36
CA GLU B 513 18.91 -22.15 14.94
C GLU B 513 20.30 -21.60 14.72
N ILE B 514 20.56 -21.08 13.51
CA ILE B 514 21.84 -20.52 13.17
C ILE B 514 22.09 -19.26 13.97
N ARG B 515 21.07 -18.42 14.12
CA ARG B 515 21.20 -17.21 14.94
C ARG B 515 21.46 -17.53 16.42
N ASP B 516 20.77 -18.55 16.96
CA ASP B 516 20.98 -18.96 18.37
C ASP B 516 22.42 -19.47 18.58
N TYR B 517 22.94 -20.20 17.60
CA TYR B 517 24.35 -20.66 17.63
C TYR B 517 25.32 -19.46 17.66
N VAL B 518 25.11 -18.52 16.76
CA VAL B 518 25.98 -17.34 16.72
C VAL B 518 25.82 -16.48 18.00
N GLN B 519 24.59 -16.25 18.43
CA GLN B 519 24.34 -15.44 19.63
C GLN B 519 25.02 -16.03 20.87
N HIS B 520 24.99 -17.37 20.96
CA HIS B 520 25.67 -18.08 22.02
C HIS B 520 27.19 -17.92 22.00
N GLN B 521 27.79 -17.98 20.82
CA GLN B 521 29.21 -17.70 20.73
C GLN B 521 29.54 -16.25 21.19
N VAL B 522 28.75 -15.28 20.73
CA VAL B 522 28.99 -13.90 21.10
C VAL B 522 28.78 -13.63 22.59
N THR B 523 27.68 -14.12 23.14
CA THR B 523 27.34 -13.86 24.53
C THR B 523 28.18 -14.71 25.52
N HIS B 524 28.21 -16.03 25.31
CA HIS B 524 28.75 -16.97 26.30
C HIS B 524 30.16 -17.48 26.06
N VAL B 525 30.73 -17.24 24.87
CA VAL B 525 32.15 -17.49 24.60
C VAL B 525 32.91 -16.15 24.54
N LYS B 526 32.56 -15.28 23.60
CA LYS B 526 33.24 -14.00 23.44
C LYS B 526 33.02 -13.08 24.67
N GLY B 527 31.77 -12.76 24.95
CA GLY B 527 31.40 -11.88 26.07
C GLY B 527 31.93 -12.33 27.41
N ALA B 528 31.88 -13.65 27.64
CA ALA B 528 32.38 -14.28 28.84
C ALA B 528 33.89 -14.14 29.04
N ALA B 529 34.63 -14.22 27.96
CA ALA B 529 36.08 -14.03 28.00
C ALA B 529 36.39 -12.58 28.35
N LEU B 530 35.63 -11.65 27.75
CA LEU B 530 35.85 -10.23 28.02
C LEU B 530 35.53 -9.87 29.47
N LYS B 531 34.50 -10.50 30.03
CA LYS B 531 34.14 -10.31 31.44
C LYS B 531 35.17 -10.86 32.36
N LYS B 532 35.68 -12.05 32.03
CA LYS B 532 36.78 -12.64 32.81
C LYS B 532 38.02 -11.76 32.79
N LEU B 533 38.34 -11.19 31.65
CA LEU B 533 39.42 -10.21 31.54
C LEU B 533 39.18 -8.98 32.41
N ALA B 534 38.02 -8.36 32.26
CA ALA B 534 37.66 -7.17 33.04
C ALA B 534 36.34 -7.35 33.80
N PRO B 535 36.39 -7.97 35.00
CA PRO B 535 35.12 -8.32 35.66
C PRO B 535 34.46 -7.21 36.45
N ASN B 536 35.14 -6.09 36.66
CA ASN B 536 34.61 -5.02 37.54
C ASN B 536 34.15 -3.80 36.81
N THR B 537 33.97 -3.89 35.49
CA THR B 537 33.63 -2.73 34.67
C THR B 537 32.17 -2.79 34.15
N GLY B 538 31.99 -3.09 32.88
CA GLY B 538 30.70 -3.05 32.24
C GLY B 538 30.85 -3.01 30.75
N GLY B 539 29.77 -2.73 30.07
CA GLY B 539 29.70 -2.72 28.62
C GLY B 539 29.07 -1.40 28.21
N TYR B 540 28.87 -1.28 26.90
CA TYR B 540 28.37 -0.08 26.24
C TYR B 540 27.02 -0.38 25.58
N MET B 541 25.93 0.16 26.13
CA MET B 541 24.57 -0.21 25.72
C MET B 541 24.31 -0.01 24.23
N ASN B 542 24.82 1.08 23.67
CA ASN B 542 24.57 1.45 22.27
C ASN B 542 25.16 0.49 21.27
N GLU B 543 26.29 -0.11 21.65
CA GLU B 543 26.99 -1.11 20.84
C GLU B 543 27.39 -2.20 21.82
N GLY B 544 26.42 -3.05 22.09
CA GLY B 544 26.49 -3.98 23.19
C GLY B 544 25.63 -5.20 23.05
N ASP B 545 25.69 -6.06 24.05
CA ASP B 545 25.04 -7.37 24.01
C ASP B 545 23.69 -7.32 24.63
N GLY B 546 22.65 -7.21 23.82
CA GLY B 546 21.29 -7.13 24.28
C GLY B 546 20.73 -8.46 24.72
N SER B 547 21.43 -9.58 24.43
CA SER B 547 21.06 -10.93 24.95
C SER B 547 21.79 -11.36 26.19
N ASP B 548 22.59 -10.48 26.78
CA ASP B 548 23.35 -10.84 27.97
C ASP B 548 22.35 -10.92 29.12
N PRO B 549 22.19 -12.10 29.74
CA PRO B 549 21.41 -12.19 30.97
C PRO B 549 21.77 -11.17 32.04
N GLU B 550 23.02 -10.72 32.06
CA GLU B 550 23.47 -9.74 33.02
C GLU B 550 23.54 -8.32 32.44
N TYR B 551 22.79 -8.06 31.37
CA TYR B 551 22.85 -6.76 30.68
C TYR B 551 22.61 -5.57 31.58
N ILE B 552 21.78 -5.70 32.63
CA ILE B 552 21.50 -4.53 33.50
C ILE B 552 22.79 -4.00 34.09
N ASP B 553 23.53 -4.93 34.67
CA ASP B 553 24.86 -4.69 35.28
C ASP B 553 25.81 -4.08 34.23
N ALA B 554 25.91 -4.76 33.09
CA ALA B 554 26.79 -4.37 32.00
C ALA B 554 26.47 -2.93 31.54
N PHE B 555 25.22 -2.68 31.26
CA PHE B 555 24.79 -1.47 30.58
C PHE B 555 24.78 -0.24 31.50
N TYR B 556 24.28 -0.43 32.72
CA TYR B 556 23.97 0.66 33.67
C TYR B 556 24.82 0.68 34.94
N GLY B 557 25.32 -0.49 35.34
CA GLY B 557 26.10 -0.62 36.57
C GLY B 557 25.37 -0.15 37.82
N LYS B 558 26.13 0.41 38.75
CA LYS B 558 25.61 0.85 40.03
C LYS B 558 24.69 2.07 39.95
N ASN B 559 24.67 2.77 38.79
CA ASN B 559 23.67 3.84 38.58
C ASN B 559 22.24 3.33 38.39
N TYR B 560 22.05 2.00 38.31
CA TYR B 560 20.79 1.47 37.84
C TYR B 560 19.60 1.87 38.72
N ALA B 561 19.74 1.71 40.04
CA ALA B 561 18.69 2.03 40.99
C ALA B 561 18.18 3.48 40.82
N GLN B 562 19.11 4.41 40.58
CA GLN B 562 18.75 5.80 40.32
C GLN B 562 18.10 5.97 38.96
N HIS B 563 18.59 5.26 37.95
CA HIS B 563 17.94 5.32 36.65
C HIS B 563 16.51 4.80 36.76
N LEU B 564 16.36 3.65 37.39
CA LEU B 564 15.05 3.07 37.61
C LEU B 564 14.10 3.98 38.35
N ALA B 565 14.57 4.68 39.39
CA ALA B 565 13.69 5.61 40.12
C ALA B 565 13.12 6.70 39.17
N ALA B 566 14.01 7.35 38.42
CA ALA B 566 13.61 8.31 37.40
C ALA B 566 12.64 7.71 36.36
N LYS B 567 12.88 6.48 35.96
CA LYS B 567 11.99 5.76 35.06
C LYS B 567 10.61 5.61 35.62
N ARG B 568 10.53 5.18 36.86
CA ARG B 568 9.25 4.97 37.53
C ARG B 568 8.53 6.29 37.89
N LYS B 569 9.29 7.34 38.22
CA LYS B 569 8.71 8.68 38.46
C LYS B 569 8.12 9.29 37.18
N TYR B 570 8.91 9.35 36.13
CA TYR B 570 8.57 10.08 34.91
C TYR B 570 7.77 9.30 33.86
N ASP B 571 7.90 7.97 33.86
CA ASP B 571 7.11 7.10 33.02
C ASP B 571 6.60 5.88 33.77
N PRO B 572 5.64 6.08 34.71
CA PRO B 572 5.19 4.96 35.53
C PRO B 572 4.53 3.80 34.76
N ASP B 573 3.90 4.12 33.62
CA ASP B 573 3.18 3.11 32.84
C ASP B 573 4.02 2.49 31.75
N ASN B 574 5.24 3.00 31.60
CA ASN B 574 6.21 2.50 30.65
C ASN B 574 5.69 2.61 29.22
N ILE B 575 5.17 3.79 28.94
CA ILE B 575 4.71 4.15 27.61
C ILE B 575 5.86 4.11 26.62
N PHE B 576 7.08 4.34 27.11
CA PHE B 576 8.25 4.38 26.25
C PHE B 576 9.12 3.15 26.38
N PHE B 577 8.51 2.00 26.66
CA PHE B 577 9.21 0.73 26.74
C PHE B 577 10.13 0.58 25.56
N CYS B 578 11.36 0.21 25.83
CA CYS B 578 12.24 -0.35 24.82
C CYS B 578 13.05 -1.49 25.41
N ARG B 579 13.42 -2.40 24.51
CA ARG B 579 14.15 -3.62 24.82
C ARG B 579 15.49 -3.30 25.49
N THR B 580 15.78 -3.91 26.65
CA THR B 580 16.98 -3.61 27.46
C THR B 580 17.02 -2.23 28.12
N CYS B 581 16.06 -1.36 27.83
CA CYS B 581 16.03 -0.02 28.45
C CYS B 581 15.76 -0.18 29.94
N VAL B 582 16.04 0.87 30.69
CA VAL B 582 15.87 0.81 32.14
C VAL B 582 14.40 0.50 32.43
N GLY B 583 14.16 -0.49 33.29
CA GLY B 583 12.81 -0.90 33.65
C GLY B 583 12.15 -1.96 32.74
N ALA B 584 12.85 -2.36 31.66
CA ALA B 584 12.27 -3.26 30.68
C ALA B 584 11.99 -4.65 31.21
N GLU B 585 12.67 -5.04 32.29
CA GLU B 585 12.45 -6.31 32.95
C GLU B 585 11.08 -6.47 33.58
N ASP B 586 10.32 -5.38 33.74
CA ASP B 586 8.94 -5.50 34.20
C ASP B 586 7.97 -5.93 33.12
N PHE B 587 8.46 -6.02 31.87
CA PHE B 587 7.69 -6.46 30.73
C PHE B 587 8.31 -7.67 30.01
N ILE B 588 7.48 -8.33 29.20
CA ILE B 588 7.92 -9.37 28.29
C ILE B 588 7.57 -8.93 26.88
N GLU B 589 8.61 -8.76 26.04
CA GLU B 589 8.48 -8.46 24.64
C GLU B 589 8.47 -9.75 23.82
N ARG B 590 7.67 -9.77 22.77
CA ARG B 590 7.65 -10.86 21.83
C ARG B 590 7.97 -10.29 20.44
N PRO B 591 8.52 -11.13 19.55
CA PRO B 591 8.74 -10.69 18.17
C PRO B 591 7.49 -10.75 17.33
N ASP B 592 6.47 -11.51 17.77
CA ASP B 592 5.29 -11.82 16.97
C ASP B 592 3.98 -11.79 17.77
N GLY B 593 3.98 -11.15 18.94
CA GLY B 593 2.79 -11.00 19.75
C GLY B 593 2.82 -9.75 20.61
N PRO B 594 1.74 -9.55 21.41
CA PRO B 594 1.67 -8.38 22.29
C PRO B 594 2.81 -8.27 23.29
N LEU B 595 3.25 -7.04 23.52
CA LEU B 595 4.09 -6.66 24.63
C LEU B 595 3.23 -6.69 25.87
N CYS B 596 3.70 -7.35 26.93
CA CYS B 596 2.91 -7.48 28.17
C CYS B 596 3.71 -7.14 29.40
N ARG B 597 3.03 -6.59 30.39
CA ARG B 597 3.56 -6.44 31.74
C ARG B 597 3.56 -7.81 32.39
N LYS B 598 4.64 -8.10 33.12
CA LYS B 598 4.72 -9.31 33.92
C LYS B 598 3.66 -9.25 34.99
N PRO C 28 -69.83 -11.54 2.57
CA PRO C 28 -70.11 -10.40 3.49
C PRO C 28 -68.84 -9.70 3.98
N LYS C 29 -68.86 -8.39 3.98
CA LYS C 29 -67.66 -7.59 4.14
C LYS C 29 -67.20 -7.55 5.59
N CYS C 30 -68.16 -7.54 6.51
CA CYS C 30 -67.89 -7.29 7.91
C CYS C 30 -68.15 -8.53 8.73
N ARG C 31 -67.28 -8.79 9.69
CA ARG C 31 -67.53 -9.81 10.70
C ARG C 31 -68.68 -9.35 11.61
N CYS C 32 -69.46 -10.33 12.08
CA CYS C 32 -70.54 -10.11 13.03
C CYS C 32 -70.03 -9.86 14.46
N THR C 33 -70.68 -8.93 15.17
CA THR C 33 -70.28 -8.55 16.52
C THR C 33 -71.47 -8.66 17.49
N PRO C 34 -71.21 -8.66 18.81
CA PRO C 34 -72.30 -8.79 19.78
C PRO C 34 -73.37 -7.70 19.65
N GLY C 35 -74.62 -8.09 19.88
CA GLY C 35 -75.75 -7.18 19.79
C GLY C 35 -76.33 -7.09 18.40
N GLU C 36 -75.60 -7.51 17.37
CA GLU C 36 -76.17 -7.49 16.03
C GLU C 36 -77.12 -8.68 15.84
N ALA C 37 -78.00 -8.53 14.87
CA ALA C 37 -78.96 -9.56 14.49
C ALA C 37 -78.28 -10.91 14.11
N CYS C 38 -77.14 -10.83 13.43
CA CYS C 38 -76.37 -12.02 13.03
C CYS C 38 -75.64 -12.78 14.17
N TRP C 39 -75.49 -12.15 15.32
CA TRP C 39 -74.74 -12.75 16.43
C TRP C 39 -75.51 -13.94 16.95
N PRO C 40 -74.86 -15.10 17.12
CA PRO C 40 -75.55 -16.28 17.65
C PRO C 40 -76.17 -16.03 19.04
N ASP C 41 -77.38 -16.55 19.25
CA ASP C 41 -78.12 -16.36 20.50
C ASP C 41 -77.58 -17.29 21.59
N ASN C 42 -78.10 -17.15 22.81
CA ASN C 42 -77.52 -17.87 23.94
C ASN C 42 -77.50 -19.39 23.75
N SER C 43 -78.54 -19.94 23.11
CA SER C 43 -78.62 -21.39 22.91
C SER C 43 -77.49 -21.91 22.01
N VAL C 44 -77.11 -21.13 21.00
CA VAL C 44 -76.04 -21.52 20.09
C VAL C 44 -74.71 -21.55 20.83
N TRP C 45 -74.43 -20.52 21.61
CA TRP C 45 -73.21 -20.48 22.43
C TRP C 45 -73.15 -21.62 23.43
N GLU C 46 -74.28 -21.90 24.05
CA GLU C 46 -74.38 -22.98 25.04
C GLU C 46 -74.12 -24.35 24.41
N ALA C 47 -74.69 -24.60 23.25
CA ALA C 47 -74.40 -25.83 22.47
C ALA C 47 -72.94 -25.95 22.09
N PHE C 48 -72.30 -24.82 21.78
CA PHE C 48 -70.88 -24.79 21.44
C PHE C 48 -70.03 -25.12 22.69
N ASP C 49 -70.42 -24.57 23.85
CA ASP C 49 -69.75 -24.91 25.13
C ASP C 49 -69.78 -26.44 25.36
N LYS C 50 -70.95 -27.04 25.12
CA LYS C 50 -71.16 -28.47 25.35
C LYS C 50 -70.44 -29.40 24.38
N THR C 51 -70.35 -29.00 23.11
CA THR C 51 -69.54 -29.69 22.11
C THR C 51 -68.06 -29.68 22.51
N LEU C 52 -67.58 -28.52 22.97
CA LEU C 52 -66.18 -28.39 23.40
C LEU C 52 -65.89 -29.24 24.61
N GLY C 53 -66.82 -29.24 25.56
CA GLY C 53 -66.60 -29.77 26.89
C GLY C 53 -66.92 -28.58 27.77
N LYS C 54 -68.01 -28.69 28.52
CA LYS C 54 -68.46 -27.64 29.43
C LYS C 54 -67.30 -27.04 30.21
N GLY C 55 -67.24 -25.68 30.26
CA GLY C 55 -66.18 -24.94 30.93
C GLY C 55 -65.12 -24.35 30.01
N LYS C 56 -64.93 -24.93 28.82
CA LYS C 56 -63.91 -24.42 27.89
C LYS C 56 -64.27 -23.08 27.26
N LEU C 57 -65.55 -22.79 27.08
CA LEU C 57 -65.98 -21.51 26.55
C LEU C 57 -66.12 -20.53 27.70
N ILE C 58 -65.36 -19.44 27.64
CA ILE C 58 -65.44 -18.42 28.67
C ILE C 58 -66.02 -17.16 28.07
N LYS C 59 -67.06 -16.63 28.69
CA LYS C 59 -67.56 -15.29 28.38
C LYS C 59 -66.63 -14.37 29.12
N THR C 60 -65.94 -13.51 28.39
CA THR C 60 -64.88 -12.75 29.00
C THR C 60 -65.48 -11.65 29.82
N SER C 61 -64.71 -11.22 30.83
CA SER C 61 -65.09 -10.09 31.65
C SER C 61 -63.80 -9.30 31.94
N PRO C 62 -63.90 -7.95 31.90
CA PRO C 62 -62.74 -7.11 32.14
C PRO C 62 -62.05 -7.47 33.46
N ILE C 63 -60.73 -7.59 33.39
CA ILE C 63 -59.90 -8.05 34.49
C ILE C 63 -60.26 -7.28 35.79
N ALA C 64 -60.40 -5.96 35.68
CA ALA C 64 -60.62 -5.10 36.81
C ALA C 64 -62.06 -4.63 37.04
N GLN C 65 -63.06 -5.39 36.58
CA GLN C 65 -64.47 -4.98 36.81
C GLN C 65 -64.91 -4.93 38.29
N SER C 66 -64.23 -5.69 39.16
CA SER C 66 -64.49 -5.60 40.61
C SER C 66 -64.19 -4.23 41.26
N CYS C 67 -63.43 -3.40 40.56
CA CYS C 67 -63.12 -2.03 41.00
C CYS C 67 -64.22 -1.02 40.74
N TYR C 68 -65.30 -1.41 40.08
CA TYR C 68 -66.33 -0.47 39.65
C TYR C 68 -67.69 -0.75 40.33
N ASP C 69 -68.41 0.35 40.56
CA ASP C 69 -69.70 0.31 41.26
C ASP C 69 -70.72 -0.53 40.54
N GLY C 70 -71.56 -1.20 41.33
CA GLY C 70 -72.59 -2.10 40.81
C GLY C 70 -72.55 -3.45 41.51
N PRO C 71 -73.44 -4.37 41.08
CA PRO C 71 -73.65 -5.66 41.80
C PRO C 71 -72.43 -6.56 41.89
N GLN C 72 -71.54 -6.42 40.92
CA GLN C 72 -70.31 -7.18 40.82
C GLN C 72 -69.09 -6.56 41.50
N LYS C 73 -69.25 -5.43 42.19
CA LYS C 73 -68.14 -4.77 42.88
C LYS C 73 -67.58 -5.63 44.02
N ASP C 74 -66.25 -5.62 44.17
CA ASP C 74 -65.58 -6.37 45.25
C ASP C 74 -64.22 -5.71 45.52
N LEU C 75 -64.15 -4.91 46.58
CA LEU C 75 -62.96 -4.10 46.83
C LEU C 75 -61.73 -4.93 47.20
N ASP C 76 -61.94 -6.10 47.82
CA ASP C 76 -60.85 -7.06 48.07
C ASP C 76 -60.31 -7.63 46.78
N ARG C 77 -61.21 -8.07 45.90
CA ARG C 77 -60.77 -8.52 44.58
C ARG C 77 -60.07 -7.38 43.82
N CYS C 78 -60.64 -6.18 43.87
CA CYS C 78 -60.09 -5.02 43.21
C CYS C 78 -58.64 -4.74 43.63
N ALA C 79 -58.39 -4.77 44.94
CA ALA C 79 -57.04 -4.54 45.50
C ALA C 79 -56.05 -5.61 45.10
N TYR C 80 -56.50 -6.87 45.08
CA TYR C 80 -55.67 -7.95 44.57
C TYR C 80 -55.28 -7.68 43.12
N VAL C 81 -56.28 -7.35 42.31
CA VAL C 81 -56.05 -7.05 40.88
C VAL C 81 -55.13 -5.85 40.70
N ASN C 82 -55.31 -4.81 41.52
CA ASN C 82 -54.46 -3.62 41.43
C ASN C 82 -53.02 -3.99 41.78
N LYS C 83 -52.84 -4.75 42.84
CA LYS C 83 -51.51 -5.17 43.28
C LYS C 83 -50.82 -6.03 42.24
N MET C 84 -51.57 -6.90 41.54
CA MET C 84 -50.96 -7.88 40.62
C MET C 84 -50.95 -7.47 39.15
N TRP C 85 -51.49 -6.31 38.84
CA TRP C 85 -51.57 -5.75 37.48
C TRP C 85 -50.22 -5.64 36.78
N THR C 86 -49.17 -5.33 37.54
CA THR C 86 -47.86 -5.19 36.95
C THR C 86 -47.10 -6.56 36.80
N ASP C 87 -47.72 -7.67 37.21
CA ASP C 87 -47.08 -8.98 37.19
C ASP C 87 -47.40 -9.78 35.94
N GLN C 88 -46.36 -10.28 35.31
CA GLN C 88 -46.52 -10.92 33.99
C GLN C 88 -47.34 -12.22 34.05
N ASP C 89 -47.17 -12.99 35.13
CA ASP C 89 -47.85 -14.27 35.30
C ASP C 89 -49.34 -14.03 35.53
N PHE C 90 -49.63 -13.02 36.35
CA PHE C 90 -51.02 -12.65 36.61
C PHE C 90 -51.72 -12.33 35.29
N GLN C 91 -51.07 -11.53 34.46
CA GLN C 91 -51.64 -11.19 33.16
C GLN C 91 -51.71 -12.37 32.16
N THR C 92 -50.77 -13.30 32.17
CA THR C 92 -50.86 -14.46 31.27
C THR C 92 -51.88 -15.50 31.69
N SER C 93 -52.32 -15.45 32.96
CA SER C 93 -53.25 -16.43 33.52
C SER C 93 -54.72 -16.23 33.13
N ASP C 94 -55.10 -15.01 32.77
CA ASP C 94 -56.43 -14.67 32.34
C ASP C 94 -56.53 -14.70 30.80
N PRO C 95 -57.66 -15.17 30.25
CA PRO C 95 -57.82 -15.18 28.77
C PRO C 95 -57.70 -13.86 28.07
N ILE C 96 -58.05 -12.76 28.75
CA ILE C 96 -57.87 -11.42 28.16
C ILE C 96 -56.90 -10.58 29.02
N GLY C 97 -56.01 -11.26 29.72
CA GLY C 97 -54.93 -10.58 30.42
C GLY C 97 -53.87 -10.21 29.44
N ARG C 98 -53.40 -8.96 29.55
CA ARG C 98 -52.46 -8.37 28.64
C ARG C 98 -51.27 -7.76 29.36
N ASN C 99 -50.07 -8.20 29.02
CA ASN C 99 -48.86 -7.61 29.61
C ASN C 99 -48.76 -6.11 29.24
N TYR C 100 -48.89 -5.82 27.97
CA TYR C 100 -48.87 -4.45 27.50
C TYR C 100 -50.22 -4.10 26.84
N PRO C 101 -51.25 -3.87 27.65
CA PRO C 101 -52.60 -3.70 27.10
C PRO C 101 -52.68 -2.54 26.12
N TYR C 102 -53.22 -2.81 24.93
CA TYR C 102 -53.13 -1.84 23.84
C TYR C 102 -54.03 -0.63 24.09
N ASN C 103 -55.12 -0.82 24.82
CA ASN C 103 -56.05 0.24 25.17
C ASN C 103 -56.77 -0.12 26.47
N ILE C 104 -56.30 0.45 27.58
CA ILE C 104 -56.86 0.20 28.91
C ILE C 104 -58.21 0.91 29.02
N THR C 105 -59.27 0.15 28.76
CA THR C 105 -60.65 0.66 28.84
C THR C 105 -61.37 0.23 30.13
N CYS C 106 -60.67 -0.53 30.97
CA CYS C 106 -61.13 -0.88 32.31
C CYS C 106 -59.92 -0.92 33.24
N ALA C 107 -59.55 0.26 33.73
CA ALA C 107 -58.32 0.41 34.53
C ALA C 107 -58.48 -0.24 35.91
N PRO C 108 -57.40 -0.84 36.44
CA PRO C 108 -57.45 -1.13 37.87
C PRO C 108 -57.46 0.20 38.66
N VAL C 109 -58.16 0.22 39.78
CA VAL C 109 -58.29 1.42 40.61
C VAL C 109 -57.56 1.17 41.91
N ASP C 110 -56.65 2.07 42.25
CA ASP C 110 -55.89 1.99 43.49
C ASP C 110 -56.58 2.85 44.54
N TYR C 111 -57.51 2.24 45.26
CA TYR C 111 -58.30 2.93 46.27
C TYR C 111 -57.46 3.44 47.44
N ALA C 112 -56.49 2.63 47.86
CA ALA C 112 -55.55 3.01 48.93
C ALA C 112 -54.86 4.33 48.59
N ALA C 113 -54.50 4.53 47.32
CA ALA C 113 -53.84 5.76 46.84
C ALA C 113 -54.81 6.93 46.55
N GLY C 114 -56.07 6.80 46.92
CA GLY C 114 -57.07 7.85 46.69
C GLY C 114 -57.68 7.91 45.29
N GLU C 115 -57.40 6.92 44.43
CA GLU C 115 -57.97 6.90 43.09
C GLU C 115 -59.44 6.50 43.14
N THR C 116 -60.17 6.87 42.10
CA THR C 116 -61.61 6.62 42.00
C THR C 116 -61.94 6.14 40.57
N PRO C 117 -63.02 5.34 40.43
CA PRO C 117 -63.32 4.74 39.13
C PRO C 117 -63.91 5.71 38.11
N THR C 118 -63.56 5.51 36.84
CA THR C 118 -64.16 6.22 35.74
C THR C 118 -65.19 5.27 35.14
N SER C 119 -64.79 4.51 34.13
CA SER C 119 -65.68 3.52 33.54
C SER C 119 -64.91 2.25 33.22
N CYS C 120 -65.65 1.16 33.04
CA CYS C 120 -65.05 -0.12 32.74
C CYS C 120 -65.78 -0.84 31.63
N ILE C 121 -65.16 -0.95 30.46
CA ILE C 121 -65.69 -1.79 29.37
C ILE C 121 -64.60 -2.74 28.84
N LEU C 122 -65.05 -3.73 28.10
CA LEU C 122 -64.17 -4.71 27.47
C LEU C 122 -63.27 -4.02 26.42
N GLY C 123 -63.87 -3.11 25.67
CA GLY C 123 -63.17 -2.40 24.61
C GLY C 123 -62.94 -3.30 23.41
N SER C 124 -61.71 -3.34 22.97
CA SER C 124 -61.30 -4.14 21.83
C SER C 124 -60.76 -5.51 22.23
N LEU C 125 -60.94 -5.89 23.48
CA LEU C 125 -60.56 -7.23 23.91
C LEU C 125 -61.68 -8.18 23.51
N PRO C 126 -61.36 -9.44 23.19
CA PRO C 126 -62.34 -10.47 22.82
C PRO C 126 -63.45 -10.66 23.80
N TYR C 127 -64.64 -10.93 23.25
CA TYR C 127 -65.89 -11.07 24.01
C TYR C 127 -66.09 -12.52 24.51
N TYR C 128 -65.64 -13.50 23.75
CA TYR C 128 -65.58 -14.90 24.21
C TYR C 128 -64.18 -15.42 23.99
N ALA C 129 -63.76 -16.35 24.83
CA ALA C 129 -62.54 -17.11 24.60
C ALA C 129 -62.81 -18.59 24.77
N VAL C 130 -62.13 -19.41 23.96
CA VAL C 130 -62.13 -20.86 24.15
C VAL C 130 -60.80 -21.24 24.77
N ASN C 131 -60.84 -21.81 25.96
CA ASN C 131 -59.65 -22.32 26.63
C ASN C 131 -59.29 -23.65 25.96
N ALA C 132 -58.58 -23.57 24.82
CA ALA C 132 -58.31 -24.71 23.96
C ALA C 132 -57.12 -25.49 24.45
N SER C 133 -57.31 -26.77 24.75
CA SER C 133 -56.21 -27.67 25.14
C SER C 133 -56.00 -28.91 24.25
N THR C 134 -56.81 -29.07 23.21
CA THR C 134 -56.68 -30.19 22.27
C THR C 134 -56.80 -29.64 20.86
N ARG C 135 -56.37 -30.40 19.88
CA ARG C 135 -56.61 -30.06 18.48
C ARG C 135 -58.10 -29.96 18.13
N GLU C 136 -58.94 -30.73 18.82
CA GLU C 136 -60.38 -30.74 18.57
C GLU C 136 -60.93 -29.39 18.99
N ASP C 137 -60.55 -28.91 20.16
CA ASP C 137 -60.89 -27.56 20.62
C ASP C 137 -60.60 -26.51 19.57
N ILE C 138 -59.42 -26.62 18.98
CA ILE C 138 -58.93 -25.63 18.03
C ILE C 138 -59.74 -25.73 16.73
N THR C 139 -59.90 -26.97 16.25
CA THR C 139 -60.70 -27.21 15.05
C THR C 139 -62.12 -26.64 15.22
N LEU C 140 -62.74 -26.92 16.36
CA LEU C 140 -64.12 -26.47 16.61
C LEU C 140 -64.23 -24.94 16.72
N THR C 141 -63.20 -24.31 17.26
CA THR C 141 -63.21 -22.86 17.43
C THR C 141 -63.05 -22.20 16.07
N LEU C 142 -62.06 -22.66 15.29
CA LEU C 142 -61.89 -22.21 13.92
C LEU C 142 -63.21 -22.34 13.16
N ASN C 143 -63.76 -23.55 13.15
CA ASN C 143 -65.00 -23.82 12.40
C ASN C 143 -66.18 -22.94 12.83
N PHE C 144 -66.38 -22.80 14.13
CA PHE C 144 -67.45 -21.95 14.66
C PHE C 144 -67.29 -20.48 14.22
N ALA C 145 -66.06 -19.95 14.25
CA ALA C 145 -65.79 -18.56 13.84
C ALA C 145 -66.18 -18.32 12.39
N LYS C 146 -65.73 -19.24 11.54
CA LYS C 146 -66.04 -19.19 10.11
C LYS C 146 -67.53 -19.39 9.85
N GLN C 147 -68.13 -20.36 10.54
CA GLN C 147 -69.54 -20.64 10.36
C GLN C 147 -70.44 -19.45 10.71
N HIS C 148 -70.15 -18.78 11.84
CA HIS C 148 -70.96 -17.64 12.26
C HIS C 148 -70.38 -16.29 11.88
N ASN C 149 -69.38 -16.30 10.99
CA ASN C 149 -68.69 -15.10 10.51
C ASN C 149 -68.27 -14.18 11.66
N ILE C 150 -67.70 -14.80 12.68
CA ILE C 150 -67.22 -14.09 13.87
C ILE C 150 -65.71 -14.01 13.78
N ARG C 151 -65.16 -12.85 14.14
CA ARG C 151 -63.74 -12.58 14.09
C ARG C 151 -62.97 -13.50 15.03
N LEU C 152 -62.01 -14.22 14.48
CA LEU C 152 -61.18 -15.14 15.28
C LEU C 152 -59.92 -14.42 15.72
N VAL C 153 -59.69 -14.37 17.02
CA VAL C 153 -58.50 -13.77 17.60
C VAL C 153 -57.66 -14.87 18.25
N THR C 154 -56.38 -14.88 17.95
CA THR C 154 -55.47 -15.95 18.41
C THR C 154 -54.56 -15.37 19.48
N SER C 155 -54.47 -16.05 20.63
CA SER C 155 -53.59 -15.64 21.71
C SER C 155 -52.91 -16.86 22.32
N SER C 156 -51.58 -16.86 22.33
CA SER C 156 -50.83 -17.84 23.12
C SER C 156 -50.61 -17.35 24.54
N THR C 157 -50.27 -16.06 24.69
CA THR C 157 -49.96 -15.45 26.00
C THR C 157 -50.52 -14.04 26.29
N GLY C 158 -50.98 -13.32 25.28
CA GLY C 158 -51.36 -11.91 25.47
C GLY C 158 -50.21 -10.95 25.69
N HIS C 159 -49.00 -11.35 25.33
CA HIS C 159 -47.83 -10.49 25.45
C HIS C 159 -47.80 -9.33 24.48
N ASP C 160 -48.54 -9.40 23.37
CA ASP C 160 -48.35 -8.45 22.29
C ASP C 160 -48.46 -6.99 22.73
N LEU C 161 -47.66 -6.17 22.08
CA LEU C 161 -47.57 -4.71 22.32
C LEU C 161 -48.45 -3.90 21.37
N LEU C 162 -48.88 -4.53 20.27
CA LEU C 162 -49.55 -3.87 19.16
C LEU C 162 -51.05 -4.23 18.96
N GLY C 163 -51.65 -4.92 19.93
CA GLY C 163 -53.04 -5.37 19.78
C GLY C 163 -53.29 -6.47 18.74
N ARG C 164 -52.25 -7.23 18.37
CA ARG C 164 -52.37 -8.28 17.34
C ARG C 164 -53.01 -9.57 17.85
N SER C 165 -53.10 -9.71 19.17
CA SER C 165 -53.94 -10.71 19.82
C SER C 165 -55.21 -10.13 20.49
N ASP C 166 -55.73 -9.02 19.95
CA ASP C 166 -56.99 -8.39 20.41
C ASP C 166 -58.03 -8.40 19.26
N GLY C 167 -59.26 -8.02 19.56
CA GLY C 167 -60.19 -7.70 18.50
C GLY C 167 -61.58 -7.50 19.05
N TYR C 168 -62.13 -6.30 18.89
CA TYR C 168 -63.52 -6.00 19.29
C TYR C 168 -64.48 -7.07 18.78
N GLY C 169 -65.31 -7.57 19.69
CA GLY C 169 -66.38 -8.49 19.35
C GLY C 169 -65.91 -9.84 18.85
N GLY C 170 -64.69 -10.20 19.26
CA GLY C 170 -64.01 -11.35 18.71
C GLY C 170 -64.28 -12.60 19.52
N LEU C 171 -63.98 -13.74 18.90
CA LEU C 171 -63.91 -15.01 19.58
C LEU C 171 -62.43 -15.36 19.68
N GLU C 172 -61.91 -15.42 20.92
CA GLU C 172 -60.51 -15.72 21.12
C GLU C 172 -60.20 -17.22 21.14
N LEU C 173 -59.31 -17.66 20.26
CA LEU C 173 -58.68 -18.96 20.38
C LEU C 173 -57.49 -18.78 21.34
N TRP C 174 -57.71 -19.14 22.59
CA TRP C 174 -56.68 -19.06 23.64
C TRP C 174 -55.90 -20.39 23.73
N LEU C 175 -54.61 -20.34 23.39
CA LEU C 175 -53.79 -21.54 23.26
C LEU C 175 -52.94 -21.84 24.47
N HIS C 176 -53.11 -21.07 25.55
CA HIS C 176 -52.24 -21.15 26.73
C HIS C 176 -52.21 -22.54 27.38
N SER C 177 -53.30 -23.30 27.30
CA SER C 177 -53.27 -24.71 27.79
C SER C 177 -53.13 -25.78 26.71
N PHE C 178 -52.68 -25.40 25.51
CA PHE C 178 -52.49 -26.35 24.42
C PHE C 178 -51.05 -26.78 24.51
N ARG C 179 -50.80 -27.84 25.27
CA ARG C 179 -49.45 -28.20 25.69
C ARG C 179 -49.25 -29.72 25.62
N ASN C 180 -48.61 -30.20 24.56
CA ASN C 180 -48.48 -31.66 24.32
C ASN C 180 -47.02 -32.16 24.39
N GLY C 181 -46.21 -31.45 25.18
CA GLY C 181 -44.85 -31.86 25.51
C GLY C 181 -43.77 -31.00 24.88
N VAL C 182 -42.66 -30.86 25.59
CA VAL C 182 -41.45 -30.26 25.05
C VAL C 182 -40.39 -31.34 25.15
N ARG C 183 -39.90 -31.81 24.01
CA ARG C 183 -39.01 -32.96 23.98
C ARG C 183 -37.73 -32.64 23.25
N PHE C 184 -36.63 -33.06 23.85
CA PHE C 184 -35.31 -32.84 23.30
C PHE C 184 -35.01 -33.94 22.29
N GLN C 185 -34.40 -33.57 21.18
CA GLN C 185 -33.95 -34.54 20.16
C GLN C 185 -32.43 -34.42 20.05
N LYS C 186 -31.68 -35.47 20.39
CA LYS C 186 -30.22 -35.40 20.26
C LYS C 186 -29.82 -35.05 18.82
N LYS C 187 -30.58 -35.57 17.87
CA LYS C 187 -30.40 -35.28 16.45
C LYS C 187 -31.77 -34.94 15.89
N TYR C 188 -31.89 -33.77 15.27
CA TYR C 188 -33.14 -33.36 14.65
C TYR C 188 -33.75 -34.44 13.77
N THR C 189 -35.01 -34.77 14.03
CA THR C 189 -35.78 -35.78 13.30
C THR C 189 -37.07 -35.10 12.80
N SER C 190 -37.18 -34.99 11.49
CA SER C 190 -38.25 -34.22 10.84
C SER C 190 -39.48 -35.09 10.65
N ALA C 191 -40.65 -34.47 10.83
CA ALA C 191 -41.94 -35.09 10.60
C ALA C 191 -42.11 -35.63 9.18
N ASN C 192 -41.47 -35.02 8.17
CA ASN C 192 -41.53 -35.51 6.79
C ASN C 192 -40.17 -35.96 6.24
N LYS C 193 -39.23 -36.21 7.16
CA LYS C 193 -37.85 -36.64 6.85
C LYS C 193 -37.03 -35.71 5.94
N CYS C 194 -37.33 -34.42 6.05
CA CYS C 194 -36.62 -33.41 5.27
C CYS C 194 -35.16 -33.28 5.68
N THR C 195 -34.30 -33.24 4.69
CA THR C 195 -32.83 -33.08 4.82
C THR C 195 -32.33 -31.71 4.45
N LYS C 196 -33.20 -30.90 3.86
CA LYS C 196 -32.78 -29.68 3.17
C LYS C 196 -32.40 -28.53 4.09
N SER C 197 -32.73 -28.63 5.39
CA SER C 197 -32.19 -27.68 6.37
C SER C 197 -30.67 -27.76 6.48
N GLY C 198 -30.13 -28.94 6.20
CA GLY C 198 -28.70 -29.22 6.35
C GLY C 198 -28.31 -29.41 7.80
N TRP C 199 -29.30 -29.51 8.70
CA TRP C 199 -29.05 -29.47 10.14
C TRP C 199 -29.08 -30.88 10.68
N THR C 200 -27.94 -31.35 11.18
CA THR C 200 -27.83 -32.66 11.81
C THR C 200 -27.46 -32.53 13.29
N GLY C 201 -27.65 -31.32 13.83
CA GLY C 201 -27.47 -31.06 15.25
C GLY C 201 -28.71 -31.41 16.03
N SER C 202 -28.72 -31.04 17.30
CA SER C 202 -29.83 -31.31 18.19
C SER C 202 -31.00 -30.37 17.95
N ALA C 203 -32.15 -30.75 18.50
CA ALA C 203 -33.35 -29.93 18.42
C ALA C 203 -34.25 -30.08 19.63
N ILE C 204 -35.21 -29.13 19.75
CA ILE C 204 -36.32 -29.29 20.68
C ILE C 204 -37.64 -29.25 19.90
N HIS C 205 -38.46 -30.29 20.10
CA HIS C 205 -39.83 -30.32 19.58
C HIS C 205 -40.69 -29.58 20.59
N ILE C 206 -41.09 -28.36 20.22
CA ILE C 206 -41.97 -27.61 21.08
C ILE C 206 -43.39 -27.95 20.63
N ASP C 207 -43.99 -28.94 21.31
CA ASP C 207 -45.27 -29.53 20.88
C ASP C 207 -46.41 -28.87 21.66
N GLY C 208 -46.59 -27.57 21.42
CA GLY C 208 -47.64 -26.81 22.09
C GLY C 208 -47.29 -25.33 22.15
N ALA C 209 -48.25 -24.53 22.58
CA ALA C 209 -48.03 -23.08 22.76
C ALA C 209 -47.35 -22.80 24.10
N TYR C 210 -46.18 -23.38 24.25
CA TYR C 210 -45.37 -23.21 25.42
C TYR C 210 -44.74 -21.80 25.44
N GLN C 211 -44.31 -21.41 26.64
CA GLN C 211 -43.57 -20.18 26.86
C GLN C 211 -42.08 -20.53 26.85
N TRP C 212 -41.23 -19.52 26.71
CA TRP C 212 -39.77 -19.76 26.76
C TRP C 212 -39.31 -20.42 28.06
N ARG C 213 -39.94 -20.07 29.17
CA ARG C 213 -39.62 -20.69 30.45
C ARG C 213 -39.63 -22.23 30.33
N ASP C 214 -40.64 -22.77 29.67
CA ASP C 214 -40.84 -24.21 29.58
C ASP C 214 -39.78 -24.86 28.71
N VAL C 215 -39.42 -24.15 27.63
CA VAL C 215 -38.43 -24.63 26.66
C VAL C 215 -37.05 -24.62 27.31
N TYR C 216 -36.78 -23.57 28.07
CA TYR C 216 -35.50 -23.42 28.75
C TYR C 216 -35.20 -24.52 29.78
N THR C 217 -36.21 -24.97 30.49
CA THR C 217 -36.06 -26.07 31.45
C THR C 217 -35.54 -27.36 30.79
N VAL C 218 -36.07 -27.67 29.61
CA VAL C 218 -35.66 -28.86 28.85
C VAL C 218 -34.26 -28.67 28.22
N ALA C 219 -34.01 -27.50 27.66
CA ALA C 219 -32.67 -27.21 27.10
C ALA C 219 -31.57 -27.33 28.17
N GLN C 220 -31.88 -26.79 29.34
CA GLN C 220 -30.96 -26.87 30.48
C GLN C 220 -30.72 -28.29 30.93
N ALA C 221 -31.79 -29.09 31.02
CA ALA C 221 -31.64 -30.49 31.40
C ALA C 221 -30.77 -31.27 30.41
N ASN C 222 -30.73 -30.81 29.16
CA ASN C 222 -29.97 -31.46 28.11
C ASN C 222 -28.66 -30.75 27.73
N ASN C 223 -28.21 -29.83 28.57
CA ASN C 223 -26.96 -29.09 28.36
C ASN C 223 -26.85 -28.46 26.97
N VAL C 224 -27.94 -27.86 26.50
CA VAL C 224 -27.90 -27.15 25.22
C VAL C 224 -28.45 -25.74 25.37
N ILE C 225 -28.22 -24.94 24.34
CA ILE C 225 -28.64 -23.55 24.31
C ILE C 225 -29.84 -23.42 23.39
N ALA C 226 -30.97 -23.04 23.98
CA ALA C 226 -32.16 -22.67 23.24
C ALA C 226 -32.15 -21.15 23.13
N VAL C 227 -32.28 -20.66 21.90
CA VAL C 227 -32.15 -19.24 21.61
C VAL C 227 -33.57 -18.61 21.71
N GLY C 228 -33.92 -18.19 22.92
CA GLY C 228 -35.22 -17.62 23.25
C GLY C 228 -35.05 -16.16 23.60
N GLY C 229 -36.09 -15.57 24.16
CA GLY C 229 -36.08 -14.18 24.56
C GLY C 229 -35.35 -13.93 25.85
N GLY C 230 -35.09 -12.65 26.08
CA GLY C 230 -34.50 -12.18 27.31
C GLY C 230 -35.43 -12.32 28.49
N SER C 231 -36.73 -12.35 28.20
CA SER C 231 -37.77 -12.63 29.19
C SER C 231 -38.35 -14.01 28.90
N PRO C 232 -38.55 -14.85 29.94
CA PRO C 232 -39.03 -16.22 29.63
C PRO C 232 -40.55 -16.41 29.52
N SER C 233 -41.31 -15.37 29.80
CA SER C 233 -42.78 -15.44 29.79
C SER C 233 -43.45 -15.46 28.40
N PRO C 234 -42.88 -14.76 27.39
CA PRO C 234 -43.49 -14.78 26.08
C PRO C 234 -43.54 -16.16 25.44
N GLY C 235 -44.49 -16.33 24.52
CA GLY C 235 -44.69 -17.61 23.81
C GLY C 235 -43.49 -17.97 22.96
N ALA C 236 -43.20 -19.28 22.86
CA ALA C 236 -42.08 -19.76 22.06
C ALA C 236 -42.38 -19.87 20.58
N ILE C 237 -43.64 -20.08 20.20
CA ILE C 237 -43.96 -20.42 18.80
C ILE C 237 -44.95 -19.50 18.09
N GLY C 238 -45.25 -18.32 18.64
CA GLY C 238 -46.27 -17.43 18.08
C GLY C 238 -45.64 -16.19 17.52
N GLY C 239 -45.93 -15.04 18.12
CA GLY C 239 -45.41 -13.79 17.63
C GLY C 239 -43.90 -13.63 17.78
N TRP C 240 -43.32 -14.26 18.80
CA TRP C 240 -41.91 -14.06 19.07
C TRP C 240 -41.02 -14.46 17.86
N PRO C 241 -41.08 -15.75 17.43
CA PRO C 241 -40.22 -16.17 16.30
C PRO C 241 -40.70 -15.60 14.96
N SER C 242 -42.02 -15.45 14.79
CA SER C 242 -42.58 -15.02 13.51
C SER C 242 -42.22 -13.59 13.13
N GLY C 243 -41.99 -12.77 14.14
CA GLY C 243 -41.56 -11.39 13.95
C GLY C 243 -40.07 -11.17 13.94
N GLY C 244 -39.29 -12.21 14.26
CA GLY C 244 -37.86 -12.03 14.49
C GLY C 244 -37.42 -12.77 15.73
N GLY C 245 -37.63 -12.16 16.90
CA GLY C 245 -37.25 -12.79 18.16
C GLY C 245 -35.78 -12.59 18.50
N HIS C 246 -35.50 -11.64 19.40
CA HIS C 246 -34.16 -11.38 19.89
C HIS C 246 -34.05 -11.86 21.32
N GLY C 247 -32.82 -12.07 21.74
CA GLY C 247 -32.50 -12.55 23.08
C GLY C 247 -30.99 -12.54 23.24
N PRO C 248 -30.50 -12.91 24.41
CA PRO C 248 -29.05 -12.91 24.64
C PRO C 248 -28.18 -13.66 23.61
N ALA C 249 -28.71 -14.79 23.11
CA ALA C 249 -27.95 -15.71 22.29
C ALA C 249 -28.08 -15.55 20.76
N THR C 250 -28.83 -14.55 20.29
CA THR C 250 -29.12 -14.42 18.86
C THR C 250 -27.95 -13.94 18.00
N HIS C 251 -27.18 -12.98 18.49
CA HIS C 251 -25.94 -12.61 17.77
C HIS C 251 -25.09 -13.86 17.48
N ASN C 252 -24.93 -14.69 18.50
CA ASN C 252 -24.04 -15.87 18.37
C ASN C 252 -24.63 -17.01 17.55
N PHE C 253 -25.95 -17.24 17.65
CA PHE C 253 -26.56 -18.43 17.02
C PHE C 253 -27.68 -18.17 16.03
N GLY C 254 -28.03 -16.90 15.79
CA GLY C 254 -29.10 -16.54 14.87
C GLY C 254 -30.35 -16.06 15.55
N LEU C 255 -31.15 -15.26 14.83
CA LEU C 255 -32.44 -14.84 15.35
C LEU C 255 -33.39 -16.01 15.51
N GLY C 256 -34.42 -15.78 16.32
CA GLY C 256 -35.41 -16.81 16.63
C GLY C 256 -36.07 -17.41 15.40
N ALA C 257 -36.43 -16.54 14.48
CA ALA C 257 -37.01 -16.99 13.21
C ALA C 257 -36.14 -18.00 12.50
N ASP C 258 -34.83 -17.83 12.57
CA ASP C 258 -33.91 -18.74 11.90
C ASP C 258 -33.58 -20.02 12.68
N GLN C 259 -34.05 -20.12 13.92
CA GLN C 259 -33.98 -21.36 14.66
C GLN C 259 -35.04 -22.37 14.23
N VAL C 260 -36.10 -21.88 13.59
CA VAL C 260 -37.24 -22.74 13.27
C VAL C 260 -36.87 -23.69 12.12
N LEU C 261 -36.94 -24.99 12.40
CA LEU C 261 -36.63 -26.04 11.41
C LEU C 261 -37.85 -26.51 10.64
N GLU C 262 -38.97 -26.57 11.33
CA GLU C 262 -40.27 -26.90 10.77
C GLU C 262 -41.38 -26.55 11.74
N ALA C 263 -42.61 -26.63 11.24
CA ALA C 263 -43.81 -26.37 12.03
C ALA C 263 -44.98 -27.23 11.56
N GLN C 264 -45.89 -27.53 12.48
CA GLN C 264 -47.21 -28.04 12.14
C GLN C 264 -48.15 -26.85 12.30
N ILE C 265 -49.00 -26.64 11.30
CA ILE C 265 -49.85 -25.47 11.21
C ILE C 265 -51.21 -25.87 10.70
N MET C 266 -52.26 -25.43 11.40
CA MET C 266 -53.64 -25.60 10.95
C MET C 266 -54.02 -24.37 10.13
N LEU C 267 -54.33 -24.62 8.85
CA LEU C 267 -54.67 -23.54 7.94
C LEU C 267 -56.11 -23.11 8.19
N ALA C 268 -56.49 -21.95 7.62
CA ALA C 268 -57.88 -21.46 7.71
C ALA C 268 -58.91 -22.48 7.24
N ASP C 269 -58.54 -23.31 6.25
CA ASP C 269 -59.41 -24.37 5.76
C ASP C 269 -59.49 -25.60 6.68
N GLY C 270 -58.77 -25.59 7.79
CA GLY C 270 -58.87 -26.65 8.78
C GLY C 270 -57.83 -27.75 8.62
N ARG C 271 -57.17 -27.84 7.47
CA ARG C 271 -56.06 -28.79 7.28
C ARG C 271 -54.87 -28.48 8.16
N ILE C 272 -54.30 -29.55 8.72
CA ILE C 272 -53.07 -29.47 9.49
C ILE C 272 -51.95 -29.88 8.54
N VAL C 273 -51.00 -28.96 8.29
CA VAL C 273 -49.91 -29.20 7.30
C VAL C 273 -48.55 -29.02 7.92
N THR C 274 -47.56 -29.69 7.32
CA THR C 274 -46.16 -29.47 7.67
C THR C 274 -45.63 -28.31 6.85
N ALA C 275 -44.89 -27.43 7.51
CA ALA C 275 -44.17 -26.35 6.84
C ALA C 275 -42.70 -26.48 7.17
N ASN C 276 -41.89 -26.78 6.15
CA ASN C 276 -40.45 -26.81 6.29
C ASN C 276 -39.77 -26.62 4.93
N HIS C 277 -38.48 -26.95 4.86
CA HIS C 277 -37.69 -26.73 3.64
C HIS C 277 -38.21 -27.56 2.47
N CYS C 278 -38.84 -28.71 2.77
CA CYS C 278 -39.31 -29.64 1.78
C CYS C 278 -40.79 -29.53 1.46
N GLU C 279 -41.56 -28.85 2.31
CA GLU C 279 -43.01 -28.87 2.17
C GLU C 279 -43.62 -27.53 2.57
N ASN C 280 -44.50 -27.04 1.70
CA ASN C 280 -45.08 -25.71 1.82
C ASN C 280 -44.02 -24.67 2.23
N SER C 281 -42.90 -24.67 1.50
CA SER C 281 -41.75 -23.85 1.83
C SER C 281 -42.05 -22.34 1.78
N ASP C 282 -43.03 -21.92 0.99
CA ASP C 282 -43.48 -20.52 0.97
C ASP C 282 -44.19 -20.13 2.28
N LEU C 283 -44.97 -21.05 2.83
CA LEU C 283 -45.55 -20.85 4.16
C LEU C 283 -44.47 -20.84 5.26
N PHE C 284 -43.48 -21.69 5.13
CA PHE C 284 -42.39 -21.83 6.10
C PHE C 284 -41.56 -20.55 6.18
N ARG C 285 -41.31 -19.97 5.01
CA ARG C 285 -40.62 -18.70 4.90
C ARG C 285 -41.44 -17.58 5.51
N ALA C 286 -42.73 -17.52 5.19
CA ALA C 286 -43.62 -16.48 5.72
C ALA C 286 -43.64 -16.42 7.27
N ILE C 287 -43.75 -17.58 7.90
CA ILE C 287 -43.77 -17.61 9.39
C ILE C 287 -42.41 -17.31 10.03
N ARG C 288 -41.34 -17.39 9.25
CA ARG C 288 -39.99 -17.08 9.72
C ARG C 288 -39.59 -15.65 9.33
N GLY C 289 -40.32 -14.67 9.86
CA GLY C 289 -40.04 -13.25 9.61
C GLY C 289 -41.18 -12.40 9.06
N GLY C 290 -42.26 -13.05 8.59
CA GLY C 290 -43.38 -12.33 8.01
C GLY C 290 -44.55 -12.09 8.94
N GLY C 291 -44.33 -12.27 10.24
CA GLY C 291 -45.34 -12.00 11.21
C GLY C 291 -46.34 -13.12 11.41
N PRO C 292 -47.41 -12.82 12.16
CA PRO C 292 -48.51 -13.77 12.38
C PRO C 292 -49.54 -13.70 11.26
N GLY C 293 -50.42 -14.69 11.27
CA GLY C 293 -51.66 -14.67 10.48
C GLY C 293 -51.70 -15.51 9.22
N TYR C 294 -50.80 -16.46 9.11
CA TYR C 294 -50.74 -17.38 7.95
C TYR C 294 -51.47 -18.69 8.27
N GLY C 295 -51.63 -18.99 9.56
CA GLY C 295 -52.21 -20.23 10.02
C GLY C 295 -52.01 -20.29 11.52
N ILE C 296 -52.63 -21.26 12.19
CA ILE C 296 -52.48 -21.45 13.63
C ILE C 296 -51.31 -22.40 13.89
N VAL C 297 -50.24 -21.88 14.50
CA VAL C 297 -49.04 -22.70 14.72
C VAL C 297 -49.25 -23.63 15.92
N LEU C 298 -49.28 -24.93 15.62
CA LEU C 298 -49.49 -25.97 16.64
C LEU C 298 -48.22 -26.42 17.30
N SER C 299 -47.15 -26.47 16.53
CA SER C 299 -45.86 -26.91 17.06
C SER C 299 -44.73 -26.38 16.19
N GLN C 300 -43.54 -26.27 16.76
CA GLN C 300 -42.35 -26.06 15.95
C GLN C 300 -41.24 -26.95 16.48
N HIS C 301 -40.31 -27.23 15.59
CA HIS C 301 -39.03 -27.78 15.99
C HIS C 301 -38.00 -26.63 15.87
N ILE C 302 -37.16 -26.43 16.89
CA ILE C 302 -36.07 -25.45 16.85
C ILE C 302 -34.70 -26.10 16.95
N LYS C 303 -33.71 -25.54 16.24
CA LYS C 303 -32.30 -25.85 16.47
C LYS C 303 -31.96 -25.50 17.91
N VAL C 304 -31.19 -26.37 18.54
CA VAL C 304 -30.53 -26.03 19.79
C VAL C 304 -29.04 -26.30 19.63
N HIS C 305 -28.25 -25.62 20.45
CA HIS C 305 -26.81 -25.47 20.20
C HIS C 305 -25.98 -25.97 21.38
N PRO C 306 -24.79 -26.55 21.10
CA PRO C 306 -23.91 -26.97 22.19
C PRO C 306 -23.68 -25.87 23.22
N ASN C 307 -23.65 -26.26 24.49
CA ASN C 307 -23.33 -25.32 25.58
C ASN C 307 -21.90 -24.79 25.36
N VAL C 308 -21.61 -23.64 25.95
CA VAL C 308 -20.29 -23.00 25.87
C VAL C 308 -19.58 -23.23 27.20
N LYS C 309 -18.26 -23.05 27.19
CA LYS C 309 -17.48 -23.16 28.42
C LYS C 309 -17.36 -21.84 29.19
N ALA C 310 -17.65 -20.73 28.54
CA ALA C 310 -17.50 -19.45 29.20
C ALA C 310 -18.41 -18.44 28.56
N VAL C 311 -18.89 -17.53 29.39
CA VAL C 311 -19.55 -16.29 28.96
C VAL C 311 -19.08 -15.25 29.95
N THR C 312 -18.74 -14.08 29.47
CA THR C 312 -18.42 -12.95 30.34
C THR C 312 -19.38 -11.81 30.05
N ALA C 313 -19.95 -11.24 31.10
CA ALA C 313 -20.84 -10.10 31.01
C ALA C 313 -20.10 -8.82 31.37
N HIS C 314 -20.46 -7.72 30.71
CA HIS C 314 -19.91 -6.41 30.94
C HIS C 314 -21.02 -5.48 31.42
N ARG C 315 -20.89 -4.97 32.64
CA ARG C 315 -21.85 -4.02 33.16
C ARG C 315 -21.26 -2.60 33.08
N LEU C 316 -21.91 -1.72 32.33
CA LEU C 316 -21.43 -0.36 32.17
C LEU C 316 -22.48 0.60 32.67
N ALA C 317 -22.06 1.65 33.36
CA ALA C 317 -22.98 2.68 33.78
C ALA C 317 -22.31 4.03 33.68
N ILE C 318 -23.07 4.99 33.18
CA ILE C 318 -22.60 6.33 32.87
C ILE C 318 -23.59 7.32 33.43
N ALA C 319 -23.12 8.29 34.19
CA ALA C 319 -23.94 9.37 34.69
C ALA C 319 -23.21 10.68 34.63
N PRO C 320 -23.97 11.82 34.56
CA PRO C 320 -23.37 13.14 34.67
C PRO C 320 -22.74 13.36 36.02
N ARG C 321 -21.60 14.02 36.03
CA ARG C 321 -21.07 14.61 37.25
C ARG C 321 -21.95 15.79 37.63
N ASN C 322 -22.39 16.54 36.63
CA ASN C 322 -23.13 17.80 36.82
C ASN C 322 -24.40 17.69 36.01
N GLU C 323 -25.46 17.36 36.71
CA GLU C 323 -26.69 17.08 36.02
C GLU C 323 -27.41 18.38 35.66
N THR C 324 -27.89 18.45 34.42
CA THR C 324 -28.70 19.56 33.92
C THR C 324 -29.82 18.95 33.04
N ALA C 325 -30.81 19.78 32.77
CA ALA C 325 -31.95 19.42 31.89
C ALA C 325 -31.46 19.09 30.47
N GLU C 326 -30.50 19.87 29.96
CA GLU C 326 -29.93 19.58 28.65
C GLU C 326 -29.07 18.28 28.62
N ASN C 327 -28.31 18.02 29.68
CA ASN C 327 -27.41 16.86 29.79
C ASN C 327 -26.54 16.67 28.53
N LYS C 328 -25.97 17.77 28.07
CA LYS C 328 -25.17 17.78 26.87
C LYS C 328 -24.06 16.70 26.88
N ASP C 329 -23.28 16.61 27.95
CA ASP C 329 -22.12 15.68 28.02
C ASP C 329 -22.53 14.23 28.03
N LEU C 330 -23.58 13.90 28.79
CA LEU C 330 -24.14 12.55 28.80
C LEU C 330 -24.54 12.09 27.41
N LEU C 331 -25.25 12.96 26.71
CA LEU C 331 -25.73 12.64 25.38
C LEU C 331 -24.61 12.61 24.36
N ASP C 332 -23.58 13.44 24.53
CA ASP C 332 -22.39 13.35 23.66
C ASP C 332 -21.80 11.92 23.74
N ALA C 333 -21.65 11.42 24.97
CA ALA C 333 -21.04 10.12 25.22
C ALA C 333 -21.91 8.98 24.71
N ILE C 334 -23.24 9.14 24.81
CA ILE C 334 -24.19 8.15 24.31
C ILE C 334 -24.13 8.09 22.77
N ALA C 335 -24.01 9.25 22.15
CA ALA C 335 -23.77 9.31 20.72
C ALA C 335 -22.49 8.57 20.33
N VAL C 336 -21.39 8.85 21.04
CA VAL C 336 -20.11 8.17 20.79
C VAL C 336 -20.26 6.65 20.95
N LEU C 337 -20.94 6.24 22.02
CA LEU C 337 -21.16 4.85 22.32
C LEU C 337 -21.89 4.16 21.20
N HIS C 338 -22.95 4.81 20.69
CA HIS C 338 -23.68 4.26 19.56
C HIS C 338 -22.74 4.02 18.36
N GLN C 339 -21.83 4.94 18.11
CA GLN C 339 -20.83 4.77 17.03
C GLN C 339 -19.87 3.57 17.21
N GLN C 340 -19.69 3.13 18.44
CA GLN C 340 -18.80 2.00 18.73
C GLN C 340 -19.47 0.64 18.62
N LEU C 341 -20.80 0.61 18.49
CA LEU C 341 -21.53 -0.64 18.58
C LEU C 341 -21.19 -1.65 17.49
N PRO C 342 -20.98 -1.17 16.24
CA PRO C 342 -20.67 -2.17 15.21
C PRO C 342 -19.36 -2.90 15.44
N ALA C 343 -18.33 -2.17 15.87
CA ALA C 343 -17.05 -2.77 16.23
C ALA C 343 -17.25 -3.79 17.34
N LEU C 344 -17.98 -3.40 18.36
CA LEU C 344 -18.31 -4.31 19.44
C LEU C 344 -19.04 -5.57 18.93
N SER C 345 -20.05 -5.36 18.08
CA SER C 345 -20.74 -6.47 17.49
C SER C 345 -19.80 -7.39 16.70
N ASN C 346 -18.94 -6.81 15.88
CA ASN C 346 -17.89 -7.59 15.19
C ASN C 346 -16.96 -8.39 16.09
N ASN C 347 -16.75 -7.90 17.31
CA ASN C 347 -15.97 -8.59 18.32
C ASN C 347 -16.76 -9.63 19.13
N GLY C 348 -17.99 -10.00 18.71
CA GLY C 348 -18.78 -10.98 19.47
C GLY C 348 -19.54 -10.48 20.69
N VAL C 349 -19.78 -9.16 20.76
CA VAL C 349 -20.50 -8.56 21.85
C VAL C 349 -21.98 -8.40 21.49
N ALA C 350 -22.83 -8.69 22.48
CA ALA C 350 -24.28 -8.58 22.36
C ALA C 350 -24.86 -8.16 23.69
N GLY C 351 -26.12 -7.74 23.66
CA GLY C 351 -26.90 -7.45 24.88
C GLY C 351 -27.75 -6.21 24.79
N TYR C 352 -28.06 -5.62 25.93
CA TYR C 352 -29.03 -4.55 25.98
C TYR C 352 -28.57 -3.37 26.79
N GLY C 353 -28.84 -2.18 26.28
CA GLY C 353 -28.52 -0.91 26.92
C GLY C 353 -29.73 -0.02 27.03
N PHE C 354 -29.74 0.79 28.10
CA PHE C 354 -30.92 1.55 28.53
C PHE C 354 -30.46 2.92 28.95
N TRP C 355 -31.19 3.98 28.59
CA TRP C 355 -30.75 5.30 28.95
C TRP C 355 -31.89 6.31 28.97
N PHE C 356 -31.65 7.40 29.69
CA PHE C 356 -32.65 8.42 29.97
C PHE C 356 -31.94 9.75 30.01
N ARG C 357 -32.46 10.72 29.28
CA ARG C 357 -32.02 12.10 29.45
C ARG C 357 -32.45 12.66 30.80
N SER C 358 -33.64 12.28 31.22
CA SER C 358 -34.16 12.66 32.53
C SER C 358 -35.06 11.52 32.98
N PHE C 359 -35.08 11.28 34.28
CA PHE C 359 -35.80 10.14 34.88
C PHE C 359 -36.43 10.65 36.17
N PRO C 360 -37.61 10.12 36.57
CA PRO C 360 -38.21 10.66 37.79
C PRO C 360 -37.59 10.11 39.07
N GLY C 361 -36.29 10.28 39.23
CA GLY C 361 -35.60 9.78 40.43
C GLY C 361 -34.24 9.27 40.02
N PRO C 362 -33.49 8.74 40.98
CA PRO C 362 -32.15 8.25 40.67
C PRO C 362 -32.19 7.12 39.66
N PHE C 363 -31.39 7.25 38.60
CA PHE C 363 -31.24 6.21 37.62
C PHE C 363 -29.84 5.58 37.72
N VAL C 364 -28.78 6.36 37.58
CA VAL C 364 -27.42 5.83 37.73
C VAL C 364 -26.83 6.48 38.94
N GLY C 365 -26.59 5.65 39.95
CA GLY C 365 -26.14 6.04 41.25
C GLY C 365 -27.06 7.11 41.76
N ASP C 366 -26.48 8.28 41.94
CA ASP C 366 -27.09 9.45 42.51
C ASP C 366 -27.88 10.34 41.52
N ALA C 367 -27.58 10.15 40.24
CA ALA C 367 -28.05 11.04 39.19
C ALA C 367 -29.40 10.59 38.67
N HIS C 368 -30.29 11.55 38.41
CA HIS C 368 -31.61 11.28 37.86
C HIS C 368 -31.56 11.20 36.33
N SER C 369 -30.54 10.53 35.80
CA SER C 369 -30.33 10.34 34.38
C SER C 369 -29.12 9.42 34.17
N GLY C 370 -28.90 9.04 32.93
CA GLY C 370 -27.75 8.23 32.57
C GLY C 370 -28.02 7.11 31.60
N TYR C 371 -27.01 6.25 31.47
CA TYR C 371 -26.99 5.15 30.54
C TYR C 371 -26.50 3.95 31.33
N THR C 372 -27.10 2.80 31.10
CA THR C 372 -26.62 1.58 31.69
C THR C 372 -26.74 0.46 30.66
N HIS C 373 -25.87 -0.55 30.75
CA HIS C 373 -26.05 -1.73 29.93
C HIS C 373 -25.53 -3.02 30.55
N GLY C 374 -26.10 -4.12 30.06
CA GLY C 374 -25.62 -5.49 30.28
C GLY C 374 -25.31 -6.07 28.91
N PHE C 375 -24.02 -6.10 28.59
CA PHE C 375 -23.50 -6.69 27.37
C PHE C 375 -22.72 -7.94 27.75
N TRP C 376 -22.35 -8.73 26.74
CA TRP C 376 -21.65 -9.98 26.96
C TRP C 376 -20.98 -10.52 25.73
N THR C 377 -19.93 -11.32 25.98
CA THR C 377 -19.26 -12.09 24.96
C THR C 377 -19.44 -13.58 25.26
N ILE C 378 -20.44 -14.19 24.64
CA ILE C 378 -20.65 -15.63 24.78
C ILE C 378 -19.47 -16.39 24.18
N GLY C 379 -18.89 -17.30 24.93
CA GLY C 379 -17.78 -18.12 24.46
C GLY C 379 -16.41 -17.58 24.78
N LYS C 380 -16.31 -16.46 25.51
CA LYS C 380 -15.03 -15.78 25.78
C LYS C 380 -14.85 -15.52 27.27
N ARG C 381 -13.62 -15.75 27.76
CA ARG C 381 -13.28 -15.49 29.16
C ARG C 381 -12.99 -13.99 29.29
N GLN C 382 -12.77 -13.53 30.50
CA GLN C 382 -12.77 -12.09 30.80
C GLN C 382 -11.74 -11.29 30.01
N ALA C 383 -10.53 -11.82 29.86
CA ALA C 383 -9.45 -11.13 29.15
C ALA C 383 -9.87 -10.80 27.73
N GLU C 384 -10.53 -11.73 27.07
CA GLU C 384 -11.02 -11.53 25.72
C GLU C 384 -12.22 -10.67 25.68
N ALA C 385 -13.04 -10.73 26.74
CA ALA C 385 -14.19 -9.84 26.89
C ALA C 385 -13.76 -8.38 27.01
N GLU C 386 -12.70 -8.13 27.76
CA GLU C 386 -12.15 -6.77 27.90
C GLU C 386 -11.67 -6.22 26.59
N LYS C 387 -10.97 -7.05 25.81
CA LYS C 387 -10.49 -6.62 24.48
C LYS C 387 -11.68 -6.31 23.59
N ALA C 388 -12.73 -7.13 23.71
CA ALA C 388 -13.91 -6.98 22.87
C ALA C 388 -14.62 -5.64 23.04
N VAL C 389 -14.67 -5.13 24.27
CA VAL C 389 -15.32 -3.84 24.56
C VAL C 389 -14.35 -2.66 24.59
N ALA C 390 -13.06 -2.93 24.34
CA ALA C 390 -12.05 -1.92 24.39
C ALA C 390 -12.34 -0.76 23.47
N PRO C 391 -12.79 -1.01 22.20
CA PRO C 391 -13.06 0.15 21.36
C PRO C 391 -14.01 1.16 21.99
N LEU C 392 -15.00 0.66 22.73
CA LEU C 392 -15.92 1.52 23.52
C LEU C 392 -15.28 2.18 24.72
N MET C 393 -14.59 1.42 25.56
CA MET C 393 -13.99 2.03 26.80
C MET C 393 -12.89 3.04 26.45
N ASN C 394 -12.15 2.77 25.38
CA ASN C 394 -11.18 3.71 24.88
C ASN C 394 -11.84 5.02 24.43
N ALA C 395 -12.97 4.91 23.73
CA ALA C 395 -13.66 6.09 23.24
C ALA C 395 -14.27 6.89 24.42
N LEU C 396 -14.64 6.18 25.49
CA LEU C 396 -15.15 6.81 26.71
C LEU C 396 -14.14 7.49 27.61
N LYS C 397 -12.84 7.21 27.46
CA LYS C 397 -11.80 7.91 28.23
C LYS C 397 -11.88 9.43 28.10
N LYS C 398 -12.35 9.94 26.97
CA LYS C 398 -12.44 11.41 26.75
C LYS C 398 -13.46 12.10 27.66
N PHE C 399 -14.35 11.31 28.28
CA PHE C 399 -15.44 11.82 29.11
C PHE C 399 -15.21 11.62 30.60
N GLU C 400 -13.99 11.26 31.01
CA GLU C 400 -13.79 10.93 32.43
C GLU C 400 -13.90 12.14 33.33
N ASP C 401 -13.51 13.30 32.83
CA ASP C 401 -13.65 14.56 33.56
C ASP C 401 -15.09 15.04 33.70
N LYS C 402 -15.96 14.61 32.77
CA LYS C 402 -17.31 15.15 32.62
C LYS C 402 -18.41 14.20 33.15
N LEU C 403 -18.12 12.90 33.17
CA LEU C 403 -19.08 11.88 33.57
C LEU C 403 -18.47 10.88 34.53
N VAL C 404 -19.32 10.32 35.41
CA VAL C 404 -18.94 9.20 36.26
C VAL C 404 -19.25 7.90 35.50
N ILE C 405 -18.22 7.09 35.32
CA ILE C 405 -18.34 5.87 34.50
C ILE C 405 -17.85 4.67 35.31
N THR C 406 -18.64 3.61 35.34
CA THR C 406 -18.27 2.40 36.04
C THR C 406 -18.39 1.25 35.06
N SER C 407 -17.50 0.29 35.23
CA SER C 407 -17.31 -0.74 34.23
C SER C 407 -16.83 -1.97 34.94
N THR C 408 -17.62 -3.04 34.92
CA THR C 408 -17.25 -4.27 35.61
C THR C 408 -17.57 -5.50 34.75
N PHE C 409 -16.90 -6.60 35.07
CA PHE C 409 -17.07 -7.85 34.32
C PHE C 409 -17.38 -8.98 35.26
N ALA C 410 -18.24 -9.88 34.82
CA ALA C 410 -18.55 -11.10 35.56
C ALA C 410 -18.42 -12.30 34.63
N GLU C 411 -17.66 -13.31 35.02
CA GLU C 411 -17.45 -14.52 34.22
C GLU C 411 -18.35 -15.64 34.69
N TYR C 412 -18.93 -16.40 33.76
CA TYR C 412 -19.76 -17.57 34.06
C TYR C 412 -19.19 -18.76 33.32
N GLN C 413 -19.45 -19.98 33.85
CA GLN C 413 -18.89 -21.23 33.30
C GLN C 413 -19.80 -22.02 32.34
N ASP C 414 -20.98 -21.48 32.05
CA ASP C 414 -21.86 -22.01 30.98
C ASP C 414 -22.90 -20.98 30.61
N TYR C 415 -23.71 -21.29 29.60
CA TYR C 415 -24.72 -20.37 29.15
C TYR C 415 -25.79 -20.09 30.23
N TRP C 416 -26.26 -21.14 30.88
CA TRP C 416 -27.43 -21.02 31.73
C TRP C 416 -27.21 -20.30 33.03
N SER C 417 -26.05 -20.50 33.67
CA SER C 417 -25.73 -19.72 34.87
C SER C 417 -25.63 -18.21 34.49
N PHE C 418 -25.06 -17.96 33.30
CA PHE C 418 -25.01 -16.62 32.74
C PHE C 418 -26.41 -16.07 32.49
N TYR C 419 -27.24 -16.89 31.84
CA TYR C 419 -28.55 -16.44 31.38
C TYR C 419 -29.35 -15.95 32.56
N TRP C 420 -29.43 -16.79 33.58
CA TRP C 420 -30.27 -16.50 34.72
C TRP C 420 -29.76 -15.38 35.59
N ALA C 421 -28.42 -15.18 35.60
CA ALA C 421 -27.83 -14.11 36.35
C ALA C 421 -28.02 -12.76 35.66
N GLU C 422 -27.83 -12.71 34.34
CA GLU C 422 -27.77 -11.47 33.60
C GLU C 422 -29.00 -11.16 32.78
N SER C 423 -29.89 -12.14 32.61
CA SER C 423 -31.09 -12.01 31.79
C SER C 423 -32.22 -12.77 32.49
N GLY C 424 -33.15 -13.37 31.75
CA GLY C 424 -34.27 -14.09 32.36
C GLY C 424 -35.13 -13.10 33.14
N LEU C 425 -35.52 -12.01 32.47
CA LEU C 425 -36.17 -10.88 33.11
C LEU C 425 -37.67 -11.14 33.32
N HIS C 426 -38.16 -10.58 34.43
CA HIS C 426 -39.54 -10.58 34.78
C HIS C 426 -39.84 -9.15 35.28
N ASP C 427 -39.62 -8.17 34.42
CA ASP C 427 -39.80 -6.77 34.78
C ASP C 427 -41.29 -6.40 34.88
N PRO C 428 -41.60 -5.27 35.57
CA PRO C 428 -43.00 -4.87 35.67
C PRO C 428 -43.56 -4.52 34.29
N VAL C 429 -44.85 -4.80 34.11
CA VAL C 429 -45.56 -4.62 32.84
C VAL C 429 -46.90 -3.90 33.16
N GLY C 430 -47.88 -4.01 32.28
CA GLY C 430 -49.23 -3.50 32.56
C GLY C 430 -49.56 -2.10 32.09
N SER C 431 -48.65 -1.47 31.35
CA SER C 431 -48.94 -0.20 30.67
C SER C 431 -48.98 -0.37 29.16
N THR C 432 -49.65 0.58 28.50
CA THR C 432 -49.70 0.64 27.06
C THR C 432 -48.30 0.97 26.48
N SER C 433 -47.94 0.27 25.42
CA SER C 433 -46.68 0.46 24.74
C SER C 433 -46.88 1.38 23.56
N ILE C 434 -46.11 2.47 23.54
CA ILE C 434 -46.06 3.41 22.43
C ILE C 434 -44.59 3.66 22.15
N ILE C 435 -44.06 2.84 21.26
CA ILE C 435 -42.65 2.85 20.90
C ILE C 435 -42.47 2.87 19.40
N THR C 436 -41.25 3.19 18.98
CA THR C 436 -40.81 3.07 17.59
C THR C 436 -39.46 2.32 17.57
N SER C 437 -39.19 1.53 16.52
CA SER C 437 -37.92 0.83 16.46
C SER C 437 -37.30 1.03 15.09
N ARG C 438 -35.96 1.08 15.11
CA ARG C 438 -35.20 1.27 13.91
C ARG C 438 -33.93 0.45 13.95
N LEU C 439 -33.78 -0.44 12.96
CA LEU C 439 -32.55 -1.18 12.78
C LEU C 439 -31.51 -0.19 12.26
N ILE C 440 -30.30 -0.25 12.82
CA ILE C 440 -29.23 0.70 12.49
C ILE C 440 -28.05 -0.02 11.81
N ASN C 441 -27.77 0.39 10.56
CA ASN C 441 -26.62 -0.13 9.79
C ASN C 441 -25.35 0.69 10.12
N PRO C 442 -24.16 0.07 10.04
CA PRO C 442 -22.92 0.81 10.43
C PRO C 442 -22.72 2.15 9.75
N GLU C 443 -23.08 2.22 8.45
CA GLU C 443 -22.90 3.40 7.62
C GLU C 443 -23.73 4.61 8.08
N ALA C 444 -24.78 4.35 8.83
CA ALA C 444 -25.59 5.42 9.42
C ALA C 444 -24.89 6.13 10.58
N LEU C 445 -23.74 5.61 11.02
CA LEU C 445 -23.11 6.06 12.29
C LEU C 445 -21.73 6.67 12.13
N THR C 446 -21.31 6.92 10.90
CA THR C 446 -19.96 7.35 10.65
C THR C 446 -19.83 8.86 10.93
N ASP C 447 -20.91 9.61 10.77
CA ASP C 447 -20.90 11.06 11.04
C ASP C 447 -21.41 11.31 12.45
N TYR C 448 -20.52 11.66 13.35
CA TYR C 448 -20.89 11.96 14.73
C TYR C 448 -22.04 12.96 14.86
N ASN C 449 -22.04 14.00 14.04
CA ASN C 449 -23.04 15.06 14.21
C ASN C 449 -24.43 14.55 13.90
N LYS C 450 -24.56 13.72 12.87
CA LYS C 450 -25.86 13.10 12.54
C LYS C 450 -26.39 12.21 13.66
N VAL C 451 -25.48 11.50 14.29
CA VAL C 451 -25.82 10.60 15.37
C VAL C 451 -26.25 11.42 16.57
N ARG C 452 -25.40 12.37 16.95
CA ARG C 452 -25.71 13.28 18.05
C ARG C 452 -27.07 13.98 17.91
N GLU C 453 -27.40 14.40 16.69
CA GLU C 453 -28.70 15.01 16.39
C GLU C 453 -29.86 14.01 16.57
N ALA C 454 -29.68 12.76 16.17
CA ALA C 454 -30.68 11.72 16.40
C ALA C 454 -30.88 11.47 17.91
N ILE C 455 -29.78 11.31 18.63
CA ILE C 455 -29.79 11.19 20.09
C ILE C 455 -30.50 12.38 20.74
N GLU C 456 -30.23 13.61 20.30
CA GLU C 456 -30.87 14.79 20.88
C GLU C 456 -32.39 14.69 20.79
N VAL C 457 -32.91 14.35 19.61
CA VAL C 457 -34.34 14.17 19.40
C VAL C 457 -34.97 13.00 20.19
N VAL C 458 -34.41 11.80 20.08
CA VAL C 458 -34.96 10.63 20.81
C VAL C 458 -34.81 10.73 22.36
N ALA C 459 -33.84 11.51 22.85
CA ALA C 459 -33.73 11.82 24.29
C ALA C 459 -35.01 12.48 24.82
N GLY C 460 -35.73 13.17 23.96
CA GLY C 460 -37.01 13.72 24.31
C GLY C 460 -36.89 15.03 25.08
N LYS C 461 -38.04 15.55 25.46
CA LYS C 461 -38.15 16.75 26.23
C LYS C 461 -37.84 16.43 27.68
N PRO C 462 -36.93 17.20 28.30
CA PRO C 462 -36.59 16.99 29.73
C PRO C 462 -37.77 16.86 30.72
N GLU C 463 -38.98 17.33 30.31
CA GLU C 463 -40.18 17.26 31.14
C GLU C 463 -40.87 15.91 30.97
N GLU C 464 -40.64 15.27 29.82
CA GLU C 464 -41.32 14.04 29.48
C GLU C 464 -40.30 12.90 29.52
N VAL C 465 -40.68 11.81 30.21
CA VAL C 465 -39.86 10.63 30.29
C VAL C 465 -39.92 9.91 28.96
N SER C 466 -38.74 9.68 28.38
CA SER C 466 -38.59 8.96 27.14
C SER C 466 -37.69 7.77 27.43
N SER C 467 -38.22 6.57 27.17
CA SER C 467 -37.42 5.36 27.25
C SER C 467 -36.65 5.19 25.95
N ASN C 468 -35.36 5.02 26.06
CA ASN C 468 -34.51 4.70 24.92
C ASN C 468 -33.76 3.39 25.23
N VAL C 469 -33.69 2.51 24.25
CA VAL C 469 -33.17 1.17 24.45
C VAL C 469 -32.35 0.80 23.22
N VAL C 470 -31.18 0.20 23.49
CA VAL C 470 -30.31 -0.39 22.48
C VAL C 470 -30.40 -1.92 22.55
N LEU C 471 -30.74 -2.58 21.43
CA LEU C 471 -30.81 -4.05 21.37
C LEU C 471 -29.64 -4.55 20.54
N LEU C 472 -28.52 -4.83 21.19
CA LEU C 472 -27.34 -5.26 20.47
C LEU C 472 -27.48 -6.76 20.23
N VAL C 473 -28.32 -7.10 19.27
CA VAL C 473 -28.81 -8.48 19.13
C VAL C 473 -28.64 -9.09 17.77
N SER C 474 -28.10 -8.34 16.81
CA SER C 474 -27.86 -8.88 15.48
C SER C 474 -26.34 -8.90 15.28
N GLY C 475 -25.89 -8.84 14.04
CA GLY C 475 -24.49 -9.09 13.73
C GLY C 475 -24.20 -10.58 13.79
N GLY C 476 -22.93 -10.93 13.67
CA GLY C 476 -22.47 -12.35 13.79
C GLY C 476 -23.27 -13.33 12.99
N GLN C 477 -23.91 -14.29 13.65
CA GLN C 477 -24.61 -15.38 12.93
C GLN C 477 -25.84 -14.85 12.20
N VAL C 478 -26.45 -13.78 12.70
CA VAL C 478 -27.59 -13.17 12.02
C VAL C 478 -27.20 -12.66 10.65
N PHE C 479 -26.00 -12.07 10.55
CA PHE C 479 -25.44 -11.62 9.28
C PHE C 479 -25.16 -12.83 8.38
N LYS C 480 -24.45 -13.79 8.95
CA LYS C 480 -24.16 -15.02 8.22
C LYS C 480 -25.42 -15.70 7.64
N ASP C 481 -26.50 -15.71 8.42
CA ASP C 481 -27.72 -16.43 8.02
C ASP C 481 -28.46 -15.77 6.85
N LYS C 482 -27.91 -14.69 6.32
CA LYS C 482 -28.33 -14.22 5.00
C LYS C 482 -28.20 -15.28 3.90
N ALA C 483 -27.23 -16.17 4.02
CA ALA C 483 -27.11 -17.32 3.09
C ALA C 483 -28.33 -18.26 3.10
N ASP C 484 -29.10 -18.27 4.18
CA ASP C 484 -30.30 -19.09 4.27
C ASP C 484 -31.50 -18.45 3.54
N THR C 485 -31.70 -18.87 2.30
CA THR C 485 -32.81 -18.36 1.47
C THR C 485 -34.20 -18.87 1.86
N SER C 486 -34.28 -19.90 2.71
CA SER C 486 -35.56 -20.34 3.27
C SER C 486 -36.14 -19.36 4.32
N SER C 487 -35.30 -18.45 4.80
CA SER C 487 -35.70 -17.45 5.78
C SER C 487 -36.52 -16.31 5.19
N GLY C 488 -37.46 -15.80 6.00
CA GLY C 488 -38.27 -14.66 5.64
C GLY C 488 -37.90 -13.36 6.34
N LEU C 489 -36.70 -13.30 6.96
CA LEU C 489 -36.37 -12.18 7.83
C LEU C 489 -36.09 -10.94 7.02
N HIS C 490 -36.65 -9.82 7.45
CA HIS C 490 -36.35 -8.47 6.89
C HIS C 490 -34.88 -8.37 6.52
N PRO C 491 -34.56 -8.06 5.25
CA PRO C 491 -33.16 -7.88 4.80
C PRO C 491 -32.27 -7.00 5.73
N ALA C 492 -32.82 -5.91 6.26
CA ALA C 492 -32.08 -5.02 7.13
C ALA C 492 -31.42 -5.72 8.33
N TRP C 493 -32.01 -6.80 8.80
CA TRP C 493 -31.36 -7.61 9.87
C TRP C 493 -29.97 -8.09 9.47
N ARG C 494 -29.78 -8.32 8.18
CA ARG C 494 -28.55 -8.86 7.69
C ARG C 494 -27.42 -7.81 7.62
N VAL C 495 -27.74 -6.51 7.74
CA VAL C 495 -26.75 -5.44 7.75
C VAL C 495 -26.71 -4.61 9.04
N SER C 496 -27.67 -4.80 9.94
CA SER C 496 -27.81 -3.94 11.12
C SER C 496 -27.48 -4.73 12.38
N PRO C 497 -26.41 -4.35 13.07
CA PRO C 497 -26.01 -5.15 14.25
C PRO C 497 -26.86 -4.88 15.48
N PHE C 498 -27.55 -3.73 15.51
CA PHE C 498 -28.39 -3.38 16.63
C PHE C 498 -29.65 -2.62 16.25
N VAL C 499 -30.57 -2.55 17.20
CA VAL C 499 -31.83 -1.83 17.07
C VAL C 499 -31.88 -0.72 18.11
N MET C 500 -32.41 0.44 17.72
CA MET C 500 -32.77 1.50 18.66
C MET C 500 -34.28 1.47 18.82
N ILE C 501 -34.73 1.45 20.06
CA ILE C 501 -36.13 1.64 20.43
C ILE C 501 -36.26 2.91 21.25
N SER C 502 -37.23 3.75 20.92
CA SER C 502 -37.52 4.96 21.68
C SER C 502 -39.02 5.01 21.89
N GLY C 503 -39.49 5.40 23.06
CA GLY C 503 -40.93 5.45 23.34
C GLY C 503 -41.30 6.34 24.50
N GLN C 504 -42.61 6.50 24.72
CA GLN C 504 -43.15 7.23 25.87
C GLN C 504 -44.38 6.54 26.38
N GLY C 505 -44.69 6.79 27.65
CA GLY C 505 -45.93 6.29 28.27
C GLY C 505 -47.06 7.29 28.24
N ILE C 506 -48.27 6.78 28.56
CA ILE C 506 -49.46 7.59 28.75
C ILE C 506 -50.01 7.23 30.11
N PRO C 507 -50.79 8.16 30.72
CA PRO C 507 -51.46 7.82 31.98
C PRO C 507 -52.27 6.53 31.85
N LYS C 508 -52.44 5.84 32.97
CA LYS C 508 -53.21 4.59 33.02
C LYS C 508 -54.65 4.84 32.52
N VAL C 509 -55.27 5.92 32.98
CA VAL C 509 -56.54 6.39 32.40
C VAL C 509 -56.23 7.59 31.51
N ALA C 510 -56.14 7.32 30.20
CA ALA C 510 -55.64 8.25 29.21
C ALA C 510 -56.74 8.72 28.29
N SER C 511 -56.96 10.04 28.23
CA SER C 511 -57.86 10.63 27.24
C SER C 511 -57.36 10.37 25.82
N ARG C 512 -58.28 10.39 24.86
CA ARG C 512 -57.90 10.22 23.44
C ARG C 512 -56.91 11.31 22.98
N GLU C 513 -57.09 12.50 23.49
CA GLU C 513 -56.28 13.65 23.10
C GLU C 513 -54.83 13.48 23.54
N ILE C 514 -54.67 13.02 24.78
CA ILE C 514 -53.34 12.80 25.34
C ILE C 514 -52.63 11.67 24.60
N ARG C 515 -53.35 10.60 24.28
CA ARG C 515 -52.76 9.49 23.53
C ARG C 515 -52.35 9.91 22.11
N ASP C 516 -53.18 10.73 21.45
CA ASP C 516 -52.84 11.22 20.09
C ASP C 516 -51.59 12.10 20.11
N TYR C 517 -51.47 12.93 21.17
CA TYR C 517 -50.26 13.75 21.36
C TYR C 517 -49.02 12.86 21.53
N VAL C 518 -49.11 11.87 22.41
CA VAL C 518 -47.96 10.99 22.64
C VAL C 518 -47.63 10.14 21.41
N GLN C 519 -48.66 9.59 20.77
CA GLN C 519 -48.44 8.77 19.56
C GLN C 519 -47.72 9.57 18.45
N HIS C 520 -48.14 10.82 18.30
CA HIS C 520 -47.50 11.75 17.38
C HIS C 520 -46.04 12.04 17.68
N GLN C 521 -45.70 12.24 18.95
CA GLN C 521 -44.31 12.39 19.33
C GLN C 521 -43.50 11.14 18.99
N VAL C 522 -44.02 9.96 19.31
CA VAL C 522 -43.32 8.70 19.05
C VAL C 522 -43.15 8.45 17.57
N THR C 523 -44.23 8.60 16.80
CA THR C 523 -44.20 8.29 15.36
C THR C 523 -43.47 9.36 14.53
N HIS C 524 -43.87 10.62 14.71
CA HIS C 524 -43.47 11.71 13.81
C HIS C 524 -42.34 12.62 14.30
N VAL C 525 -41.96 12.52 15.58
CA VAL C 525 -40.76 13.18 16.11
C VAL C 525 -39.66 12.14 16.36
N LYS C 526 -39.93 11.17 17.23
CA LYS C 526 -38.92 10.15 17.55
C LYS C 526 -38.63 9.25 16.34
N GLY C 527 -39.64 8.57 15.84
CA GLY C 527 -39.52 7.65 14.71
C GLY C 527 -38.91 8.28 13.47
N ALA C 528 -39.29 9.54 13.20
CA ALA C 528 -38.80 10.33 12.10
C ALA C 528 -37.30 10.63 12.19
N ALA C 529 -36.81 10.90 13.40
CA ALA C 529 -35.39 11.12 13.62
C ALA C 529 -34.63 9.84 13.39
N LEU C 530 -35.18 8.73 13.85
CA LEU C 530 -34.53 7.42 13.66
C LEU C 530 -34.44 7.02 12.21
N LYS C 531 -35.48 7.35 11.44
CA LYS C 531 -35.49 7.09 10.00
C LYS C 531 -34.51 7.95 9.27
N LYS C 532 -34.43 9.24 9.66
CA LYS C 532 -33.42 10.13 9.10
C LYS C 532 -32.00 9.65 9.38
N LEU C 533 -31.75 9.16 10.58
CA LEU C 533 -30.48 8.54 10.90
C LEU C 533 -30.18 7.32 10.04
N ALA C 534 -31.13 6.39 9.99
CA ALA C 534 -30.97 5.16 9.19
C ALA C 534 -32.11 4.96 8.20
N PRO C 535 -32.04 5.61 7.01
CA PRO C 535 -33.20 5.59 6.12
C PRO C 535 -33.35 4.35 5.26
N ASN C 536 -32.35 3.49 5.21
CA ASN C 536 -32.31 2.34 4.29
C ASN C 536 -32.57 1.00 4.95
N THR C 537 -33.03 1.01 6.20
CA THR C 537 -33.17 -0.23 6.97
C THR C 537 -34.64 -0.61 7.21
N GLY C 538 -35.14 -0.41 8.42
CA GLY C 538 -36.47 -0.85 8.81
C GLY C 538 -36.58 -0.88 10.31
N GLY C 539 -37.63 -1.52 10.79
CA GLY C 539 -37.94 -1.60 12.21
C GLY C 539 -38.20 -3.05 12.55
N TYR C 540 -38.60 -3.25 13.80
CA TYR C 540 -38.86 -4.55 14.40
C TYR C 540 -40.35 -4.64 14.79
N MET C 541 -41.10 -5.48 14.06
CA MET C 541 -42.56 -5.51 14.19
C MET C 541 -43.02 -5.80 15.63
N ASN C 542 -42.33 -6.73 16.31
CA ASN C 542 -42.75 -7.19 17.64
C ASN C 542 -42.64 -6.10 18.71
N GLU C 543 -41.68 -5.20 18.52
CA GLU C 543 -41.47 -4.06 19.41
C GLU C 543 -41.23 -2.88 18.49
N GLY C 544 -42.32 -2.33 18.01
CA GLY C 544 -42.31 -1.39 16.93
C GLY C 544 -43.56 -0.52 16.88
N ASP C 545 -43.59 0.34 15.89
CA ASP C 545 -44.57 1.41 15.78
C ASP C 545 -45.72 0.96 14.90
N GLY C 546 -46.82 0.55 15.53
CA GLY C 546 -47.98 0.09 14.82
C GLY C 546 -48.81 1.19 14.22
N SER C 547 -48.54 2.46 14.57
CA SER C 547 -49.20 3.63 13.95
C SER C 547 -48.40 4.30 12.85
N ASP C 548 -47.27 3.72 12.46
CA ASP C 548 -46.44 4.31 11.42
C ASP C 548 -47.18 4.12 10.10
N PRO C 549 -47.56 5.22 9.42
CA PRO C 549 -48.09 5.10 8.06
C PRO C 549 -47.23 4.24 7.12
N GLU C 550 -45.93 4.20 7.36
CA GLU C 550 -45.04 3.40 6.54
C GLU C 550 -44.66 2.08 7.16
N TYR C 551 -45.48 1.58 8.09
CA TYR C 551 -45.18 0.34 8.80
C TYR C 551 -44.91 -0.84 7.92
N ILE C 552 -45.52 -0.93 6.74
CA ILE C 552 -45.32 -2.12 5.87
C ILE C 552 -43.84 -2.24 5.52
N ASP C 553 -43.30 -1.13 5.07
CA ASP C 553 -41.88 -0.98 4.74
C ASP C 553 -40.98 -1.29 5.95
N ALA C 554 -41.30 -0.64 7.05
CA ALA C 554 -40.56 -0.79 8.30
C ALA C 554 -40.53 -2.25 8.75
N PHE C 555 -41.70 -2.86 8.81
CA PHE C 555 -41.86 -4.16 9.43
C PHE C 555 -41.35 -5.32 8.56
N TYR C 556 -41.65 -5.25 7.26
CA TYR C 556 -41.44 -6.36 6.31
C TYR C 556 -40.40 -6.10 5.23
N GLY C 557 -40.22 -4.83 4.87
CA GLY C 557 -39.29 -4.46 3.81
C GLY C 557 -39.62 -5.09 2.46
N LYS C 558 -38.58 -5.38 1.71
CA LYS C 558 -38.70 -5.94 0.36
C LYS C 558 -39.23 -7.37 0.31
N ASN C 559 -39.25 -8.06 1.46
CA ASN C 559 -39.90 -9.37 1.53
C ASN C 559 -41.43 -9.30 1.45
N TYR C 560 -42.02 -8.10 1.45
CA TYR C 560 -43.44 -7.96 1.65
C TYR C 560 -44.27 -8.65 0.58
N ALA C 561 -43.93 -8.42 -0.68
CA ALA C 561 -44.66 -9.03 -1.81
C ALA C 561 -44.76 -10.54 -1.68
N GLN C 562 -43.66 -11.17 -1.26
CA GLN C 562 -43.64 -12.62 -1.04
C GLN C 562 -44.43 -13.01 0.19
N HIS C 563 -44.37 -12.21 1.26
CA HIS C 563 -45.19 -12.50 2.42
C HIS C 563 -46.67 -12.42 2.05
N LEU C 564 -47.03 -11.34 1.36
CA LEU C 564 -48.40 -11.17 0.91
C LEU C 564 -48.89 -12.30 0.02
N ALA C 565 -48.05 -12.80 -0.89
CA ALA C 565 -48.47 -13.93 -1.73
C ALA C 565 -48.85 -15.15 -0.88
N ALA C 566 -47.96 -15.54 0.02
CA ALA C 566 -48.24 -16.61 0.99
C ALA C 566 -49.51 -16.35 1.82
N LYS C 567 -49.71 -15.10 2.24
CA LYS C 567 -50.94 -14.71 2.95
C LYS C 567 -52.16 -14.96 2.13
N ARG C 568 -52.15 -14.53 0.88
CA ARG C 568 -53.30 -14.69 0.01
C ARG C 568 -53.52 -16.14 -0.46
N LYS C 569 -52.44 -16.92 -0.62
CA LYS C 569 -52.54 -18.36 -0.93
C LYS C 569 -53.15 -19.14 0.24
N TYR C 570 -52.58 -19.00 1.43
CA TYR C 570 -52.92 -19.84 2.58
C TYR C 570 -54.10 -19.36 3.44
N ASP C 571 -54.35 -18.05 3.44
CA ASP C 571 -55.51 -17.48 4.11
C ASP C 571 -56.20 -16.44 3.24
N PRO C 572 -56.85 -16.87 2.14
CA PRO C 572 -57.46 -15.90 1.23
C PRO C 572 -58.57 -15.03 1.84
N ASP C 573 -59.26 -15.56 2.84
CA ASP C 573 -60.41 -14.84 3.46
C ASP C 573 -59.99 -14.03 4.68
N ASN C 574 -58.72 -14.17 5.06
CA ASN C 574 -58.14 -13.43 6.16
C ASN C 574 -58.86 -13.74 7.47
N ILE C 575 -59.06 -15.04 7.69
CA ILE C 575 -59.64 -15.53 8.90
C ILE C 575 -58.74 -15.17 10.09
N PHE C 576 -57.43 -15.01 9.85
CA PHE C 576 -56.48 -14.72 10.90
C PHE C 576 -56.00 -13.28 10.91
N PHE C 577 -56.87 -12.36 10.47
CA PHE C 577 -56.59 -10.94 10.50
C PHE C 577 -55.97 -10.53 11.82
N CYS C 578 -54.87 -9.81 11.74
CA CYS C 578 -54.39 -9.04 12.88
C CYS C 578 -53.84 -7.70 12.39
N ARG C 579 -53.92 -6.76 13.32
CA ARG C 579 -53.55 -5.36 13.11
C ARG C 579 -52.06 -5.26 12.69
N THR C 580 -51.77 -4.57 11.58
CA THR C 580 -50.41 -4.47 11.00
C THR C 580 -49.84 -5.77 10.40
N CYS C 581 -50.53 -6.89 10.54
CA CYS C 581 -50.05 -8.16 9.98
C CYS C 581 -50.09 -8.05 8.46
N VAL C 582 -49.36 -8.96 7.81
CA VAL C 582 -49.28 -8.92 6.36
C VAL C 582 -50.71 -9.07 5.80
N GLY C 583 -51.06 -8.17 4.88
CA GLY C 583 -52.39 -8.16 4.27
C GLY C 583 -53.48 -7.38 5.01
N ALA C 584 -53.16 -6.82 6.18
CA ALA C 584 -54.15 -6.16 7.03
C ALA C 584 -54.75 -4.90 6.40
N GLU C 585 -54.02 -4.30 5.45
CA GLU C 585 -54.50 -3.15 4.72
C GLU C 585 -55.72 -3.40 3.84
N ASP C 586 -56.08 -4.66 3.60
CA ASP C 586 -57.31 -4.98 2.89
C ASP C 586 -58.55 -4.86 3.76
N PHE C 587 -58.36 -4.64 5.06
CA PHE C 587 -59.44 -4.45 6.02
C PHE C 587 -59.34 -3.13 6.79
N ILE C 588 -60.46 -2.76 7.41
CA ILE C 588 -60.52 -1.66 8.36
C ILE C 588 -60.97 -2.22 9.71
N GLU C 589 -60.11 -2.06 10.72
CA GLU C 589 -60.40 -2.41 12.09
C GLU C 589 -60.98 -1.18 12.83
N ARG C 590 -61.91 -1.43 13.72
CA ARG C 590 -62.43 -0.40 14.61
C ARG C 590 -62.22 -0.88 16.04
N PRO C 591 -62.11 0.06 16.99
CA PRO C 591 -62.01 -0.31 18.40
C PRO C 591 -63.35 -0.70 19.01
N ASP C 592 -64.46 -0.26 18.38
CA ASP C 592 -65.79 -0.38 18.95
C ASP C 592 -66.87 -0.78 17.92
N GLY C 593 -66.45 -1.36 16.80
CA GLY C 593 -67.38 -1.87 15.80
C GLY C 593 -66.80 -3.02 15.00
N PRO C 594 -67.60 -3.53 14.02
CA PRO C 594 -67.16 -4.65 13.20
C PRO C 594 -65.87 -4.40 12.43
N LEU C 595 -65.05 -5.44 12.32
CA LEU C 595 -63.94 -5.50 11.38
C LEU C 595 -64.54 -5.71 10.00
N CYS C 596 -64.10 -4.91 9.03
CA CYS C 596 -64.69 -4.97 7.68
C CYS C 596 -63.62 -4.98 6.60
N ARG C 597 -63.92 -5.65 5.50
CA ARG C 597 -63.11 -5.57 4.28
C ARG C 597 -63.36 -4.19 3.63
N LYS C 598 -62.30 -3.55 3.11
CA LYS C 598 -62.46 -2.46 2.13
C LYS C 598 -63.08 -3.17 0.96
N THR D 27 68.88 8.91 -1.39
CA THR D 27 69.06 9.92 -0.30
C THR D 27 69.09 11.40 -0.69
N PRO D 28 69.51 11.75 -1.94
CA PRO D 28 69.16 13.14 -2.34
C PRO D 28 67.64 13.25 -2.57
N LYS D 29 67.10 14.39 -2.21
CA LYS D 29 65.67 14.62 -2.30
C LYS D 29 65.22 14.86 -3.73
N CYS D 30 66.10 15.44 -4.56
CA CYS D 30 65.80 15.79 -5.92
C CYS D 30 66.48 14.90 -6.92
N ARG D 31 65.76 14.54 -7.97
CA ARG D 31 66.36 13.85 -9.10
C ARG D 31 67.31 14.81 -9.84
N CYS D 32 68.37 14.22 -10.39
CA CYS D 32 69.34 14.92 -11.24
C CYS D 32 68.77 15.21 -12.65
N THR D 33 69.07 16.39 -13.18
CA THR D 33 68.56 16.84 -14.48
C THR D 33 69.70 17.28 -15.39
N PRO D 34 69.45 17.41 -16.71
CA PRO D 34 70.51 17.81 -17.63
C PRO D 34 71.19 19.12 -17.28
N GLY D 35 72.49 19.17 -17.51
CA GLY D 35 73.28 20.37 -17.24
C GLY D 35 73.81 20.44 -15.82
N GLU D 36 73.27 19.63 -14.91
CA GLU D 36 73.80 19.61 -13.55
C GLU D 36 75.10 18.81 -13.53
N ALA D 37 75.90 19.05 -12.50
CA ALA D 37 77.14 18.33 -12.26
C ALA D 37 76.93 16.81 -12.10
N CYS D 38 75.83 16.42 -11.46
CA CYS D 38 75.51 15.00 -11.28
C CYS D 38 75.03 14.24 -12.55
N TRP D 39 74.66 14.98 -13.58
CA TRP D 39 74.15 14.38 -14.81
C TRP D 39 75.29 13.63 -15.49
N PRO D 40 75.07 12.36 -15.88
CA PRO D 40 76.14 11.61 -16.55
C PRO D 40 76.63 12.30 -17.84
N ASP D 41 77.94 12.30 -18.09
CA ASP D 41 78.54 12.97 -19.26
C ASP D 41 78.35 12.13 -20.53
N ASN D 42 78.76 12.65 -21.67
CA ASN D 42 78.44 11.98 -22.94
C ASN D 42 78.98 10.54 -22.99
N SER D 43 80.16 10.29 -22.43
CA SER D 43 80.77 8.94 -22.44
C SER D 43 79.92 7.92 -21.68
N VAL D 44 79.30 8.34 -20.57
CA VAL D 44 78.47 7.45 -19.77
C VAL D 44 77.22 7.08 -20.54
N TRP D 45 76.58 8.04 -21.18
CA TRP D 45 75.40 7.76 -22.01
C TRP D 45 75.74 6.86 -23.18
N GLU D 46 76.89 7.09 -23.81
CA GLU D 46 77.33 6.28 -24.93
C GLU D 46 77.60 4.82 -24.52
N ALA D 47 78.23 4.62 -23.36
CA ALA D 47 78.44 3.27 -22.80
C ALA D 47 77.10 2.58 -22.48
N PHE D 48 76.12 3.35 -22.05
CA PHE D 48 74.79 2.83 -21.75
C PHE D 48 74.08 2.41 -23.06
N ASP D 49 74.24 3.21 -24.12
CA ASP D 49 73.72 2.86 -25.45
C ASP D 49 74.29 1.51 -25.90
N LYS D 50 75.59 1.32 -25.71
CA LYS D 50 76.30 0.10 -26.11
C LYS D 50 75.94 -1.15 -25.31
N THR D 51 75.73 -1.01 -24.00
CA THR D 51 75.21 -2.07 -23.16
C THR D 51 73.81 -2.50 -23.61
N LEU D 52 72.95 -1.53 -23.93
CA LEU D 52 71.60 -1.84 -24.41
C LEU D 52 71.63 -2.55 -25.75
N GLY D 53 72.50 -2.09 -26.63
CA GLY D 53 72.48 -2.44 -28.03
C GLY D 53 72.33 -1.10 -28.71
N LYS D 54 73.39 -0.74 -29.41
CA LYS D 54 73.49 0.55 -30.14
C LYS D 54 72.18 0.84 -30.88
N GLY D 55 71.68 2.07 -30.77
CA GLY D 55 70.43 2.51 -31.38
C GLY D 55 69.21 2.57 -30.45
N LYS D 56 69.22 1.79 -29.36
CA LYS D 56 68.10 1.78 -28.41
C LYS D 56 67.97 3.08 -27.60
N LEU D 57 69.08 3.74 -27.30
CA LEU D 57 69.03 5.00 -26.57
C LEU D 57 68.80 6.16 -27.56
N ILE D 58 67.72 6.88 -27.39
CA ILE D 58 67.42 8.01 -28.26
C ILE D 58 67.51 9.29 -27.46
N LYS D 59 68.31 10.25 -27.95
CA LYS D 59 68.30 11.60 -27.43
C LYS D 59 67.09 12.25 -28.04
N THR D 60 66.17 12.73 -27.21
CA THR D 60 64.91 13.18 -27.73
C THR D 60 65.09 14.53 -28.39
N SER D 61 64.18 14.80 -29.31
CA SER D 61 64.10 16.11 -29.93
C SER D 61 62.67 16.58 -29.99
N PRO D 62 62.37 17.83 -29.61
CA PRO D 62 60.99 18.33 -29.74
C PRO D 62 60.43 18.06 -31.13
N ILE D 63 59.21 17.56 -31.17
CA ILE D 63 58.58 17.10 -32.42
C ILE D 63 58.72 18.11 -33.54
N ALA D 64 58.43 19.37 -33.22
CA ALA D 64 58.45 20.46 -34.18
C ALA D 64 59.69 21.36 -34.18
N GLN D 65 60.84 20.85 -33.77
CA GLN D 65 62.08 21.70 -33.75
C GLN D 65 62.55 22.21 -35.13
N SER D 66 62.20 21.48 -36.18
CA SER D 66 62.51 21.91 -37.56
C SER D 66 61.83 23.22 -38.00
N CYS D 67 60.78 23.63 -37.29
CA CYS D 67 60.09 24.89 -37.53
C CYS D 67 60.79 26.13 -37.02
N TYR D 68 61.89 25.95 -36.28
CA TYR D 68 62.55 27.06 -35.60
C TYR D 68 64.00 27.26 -36.09
N ASP D 69 64.46 28.51 -36.01
CA ASP D 69 65.82 28.88 -36.46
C ASP D 69 66.90 28.13 -35.73
N GLY D 70 67.97 27.80 -36.47
CA GLY D 70 69.11 27.11 -35.90
C GLY D 70 69.50 25.84 -36.65
N PRO D 71 70.41 25.05 -36.08
CA PRO D 71 71.02 23.89 -36.78
C PRO D 71 70.03 22.81 -37.24
N GLN D 72 68.92 22.72 -36.54
CA GLN D 72 67.87 21.75 -36.82
C GLN D 72 66.79 22.23 -37.81
N LYS D 73 66.88 23.46 -38.31
CA LYS D 73 65.81 24.02 -39.12
C LYS D 73 65.64 23.30 -40.46
N ASP D 74 64.39 23.07 -40.87
CA ASP D 74 64.07 22.35 -42.10
C ASP D 74 62.59 22.61 -42.40
N LEU D 75 62.31 23.52 -43.31
CA LEU D 75 60.94 23.96 -43.56
C LEU D 75 60.06 22.88 -44.21
N ASP D 76 60.68 21.98 -44.95
CA ASP D 76 59.99 20.79 -45.49
C ASP D 76 59.58 19.85 -44.37
N ARG D 77 60.52 19.55 -43.47
CA ARG D 77 60.18 18.75 -42.29
C ARG D 77 59.11 19.46 -41.44
N CYS D 78 59.26 20.77 -41.26
CA CYS D 78 58.31 21.55 -40.48
C CYS D 78 56.89 21.43 -41.01
N ALA D 79 56.73 21.56 -42.33
CA ALA D 79 55.42 21.44 -42.98
C ALA D 79 54.81 20.04 -42.85
N TYR D 80 55.65 19.03 -42.99
CA TYR D 80 55.22 17.65 -42.74
C TYR D 80 54.71 17.51 -41.29
N VAL D 81 55.48 18.01 -40.35
CA VAL D 81 55.11 17.95 -38.92
C VAL D 81 53.82 18.73 -38.65
N ASN D 82 53.69 19.89 -39.28
CA ASN D 82 52.46 20.67 -39.11
C ASN D 82 51.24 19.91 -39.64
N LYS D 83 51.40 19.32 -40.79
CA LYS D 83 50.35 18.53 -41.43
C LYS D 83 49.96 17.31 -40.60
N MET D 84 50.94 16.66 -39.97
CA MET D 84 50.71 15.37 -39.28
C MET D 84 50.49 15.46 -37.77
N TRP D 85 50.52 16.69 -37.25
CA TRP D 85 50.33 16.97 -35.83
C TRP D 85 49.04 16.44 -35.26
N THR D 86 47.98 16.48 -36.06
CA THR D 86 46.68 16.01 -35.60
C THR D 86 46.50 14.46 -35.71
N ASP D 87 47.51 13.74 -36.21
CA ASP D 87 47.37 12.30 -36.47
C ASP D 87 47.88 11.42 -35.34
N GLN D 88 47.06 10.49 -34.90
CA GLN D 88 47.38 9.72 -33.69
C GLN D 88 48.62 8.82 -33.88
N ASP D 89 48.76 8.23 -35.09
CA ASP D 89 49.89 7.34 -35.37
C ASP D 89 51.18 8.12 -35.41
N PHE D 90 51.12 9.29 -36.03
CA PHE D 90 52.29 10.17 -36.10
C PHE D 90 52.79 10.47 -34.68
N GLN D 91 51.87 10.83 -33.80
CA GLN D 91 52.23 11.09 -32.42
C GLN D 91 52.67 9.86 -31.62
N THR D 92 52.13 8.66 -31.86
CA THR D 92 52.62 7.47 -31.16
C THR D 92 53.96 6.95 -31.66
N SER D 93 54.39 7.37 -32.84
CA SER D 93 55.61 6.89 -33.51
C SER D 93 56.91 7.48 -32.97
N ASP D 94 56.84 8.67 -32.36
CA ASP D 94 57.99 9.33 -31.79
C ASP D 94 58.00 9.04 -30.26
N PRO D 95 59.20 8.85 -29.67
CA PRO D 95 59.28 8.61 -28.23
C PRO D 95 58.70 9.68 -27.34
N ILE D 96 58.69 10.93 -27.76
CA ILE D 96 58.02 12.00 -27.00
C ILE D 96 56.87 12.64 -27.81
N GLY D 97 56.28 11.85 -28.70
CA GLY D 97 55.07 12.26 -29.38
C GLY D 97 53.90 12.09 -28.42
N ARG D 98 53.03 13.10 -28.40
CA ARG D 98 51.92 13.15 -27.49
C ARG D 98 50.62 13.47 -28.20
N ASN D 99 49.64 12.56 -28.06
CA ASN D 99 48.33 12.81 -28.65
C ASN D 99 47.69 14.09 -28.09
N TYR D 100 47.67 14.21 -26.77
CA TYR D 100 47.16 15.36 -26.09
C TYR D 100 48.27 16.02 -25.27
N PRO D 101 49.15 16.77 -25.93
CA PRO D 101 50.34 17.28 -25.24
C PRO D 101 49.97 18.19 -24.10
N TYR D 102 50.55 17.92 -22.92
CA TYR D 102 50.10 18.58 -21.69
C TYR D 102 50.48 20.07 -21.69
N ASN D 103 51.61 20.40 -22.33
CA ASN D 103 52.11 21.77 -22.39
C ASN D 103 52.95 21.90 -23.63
N ILE D 104 52.35 22.47 -24.67
CA ILE D 104 53.02 22.68 -25.97
C ILE D 104 54.02 23.84 -25.79
N THR D 105 55.28 23.46 -25.57
CA THR D 105 56.41 24.40 -25.46
C THR D 105 57.24 24.46 -26.74
N CYS D 106 56.86 23.68 -27.76
CA CYS D 106 57.45 23.72 -29.08
C CYS D 106 56.37 23.48 -30.12
N ALA D 107 55.64 24.55 -30.43
CA ALA D 107 54.46 24.46 -31.31
C ALA D 107 54.86 24.16 -32.75
N PRO D 108 54.06 23.34 -33.47
CA PRO D 108 54.27 23.35 -34.93
C PRO D 108 53.87 24.72 -35.48
N VAL D 109 54.60 25.19 -36.50
CA VAL D 109 54.33 26.50 -37.11
C VAL D 109 53.79 26.26 -38.50
N ASP D 110 52.63 26.86 -38.79
CA ASP D 110 52.00 26.76 -40.09
C ASP D 110 52.40 27.97 -40.90
N TYR D 111 53.52 27.85 -41.61
CA TYR D 111 54.06 28.95 -42.39
C TYR D 111 53.16 29.37 -43.55
N ALA D 112 52.56 28.38 -44.22
CA ALA D 112 51.60 28.63 -45.30
C ALA D 112 50.47 29.54 -44.83
N ALA D 113 50.00 29.36 -43.59
CA ALA D 113 48.94 30.18 -43.00
C ALA D 113 49.42 31.53 -42.41
N GLY D 114 50.66 31.90 -42.65
CA GLY D 114 51.23 33.16 -42.16
C GLY D 114 51.71 33.17 -40.71
N GLU D 115 51.73 32.01 -40.04
CA GLU D 115 52.21 31.93 -38.67
C GLU D 115 53.74 32.09 -38.63
N THR D 116 54.25 32.50 -37.46
CA THR D 116 55.69 32.70 -37.27
C THR D 116 56.10 32.14 -35.92
N PRO D 117 57.37 31.69 -35.79
CA PRO D 117 57.80 31.01 -34.59
C PRO D 117 57.99 31.92 -33.37
N THR D 118 57.72 31.39 -32.19
CA THR D 118 58.06 32.03 -30.94
C THR D 118 59.33 31.34 -30.46
N SER D 119 59.18 30.31 -29.63
CA SER D 119 60.33 29.56 -29.17
C SER D 119 60.00 28.08 -29.12
N CYS D 120 61.04 27.25 -29.10
CA CYS D 120 60.89 25.81 -29.05
C CYS D 120 61.83 25.26 -27.99
N ILE D 121 61.24 24.72 -26.92
CA ILE D 121 62.00 23.92 -25.97
C ILE D 121 61.33 22.57 -25.75
N LEU D 122 62.10 21.67 -25.15
CA LEU D 122 61.60 20.34 -24.78
C LEU D 122 60.48 20.46 -23.74
N GLY D 123 60.70 21.36 -22.78
CA GLY D 123 59.78 21.55 -21.69
C GLY D 123 59.87 20.43 -20.71
N SER D 124 58.72 19.88 -20.38
CA SER D 124 58.59 18.79 -19.43
C SER D 124 58.61 17.42 -20.12
N LEU D 125 58.94 17.36 -21.39
CA LEU D 125 59.03 16.08 -22.07
C LEU D 125 60.41 15.49 -21.74
N PRO D 126 60.52 14.15 -21.65
CA PRO D 126 61.79 13.47 -21.38
C PRO D 126 62.92 13.82 -22.34
N TYR D 127 64.13 13.86 -21.79
CA TYR D 127 65.34 14.27 -22.49
C TYR D 127 66.03 13.08 -23.21
N TYR D 128 65.93 11.89 -22.62
CA TYR D 128 66.35 10.67 -23.31
C TYR D 128 65.21 9.67 -23.25
N ALA D 129 65.14 8.80 -24.24
CA ALA D 129 64.27 7.64 -24.18
C ALA D 129 65.06 6.39 -24.53
N VAL D 130 64.71 5.26 -23.90
CA VAL D 130 65.19 3.95 -24.32
C VAL D 130 64.04 3.25 -25.07
N ASN D 131 64.28 2.96 -26.36
CA ASN D 131 63.36 2.18 -27.16
C ASN D 131 63.48 0.71 -26.72
N ALA D 132 62.76 0.36 -25.64
CA ALA D 132 62.89 -0.94 -25.00
C ALA D 132 62.03 -1.97 -25.69
N SER D 133 62.65 -3.04 -26.16
CA SER D 133 61.91 -4.19 -26.76
C SER D 133 62.13 -5.56 -26.07
N THR D 134 62.94 -5.63 -25.02
CA THR D 134 63.17 -6.86 -24.26
C THR D 134 63.10 -6.54 -22.79
N ARG D 135 62.93 -7.55 -21.97
CA ARG D 135 63.05 -7.39 -20.51
C ARG D 135 64.41 -6.87 -20.07
N GLU D 136 65.47 -7.19 -20.81
CA GLU D 136 66.81 -6.78 -20.46
C GLU D 136 66.88 -5.25 -20.62
N ASP D 137 66.38 -4.75 -21.75
CA ASP D 137 66.25 -3.30 -21.97
C ASP D 137 65.61 -2.60 -20.80
N ILE D 138 64.51 -3.18 -20.32
CA ILE D 138 63.71 -2.56 -19.27
C ILE D 138 64.50 -2.60 -17.96
N THR D 139 65.05 -3.77 -17.64
CA THR D 139 65.88 -3.91 -16.44
C THR D 139 67.02 -2.88 -16.45
N LEU D 140 67.72 -2.76 -17.56
CA LEU D 140 68.87 -1.84 -17.66
C LEU D 140 68.46 -0.36 -17.53
N THR D 141 67.28 -0.02 -18.05
CA THR D 141 66.79 1.34 -18.00
C THR D 141 66.40 1.68 -16.59
N LEU D 142 65.61 0.81 -15.96
CA LEU D 142 65.27 0.97 -14.54
C LEU D 142 66.54 1.18 -13.73
N ASN D 143 67.48 0.24 -13.85
CA ASN D 143 68.71 0.27 -13.05
C ASN D 143 69.54 1.54 -13.27
N PHE D 144 69.70 1.95 -14.52
CA PHE D 144 70.45 3.17 -14.84
C PHE D 144 69.78 4.43 -14.21
N ALA D 145 68.45 4.50 -14.26
CA ALA D 145 67.71 5.65 -13.67
C ALA D 145 67.97 5.76 -12.18
N LYS D 146 67.84 4.62 -11.51
CA LYS D 146 68.10 4.53 -10.06
C LYS D 146 69.56 4.81 -9.75
N GLN D 147 70.45 4.23 -10.52
CA GLN D 147 71.88 4.40 -10.29
C GLN D 147 72.33 5.86 -10.39
N HIS D 148 71.86 6.58 -11.42
CA HIS D 148 72.22 7.96 -11.61
C HIS D 148 71.22 8.96 -11.08
N ASN D 149 70.28 8.49 -10.27
CA ASN D 149 69.22 9.30 -9.65
C ASN D 149 68.53 10.20 -10.66
N ILE D 150 68.19 9.59 -11.80
CA ILE D 150 67.52 10.29 -12.89
C ILE D 150 66.06 9.84 -12.86
N ARG D 151 65.15 10.79 -13.09
CA ARG D 151 63.71 10.53 -13.08
C ARG D 151 63.33 9.56 -14.20
N LEU D 152 62.68 8.47 -13.83
CA LEU D 152 62.22 7.48 -14.83
C LEU D 152 60.78 7.81 -15.21
N VAL D 153 60.57 7.99 -16.51
CA VAL D 153 59.26 8.23 -17.08
C VAL D 153 58.84 7.04 -17.94
N THR D 154 57.64 6.54 -17.70
CA THR D 154 57.16 5.31 -18.36
C THR D 154 56.11 5.72 -19.40
N SER D 155 56.28 5.24 -20.62
CA SER D 155 55.32 5.53 -21.70
C SER D 155 55.11 4.29 -22.53
N SER D 156 53.85 3.86 -22.64
CA SER D 156 53.47 2.85 -23.65
C SER D 156 53.16 3.48 -25.00
N THR D 157 52.42 4.60 -24.97
CA THR D 157 51.93 5.27 -26.18
C THR D 157 51.99 6.83 -26.21
N GLY D 158 52.16 7.49 -25.08
CA GLY D 158 52.04 8.94 -25.02
C GLY D 158 50.63 9.49 -25.16
N HIS D 159 49.61 8.65 -24.95
CA HIS D 159 48.22 9.09 -25.07
C HIS D 159 47.77 9.97 -23.93
N ASP D 160 48.47 9.97 -22.79
CA ASP D 160 47.96 10.59 -21.60
C ASP D 160 47.56 12.06 -21.79
N LEU D 161 46.50 12.43 -21.09
CA LEU D 161 45.93 13.81 -21.13
C LEU D 161 46.45 14.68 -19.99
N LEU D 162 47.05 14.06 -18.98
CA LEU D 162 47.43 14.70 -17.71
C LEU D 162 48.96 14.83 -17.47
N GLY D 163 49.78 14.56 -18.47
CA GLY D 163 51.25 14.60 -18.27
C GLY D 163 51.84 13.47 -17.42
N ARG D 164 51.11 12.36 -17.24
CA ARG D 164 51.57 11.24 -16.38
C ARG D 164 52.62 10.35 -17.04
N SER D 165 52.78 10.47 -18.36
CA SER D 165 53.93 9.93 -19.07
C SER D 165 54.94 11.03 -19.55
N ASP D 166 55.03 12.13 -18.81
CA ASP D 166 56.00 13.23 -19.04
C ASP D 166 56.97 13.35 -17.86
N GLY D 167 57.99 14.17 -17.99
CA GLY D 167 58.77 14.58 -16.85
C GLY D 167 60.00 15.32 -17.25
N TYR D 168 60.10 16.59 -16.83
CA TYR D 168 61.29 17.41 -17.06
C TYR D 168 62.57 16.65 -16.67
N GLY D 169 63.53 16.64 -17.58
CA GLY D 169 64.85 16.10 -17.36
C GLY D 169 64.85 14.58 -17.15
N GLY D 170 63.86 13.91 -17.72
CA GLY D 170 63.59 12.52 -17.44
C GLY D 170 64.30 11.59 -18.39
N LEU D 171 64.39 10.32 -17.97
CA LEU D 171 64.80 9.24 -18.83
C LEU D 171 63.53 8.44 -19.09
N GLU D 172 63.08 8.40 -20.35
CA GLU D 172 61.86 7.70 -20.68
C GLU D 172 62.09 6.19 -20.95
N LEU D 173 61.37 5.34 -20.21
CA LEU D 173 61.22 3.95 -20.57
C LEU D 173 60.07 3.89 -21.57
N TRP D 174 60.42 3.83 -22.85
CA TRP D 174 59.43 3.75 -23.94
C TRP D 174 59.15 2.26 -24.29
N LEU D 175 57.92 1.83 -24.03
CA LEU D 175 57.55 0.41 -24.15
C LEU D 175 56.88 0.05 -25.46
N HIS D 176 56.79 1.00 -26.38
CA HIS D 176 55.97 0.84 -27.61
C HIS D 176 56.41 -0.37 -28.46
N SER D 177 57.68 -0.75 -28.45
CA SER D 177 58.14 -1.98 -29.16
C SER D 177 58.39 -3.19 -28.25
N PHE D 178 57.82 -3.18 -27.04
CA PHE D 178 57.97 -4.31 -26.13
C PHE D 178 56.75 -5.19 -26.36
N ARG D 179 56.88 -6.11 -27.29
CA ARG D 179 55.74 -6.82 -27.87
C ARG D 179 56.07 -8.30 -28.06
N ASN D 180 55.61 -9.15 -27.13
CA ASN D 180 56.00 -10.59 -27.12
C ASN D 180 54.81 -11.52 -27.35
N GLY D 181 53.80 -11.01 -28.09
CA GLY D 181 52.68 -11.80 -28.57
C GLY D 181 51.37 -11.47 -27.89
N VAL D 182 50.30 -11.60 -28.66
CA VAL D 182 48.94 -11.53 -28.12
C VAL D 182 48.32 -12.90 -28.44
N ARG D 183 48.02 -13.68 -27.42
CA ARG D 183 47.57 -15.06 -27.61
C ARG D 183 46.23 -15.30 -26.95
N PHE D 184 45.36 -15.96 -27.70
CA PHE D 184 44.02 -16.31 -27.23
C PHE D 184 44.10 -17.56 -26.41
N GLN D 185 43.35 -17.61 -25.32
CA GLN D 185 43.21 -18.81 -24.49
C GLN D 185 41.74 -19.20 -24.48
N LYS D 186 41.39 -20.38 -25.02
CA LYS D 186 39.99 -20.82 -24.97
C LYS D 186 39.48 -20.85 -23.51
N LYS D 187 40.37 -21.19 -22.59
CA LYS D 187 40.09 -21.23 -21.18
C LYS D 187 41.23 -20.56 -20.49
N TYR D 188 40.94 -19.54 -19.69
CA TYR D 188 41.97 -18.87 -18.91
C TYR D 188 42.87 -19.84 -18.15
N THR D 189 44.18 -19.69 -18.36
CA THR D 189 45.23 -20.50 -17.73
C THR D 189 46.20 -19.52 -17.06
N SER D 190 46.26 -19.56 -15.72
CA SER D 190 47.01 -18.63 -14.93
C SER D 190 48.47 -19.06 -14.78
N ALA D 191 49.37 -18.08 -14.80
CA ALA D 191 50.78 -18.28 -14.55
C ALA D 191 51.11 -18.96 -13.23
N ASN D 192 50.29 -18.76 -12.19
CA ASN D 192 50.50 -19.45 -10.90
C ASN D 192 49.34 -20.38 -10.52
N LYS D 193 48.54 -20.76 -11.52
CA LYS D 193 47.37 -21.66 -11.39
C LYS D 193 46.30 -21.21 -10.40
N CYS D 194 46.15 -19.89 -10.29
CA CYS D 194 45.16 -19.30 -9.40
C CYS D 194 43.75 -19.60 -9.91
N THR D 195 42.89 -20.03 -8.97
CA THR D 195 41.49 -20.37 -9.20
C THR D 195 40.51 -19.33 -8.66
N LYS D 196 41.04 -18.40 -7.90
CA LYS D 196 40.20 -17.50 -7.10
C LYS D 196 39.51 -16.39 -7.90
N SER D 197 39.89 -16.20 -9.17
CA SER D 197 39.08 -15.34 -10.03
C SER D 197 37.67 -15.92 -10.27
N GLY D 198 37.56 -17.25 -10.22
CA GLY D 198 36.32 -17.95 -10.49
C GLY D 198 36.05 -18.05 -11.98
N TRP D 199 37.01 -17.62 -12.82
CA TRP D 199 36.76 -17.41 -14.25
C TRP D 199 37.27 -18.63 -15.02
N THR D 200 36.36 -19.34 -15.66
CA THR D 200 36.72 -20.50 -16.49
C THR D 200 36.32 -20.22 -17.96
N GLY D 201 36.09 -18.95 -18.28
CA GLY D 201 35.84 -18.53 -19.64
C GLY D 201 37.15 -18.28 -20.37
N SER D 202 37.05 -17.72 -21.58
CA SER D 202 38.19 -17.46 -22.40
C SER D 202 39.00 -16.26 -21.92
N ALA D 203 40.22 -16.15 -22.43
CA ALA D 203 41.08 -15.02 -22.14
C ALA D 203 42.02 -14.65 -23.28
N ILE D 204 42.57 -13.42 -23.20
CA ILE D 204 43.70 -13.04 -24.04
C ILE D 204 44.91 -12.71 -23.17
N HIS D 205 46.04 -13.38 -23.47
CA HIS D 205 47.33 -13.05 -22.85
C HIS D 205 47.93 -11.90 -23.66
N ILE D 206 47.87 -10.71 -23.12
CA ILE D 206 48.47 -9.56 -23.77
C ILE D 206 49.90 -9.47 -23.28
N ASP D 207 50.83 -10.07 -24.03
CA ASP D 207 52.21 -10.25 -23.63
C ASP D 207 53.06 -9.13 -24.22
N GLY D 208 52.78 -7.91 -23.78
CA GLY D 208 53.51 -6.74 -24.24
C GLY D 208 52.69 -5.48 -24.08
N ALA D 209 53.33 -4.34 -24.29
CA ALA D 209 52.63 -3.03 -24.28
C ALA D 209 51.92 -2.78 -25.61
N TYR D 210 51.01 -3.70 -25.93
CA TYR D 210 50.22 -3.60 -27.12
C TYR D 210 49.17 -2.49 -26.99
N GLN D 211 48.66 -2.08 -28.14
CA GLN D 211 47.54 -1.15 -28.23
C GLN D 211 46.28 -1.96 -28.39
N TRP D 212 45.12 -1.34 -28.17
CA TRP D 212 43.84 -2.02 -28.38
C TRP D 212 43.66 -2.58 -29.79
N ARG D 213 44.18 -1.86 -30.78
CA ARG D 213 44.11 -2.33 -32.16
C ARG D 213 44.61 -3.80 -32.26
N ASP D 214 45.73 -4.07 -31.61
CA ASP D 214 46.42 -5.35 -31.73
C ASP D 214 45.60 -6.45 -31.03
N VAL D 215 45.03 -6.09 -29.90
CA VAL D 215 44.21 -7.00 -29.08
C VAL D 215 42.93 -7.35 -29.82
N TYR D 216 42.34 -6.35 -30.43
CA TYR D 216 41.10 -6.51 -31.18
C TYR D 216 41.21 -7.48 -32.36
N THR D 217 42.33 -7.44 -33.06
CA THR D 217 42.59 -8.37 -34.19
C THR D 217 42.55 -9.83 -33.75
N VAL D 218 43.11 -10.14 -32.58
CA VAL D 218 43.11 -11.50 -32.04
C VAL D 218 41.73 -11.91 -31.52
N ALA D 219 41.07 -11.00 -30.82
CA ALA D 219 39.70 -11.27 -30.32
C ALA D 219 38.74 -11.57 -31.49
N GLN D 220 38.86 -10.77 -32.54
CA GLN D 220 38.05 -10.95 -33.75
C GLN D 220 38.34 -12.26 -34.44
N ALA D 221 39.60 -12.63 -34.55
CA ALA D 221 39.98 -13.92 -35.14
C ALA D 221 39.40 -15.10 -34.36
N ASN D 222 39.14 -14.90 -33.08
CA ASN D 222 38.62 -15.93 -32.20
C ASN D 222 37.14 -15.77 -31.84
N ASN D 223 36.44 -14.91 -32.55
CA ASN D 223 35.00 -14.67 -32.34
C ASN D 223 34.65 -14.36 -30.87
N VAL D 224 35.45 -13.53 -30.22
CA VAL D 224 35.14 -13.12 -28.86
C VAL D 224 35.18 -11.59 -28.76
N ILE D 225 34.67 -11.10 -27.66
CA ILE D 225 34.60 -9.66 -27.38
C ILE D 225 35.68 -9.29 -26.35
N ALA D 226 36.62 -8.47 -26.78
CA ALA D 226 37.60 -7.87 -25.92
C ALA D 226 37.07 -6.48 -25.58
N VAL D 227 37.01 -6.16 -24.30
CA VAL D 227 36.41 -4.93 -23.80
C VAL D 227 37.52 -3.86 -23.70
N GLY D 228 37.72 -3.15 -24.81
CA GLY D 228 38.75 -2.12 -24.95
C GLY D 228 38.09 -0.77 -25.08
N GLY D 229 38.89 0.21 -25.45
CA GLY D 229 38.39 1.57 -25.63
C GLY D 229 37.68 1.79 -26.94
N GLY D 230 37.01 2.91 -26.99
CA GLY D 230 36.31 3.34 -28.18
C GLY D 230 37.27 3.76 -29.28
N SER D 231 38.49 4.10 -28.90
CA SER D 231 39.58 4.34 -29.84
C SER D 231 40.61 3.20 -29.73
N PRO D 232 41.10 2.66 -30.86
CA PRO D 232 42.01 1.50 -30.72
C PRO D 232 43.49 1.82 -30.54
N SER D 233 43.87 3.08 -30.59
CA SER D 233 45.28 3.49 -30.47
C SER D 233 45.87 3.48 -29.05
N PRO D 234 45.09 3.78 -28.01
CA PRO D 234 45.63 3.73 -26.65
C PRO D 234 46.13 2.38 -26.23
N GLY D 235 47.07 2.37 -25.28
CA GLY D 235 47.67 1.11 -24.78
C GLY D 235 46.64 0.24 -24.07
N ALA D 236 46.81 -1.08 -24.19
CA ALA D 236 45.91 -2.05 -23.57
C ALA D 236 46.23 -2.30 -22.12
N ILE D 237 47.50 -2.16 -21.69
CA ILE D 237 47.86 -2.58 -20.33
C ILE D 237 48.47 -1.51 -19.43
N GLY D 238 48.35 -0.21 -19.80
CA GLY D 238 49.00 0.87 -19.04
C GLY D 238 47.97 1.69 -18.32
N GLY D 239 47.86 2.97 -18.73
CA GLY D 239 46.93 3.88 -18.09
C GLY D 239 45.46 3.53 -18.32
N TRP D 240 45.14 2.93 -19.46
CA TRP D 240 43.75 2.68 -19.79
C TRP D 240 43.05 1.80 -18.74
N PRO D 241 43.53 0.54 -18.50
CA PRO D 241 42.87 -0.29 -17.50
C PRO D 241 43.11 0.17 -16.06
N SER D 242 44.29 0.72 -15.79
CA SER D 242 44.66 1.09 -14.41
C SER D 242 43.83 2.21 -13.84
N GLY D 243 43.33 3.08 -14.73
CA GLY D 243 42.45 4.16 -14.36
C GLY D 243 40.98 3.87 -14.40
N GLY D 244 40.60 2.70 -14.92
CA GLY D 244 39.20 2.43 -15.24
C GLY D 244 39.05 1.81 -16.61
N GLY D 245 39.06 2.64 -17.64
CA GLY D 245 38.93 2.15 -19.02
C GLY D 245 37.48 1.92 -19.42
N HIS D 246 36.91 2.86 -20.19
CA HIS D 246 35.55 2.72 -20.72
C HIS D 246 35.63 2.48 -22.22
N GLY D 247 34.56 1.94 -22.74
CA GLY D 247 34.45 1.63 -24.18
C GLY D 247 33.03 1.14 -24.44
N PRO D 248 32.72 0.82 -25.69
CA PRO D 248 31.38 0.39 -26.03
C PRO D 248 30.80 -0.78 -25.20
N ALA D 249 31.67 -1.73 -24.82
CA ALA D 249 31.24 -2.99 -24.21
C ALA D 249 31.27 -3.04 -22.66
N THR D 250 31.62 -1.92 -21.99
CA THR D 250 31.84 -1.97 -20.55
C THR D 250 30.56 -2.08 -19.70
N HIS D 251 29.50 -1.37 -20.08
CA HIS D 251 28.21 -1.58 -19.42
C HIS D 251 27.84 -3.09 -19.40
N ASN D 252 27.98 -3.73 -20.52
CA ASN D 252 27.55 -5.13 -20.64
C ASN D 252 28.51 -6.12 -19.98
N PHE D 253 29.81 -5.87 -20.02
CA PHE D 253 30.79 -6.86 -19.54
C PHE D 253 31.76 -6.41 -18.44
N GLY D 254 31.64 -5.17 -18.00
CA GLY D 254 32.50 -4.62 -16.95
C GLY D 254 33.53 -3.63 -17.46
N LEU D 255 33.98 -2.78 -16.55
CA LEU D 255 35.05 -1.84 -16.90
C LEU D 255 36.36 -2.56 -17.15
N GLY D 256 37.27 -1.86 -17.84
CA GLY D 256 38.55 -2.43 -18.24
C GLY D 256 39.36 -2.98 -17.08
N ALA D 257 39.40 -2.22 -16.03
CA ALA D 257 40.08 -2.64 -14.79
C ALA D 257 39.60 -3.99 -14.31
N ASP D 258 38.31 -4.26 -14.45
CA ASP D 258 37.75 -5.52 -14.01
C ASP D 258 37.88 -6.69 -14.98
N GLN D 259 38.37 -6.42 -16.19
CA GLN D 259 38.73 -7.47 -17.11
C GLN D 259 40.07 -8.12 -16.76
N VAL D 260 40.91 -7.43 -15.99
CA VAL D 260 42.25 -7.91 -15.71
C VAL D 260 42.20 -9.10 -14.74
N LEU D 261 42.69 -10.24 -15.19
CA LEU D 261 42.74 -11.47 -14.41
C LEU D 261 44.05 -11.64 -13.63
N GLU D 262 45.14 -11.21 -14.26
CA GLU D 262 46.46 -11.18 -13.66
C GLU D 262 47.41 -10.34 -14.48
N ALA D 263 48.60 -10.10 -13.93
CA ALA D 263 49.65 -9.35 -14.59
C ALA D 263 51.04 -9.87 -14.17
N GLN D 264 52.02 -9.66 -15.04
CA GLN D 264 53.41 -9.74 -14.69
C GLN D 264 53.89 -8.30 -14.60
N ILE D 265 54.62 -7.98 -13.54
CA ILE D 265 55.01 -6.63 -13.20
C ILE D 265 56.43 -6.64 -12.65
N MET D 266 57.27 -5.75 -13.19
CA MET D 266 58.62 -5.51 -12.69
C MET D 266 58.55 -4.38 -11.66
N LEU D 267 58.93 -4.71 -10.43
CA LEU D 267 58.89 -3.75 -9.34
C LEU D 267 60.09 -2.81 -9.43
N ALA D 268 60.07 -1.72 -8.68
CA ALA D 268 61.19 -0.77 -8.60
C ALA D 268 62.52 -1.46 -8.23
N ASP D 269 62.44 -2.50 -7.41
CA ASP D 269 63.62 -3.29 -7.03
C ASP D 269 64.10 -4.26 -8.10
N GLY D 270 63.41 -4.31 -9.24
CA GLY D 270 63.88 -5.11 -10.38
C GLY D 270 63.26 -6.50 -10.44
N ARG D 271 62.65 -6.99 -9.36
CA ARG D 271 61.96 -8.28 -9.36
C ARG D 271 60.72 -8.28 -10.26
N ILE D 272 60.58 -9.38 -11.00
CA ILE D 272 59.41 -9.57 -11.83
C ILE D 272 58.46 -10.49 -11.07
N VAL D 273 57.26 -9.99 -10.75
CA VAL D 273 56.30 -10.72 -9.93
C VAL D 273 54.95 -10.92 -10.63
N THR D 274 54.24 -11.96 -10.21
CA THR D 274 52.86 -12.18 -10.61
C THR D 274 51.95 -11.41 -9.66
N ALA D 275 50.96 -10.74 -10.22
CA ALA D 275 49.92 -10.07 -9.45
C ALA D 275 48.57 -10.60 -9.88
N ASN D 276 47.91 -11.30 -8.97
CA ASN D 276 46.55 -11.78 -9.21
C ASN D 276 45.83 -12.06 -7.89
N HIS D 277 44.72 -12.79 -7.96
CA HIS D 277 43.89 -13.03 -6.79
C HIS D 277 44.63 -13.81 -5.70
N CYS D 278 45.62 -14.62 -6.11
CA CYS D 278 46.37 -15.50 -5.24
C CYS D 278 47.72 -14.97 -4.82
N GLU D 279 48.23 -13.95 -5.50
CA GLU D 279 49.62 -13.53 -5.28
C GLU D 279 49.76 -12.02 -5.45
N ASN D 280 50.42 -11.41 -4.47
CA ASN D 280 50.54 -9.96 -4.38
C ASN D 280 49.20 -9.28 -4.67
N SER D 281 48.15 -9.76 -4.01
CA SER D 281 46.78 -9.34 -4.28
C SER D 281 46.55 -7.85 -3.97
N ASP D 282 47.34 -7.27 -3.06
CA ASP D 282 47.29 -5.82 -2.81
C ASP D 282 47.81 -5.01 -3.99
N LEU D 283 48.88 -5.52 -4.63
CA LEU D 283 49.35 -4.92 -5.88
C LEU D 283 48.34 -5.08 -7.03
N PHE D 284 47.69 -6.23 -7.09
CA PHE D 284 46.72 -6.57 -8.14
C PHE D 284 45.51 -5.64 -8.08
N ARG D 285 45.05 -5.39 -6.84
CA ARG D 285 43.98 -4.46 -6.61
C ARG D 285 44.36 -3.04 -6.97
N ALA D 286 45.55 -2.61 -6.57
CA ALA D 286 46.05 -1.25 -6.88
C ALA D 286 46.07 -0.94 -8.38
N ILE D 287 46.59 -1.87 -9.19
CA ILE D 287 46.63 -1.63 -10.65
C ILE D 287 45.26 -1.71 -11.34
N ARG D 288 44.27 -2.26 -10.66
CA ARG D 288 42.91 -2.34 -11.17
C ARG D 288 42.02 -1.23 -10.60
N GLY D 289 42.38 0.01 -10.90
CA GLY D 289 41.61 1.20 -10.47
C GLY D 289 42.39 2.26 -9.70
N GLY D 290 43.61 1.95 -9.26
CA GLY D 290 44.43 2.88 -8.51
C GLY D 290 45.44 3.67 -9.29
N GLY D 291 45.30 3.67 -10.61
CA GLY D 291 46.16 4.43 -11.47
C GLY D 291 47.50 3.78 -11.76
N PRO D 292 48.43 4.54 -12.37
CA PRO D 292 49.78 4.07 -12.62
C PRO D 292 50.70 4.27 -11.46
N GLY D 293 51.87 3.65 -11.55
CA GLY D 293 53.02 3.96 -10.68
C GLY D 293 53.34 2.96 -9.61
N TYR D 294 52.81 1.74 -9.73
CA TYR D 294 53.06 0.69 -8.73
C TYR D 294 54.20 -0.23 -9.16
N GLY D 295 54.48 -0.26 -10.45
CA GLY D 295 55.46 -1.16 -11.04
C GLY D 295 55.29 -1.03 -12.54
N ILE D 296 56.21 -1.61 -13.30
CA ILE D 296 56.16 -1.60 -14.76
C ILE D 296 55.37 -2.83 -15.23
N VAL D 297 54.21 -2.61 -15.84
CA VAL D 297 53.34 -3.71 -16.25
C VAL D 297 53.87 -4.30 -17.56
N LEU D 298 54.32 -5.55 -17.48
CA LEU D 298 54.91 -6.27 -18.61
C LEU D 298 53.87 -6.99 -19.44
N SER D 299 52.87 -7.53 -18.76
CA SER D 299 51.83 -8.30 -19.43
C SER D 299 50.57 -8.32 -18.58
N GLN D 300 49.42 -8.51 -19.22
CA GLN D 300 48.21 -8.85 -18.49
C GLN D 300 47.47 -9.96 -19.20
N HIS D 301 46.67 -10.67 -18.44
CA HIS D 301 45.64 -11.54 -19.01
C HIS D 301 44.30 -10.81 -18.80
N ILE D 302 43.46 -10.72 -19.85
CA ILE D 302 42.10 -10.17 -19.74
C ILE D 302 41.03 -11.25 -20.02
N LYS D 303 39.90 -11.15 -19.31
CA LYS D 303 38.67 -11.88 -19.68
C LYS D 303 38.26 -11.44 -21.07
N VAL D 304 37.84 -12.39 -21.90
CA VAL D 304 37.13 -12.10 -23.14
C VAL D 304 35.83 -12.87 -23.14
N HIS D 305 34.86 -12.36 -23.90
CA HIS D 305 33.47 -12.74 -23.73
C HIS D 305 32.87 -13.28 -25.03
N PRO D 306 31.91 -14.23 -24.93
CA PRO D 306 31.26 -14.74 -26.14
C PRO D 306 30.72 -13.62 -27.03
N ASN D 307 30.85 -13.77 -28.34
CA ASN D 307 30.24 -12.84 -29.29
C ASN D 307 28.72 -12.84 -29.13
N VAL D 308 28.07 -11.75 -29.54
CA VAL D 308 26.60 -11.65 -29.48
C VAL D 308 26.05 -11.84 -30.87
N LYS D 309 24.75 -12.13 -30.94
CA LYS D 309 24.07 -12.28 -32.24
C LYS D 309 23.53 -10.98 -32.81
N ALA D 310 23.44 -9.95 -31.99
CA ALA D 310 22.87 -8.71 -32.44
C ALA D 310 23.37 -7.60 -31.59
N VAL D 311 23.53 -6.44 -32.23
CA VAL D 311 23.71 -5.16 -31.56
C VAL D 311 22.90 -4.19 -32.39
N THR D 312 22.16 -3.33 -31.73
CA THR D 312 21.49 -2.25 -32.42
C THR D 312 21.98 -0.92 -31.89
N ALA D 313 22.34 -0.02 -32.81
CA ALA D 313 22.77 1.32 -32.48
C ALA D 313 21.63 2.30 -32.69
N HIS D 314 21.56 3.30 -31.83
CA HIS D 314 20.57 4.37 -31.88
C HIS D 314 21.27 5.68 -32.10
N ARG D 315 20.97 6.33 -33.23
CA ARG D 315 21.54 7.65 -33.52
C ARG D 315 20.50 8.72 -33.24
N LEU D 316 20.81 9.62 -32.32
CA LEU D 316 19.86 10.70 -31.96
C LEU D 316 20.52 12.01 -32.23
N ALA D 317 19.77 12.95 -32.79
CA ALA D 317 20.26 14.30 -32.98
C ALA D 317 19.18 15.30 -32.69
N ILE D 318 19.55 16.33 -31.97
CA ILE D 318 18.65 17.37 -31.50
C ILE D 318 19.26 18.72 -31.81
N ALA D 319 18.48 19.58 -32.45
CA ALA D 319 18.93 20.93 -32.74
C ALA D 319 17.79 21.91 -32.51
N PRO D 320 18.15 23.19 -32.23
CA PRO D 320 17.14 24.26 -32.16
C PRO D 320 16.50 24.49 -33.50
N ARG D 321 15.19 24.72 -33.49
CA ARG D 321 14.53 25.28 -34.64
C ARG D 321 14.98 26.71 -34.82
N ASN D 322 15.15 27.42 -33.71
CA ASN D 322 15.48 28.87 -33.72
C ASN D 322 16.66 29.05 -32.83
N GLU D 323 17.80 29.14 -33.46
CA GLU D 323 19.04 29.15 -32.74
C GLU D 323 19.32 30.54 -32.14
N THR D 324 19.71 30.53 -30.87
CA THR D 324 20.13 31.73 -30.14
C THR D 324 21.37 31.36 -29.32
N ALA D 325 22.06 32.39 -28.87
CA ALA D 325 23.22 32.28 -27.98
C ALA D 325 22.81 31.62 -26.66
N GLU D 326 21.67 31.99 -26.11
CA GLU D 326 21.15 31.39 -24.87
C GLU D 326 20.75 29.88 -25.06
N ASN D 327 20.16 29.53 -26.21
CA ASN D 327 19.68 28.19 -26.52
C ASN D 327 18.90 27.54 -25.36
N LYS D 328 17.98 28.30 -24.79
CA LYS D 328 17.22 27.85 -23.61
C LYS D 328 16.53 26.47 -23.85
N ASP D 329 15.83 26.33 -24.98
CA ASP D 329 15.05 25.12 -25.27
C ASP D 329 15.92 23.88 -25.49
N LEU D 330 17.02 24.05 -26.22
CA LEU D 330 18.01 22.98 -26.41
C LEU D 330 18.54 22.46 -25.08
N LEU D 331 18.90 23.37 -24.21
CA LEU D 331 19.46 22.99 -22.92
C LEU D 331 18.39 22.43 -21.99
N ASP D 332 17.13 22.88 -22.10
CA ASP D 332 16.03 22.27 -21.35
C ASP D 332 15.98 20.76 -21.70
N ALA D 333 16.01 20.45 -22.98
CA ALA D 333 15.87 19.09 -23.48
C ALA D 333 17.09 18.23 -23.11
N ILE D 334 18.28 18.83 -23.08
CA ILE D 334 19.51 18.14 -22.67
C ILE D 334 19.45 17.80 -21.18
N ALA D 335 18.93 18.73 -20.39
CA ALA D 335 18.66 18.45 -19.00
C ALA D 335 17.70 17.27 -18.83
N VAL D 336 16.58 17.28 -19.57
CA VAL D 336 15.61 16.18 -19.53
C VAL D 336 16.28 14.84 -19.91
N LEU D 337 17.07 14.89 -20.98
CA LEU D 337 17.76 13.73 -21.48
C LEU D 337 18.68 13.13 -20.43
N HIS D 338 19.43 13.99 -19.75
CA HIS D 338 20.29 13.55 -18.67
C HIS D 338 19.48 12.78 -17.60
N GLN D 339 18.29 13.29 -17.27
CA GLN D 339 17.42 12.59 -16.32
C GLN D 339 16.96 11.19 -16.75
N GLN D 340 16.95 10.93 -18.06
CA GLN D 340 16.49 9.64 -18.59
C GLN D 340 17.60 8.59 -18.67
N LEU D 341 18.85 9.00 -18.44
CA LEU D 341 19.96 8.09 -18.68
C LEU D 341 19.95 6.85 -17.78
N PRO D 342 19.57 6.99 -16.49
CA PRO D 342 19.61 5.79 -15.67
C PRO D 342 18.63 4.71 -16.12
N ALA D 343 17.43 5.13 -16.50
CA ALA D 343 16.46 4.20 -17.06
C ALA D 343 17.02 3.51 -18.31
N LEU D 344 17.60 4.30 -19.19
CA LEU D 344 18.26 3.76 -20.36
C LEU D 344 19.35 2.75 -20.00
N SER D 345 20.20 3.13 -19.04
CA SER D 345 21.23 2.24 -18.58
C SER D 345 20.64 0.94 -18.04
N ASN D 346 19.61 1.03 -17.20
CA ASN D 346 18.90 -0.16 -16.72
C ASN D 346 18.33 -1.06 -17.83
N ASN D 347 17.97 -0.47 -18.95
CA ASN D 347 17.50 -1.19 -20.12
C ASN D 347 18.61 -1.73 -21.03
N GLY D 348 19.88 -1.73 -20.59
CA GLY D 348 20.98 -2.25 -21.42
C GLY D 348 21.55 -1.31 -22.48
N VAL D 349 21.31 0.00 -22.32
CA VAL D 349 21.79 0.98 -23.24
C VAL D 349 23.12 1.57 -22.75
N ALA D 350 24.03 1.76 -23.71
CA ALA D 350 25.33 2.34 -23.46
C ALA D 350 25.78 3.15 -24.67
N GLY D 351 26.81 3.96 -24.46
CA GLY D 351 27.44 4.71 -25.57
C GLY D 351 27.77 6.14 -25.22
N TYR D 352 27.88 6.97 -26.24
CA TYR D 352 28.41 8.30 -26.05
C TYR D 352 27.57 9.36 -26.70
N GLY D 353 27.41 10.45 -25.96
CA GLY D 353 26.65 11.64 -26.42
C GLY D 353 27.51 12.87 -26.31
N PHE D 354 27.25 13.80 -27.23
CA PHE D 354 28.09 14.97 -27.48
C PHE D 354 27.17 16.15 -27.70
N TRP D 355 27.50 17.30 -27.13
CA TRP D 355 26.65 18.45 -27.29
C TRP D 355 27.39 19.74 -27.08
N PHE D 356 26.82 20.80 -27.66
CA PHE D 356 27.42 22.11 -27.74
C PHE D 356 26.32 23.13 -27.61
N ARG D 357 26.54 24.09 -26.72
CA ARG D 357 25.74 25.30 -26.65
C ARG D 357 25.93 26.16 -27.90
N SER D 358 27.16 26.20 -28.38
CA SER D 358 27.51 26.87 -29.61
C SER D 358 28.73 26.15 -30.17
N PHE D 359 28.85 26.12 -31.49
CA PHE D 359 29.91 25.43 -32.21
C PHE D 359 30.35 26.30 -33.37
N PRO D 360 31.63 26.22 -33.79
CA PRO D 360 32.03 27.13 -34.86
C PRO D 360 31.57 26.71 -36.25
N GLY D 361 30.32 26.40 -36.44
CA GLY D 361 29.85 25.88 -37.72
C GLY D 361 28.72 24.92 -37.47
N PRO D 362 28.16 24.36 -38.55
CA PRO D 362 27.03 23.45 -38.39
C PRO D 362 27.42 22.24 -37.55
N PHE D 363 26.62 21.94 -36.55
CA PHE D 363 26.83 20.78 -35.72
C PHE D 363 25.71 19.77 -35.97
N VAL D 364 24.44 20.14 -35.77
CA VAL D 364 23.33 19.24 -36.07
C VAL D 364 22.57 19.84 -37.21
N GLY D 365 22.62 19.12 -38.34
CA GLY D 365 22.00 19.56 -39.57
C GLY D 365 22.55 20.95 -39.88
N ASP D 366 21.63 21.87 -39.91
CA ASP D 366 21.76 23.26 -40.26
C ASP D 366 22.23 24.18 -39.09
N ALA D 367 22.08 23.70 -37.87
CA ALA D 367 22.24 24.52 -36.67
C ALA D 367 23.69 24.45 -36.20
N HIS D 368 24.21 25.58 -35.76
CA HIS D 368 25.58 25.66 -35.19
C HIS D 368 25.56 25.35 -33.69
N SER D 369 24.80 24.34 -33.30
CA SER D 369 24.67 23.88 -31.91
C SER D 369 23.82 22.61 -31.91
N GLY D 370 23.73 21.98 -30.75
CA GLY D 370 22.90 20.80 -30.60
C GLY D 370 23.49 19.68 -29.80
N TYR D 371 22.82 18.55 -29.83
CA TYR D 371 23.16 17.35 -29.10
C TYR D 371 23.10 16.21 -30.10
N THR D 372 24.07 15.31 -30.04
CA THR D 372 24.04 14.13 -30.83
C THR D 372 24.56 12.95 -30.02
N HIS D 373 24.10 11.74 -30.33
CA HIS D 373 24.67 10.56 -29.70
C HIS D 373 24.65 9.32 -30.56
N GLY D 374 25.56 8.39 -30.21
CA GLY D 374 25.59 7.01 -30.67
C GLY D 374 25.48 6.13 -29.42
N PHE D 375 24.27 5.63 -29.19
CA PHE D 375 23.97 4.70 -28.14
C PHE D 375 23.69 3.34 -28.77
N TRP D 376 23.63 2.32 -27.92
CA TRP D 376 23.43 0.96 -28.40
C TRP D 376 22.98 0.01 -27.32
N THR D 377 22.29 -1.02 -27.77
CA THR D 377 21.91 -2.15 -26.95
C THR D 377 22.60 -3.40 -27.50
N ILE D 378 23.74 -3.74 -26.92
CA ILE D 378 24.44 -4.98 -27.24
C ILE D 378 23.60 -6.15 -26.85
N GLY D 379 23.41 -7.08 -27.79
CA GLY D 379 22.64 -8.30 -27.53
C GLY D 379 21.16 -8.21 -27.85
N LYS D 380 20.69 -7.07 -28.38
CA LYS D 380 19.26 -6.85 -28.65
C LYS D 380 19.01 -6.40 -30.08
N ARG D 381 17.97 -6.95 -30.71
CA ARG D 381 17.55 -6.56 -32.04
C ARG D 381 16.78 -5.26 -31.95
N GLN D 382 16.43 -4.70 -33.10
CA GLN D 382 15.92 -3.33 -33.15
C GLN D 382 14.65 -3.10 -32.33
N ALA D 383 13.72 -4.05 -32.37
CA ALA D 383 12.45 -3.90 -31.64
C ALA D 383 12.69 -3.71 -30.15
N GLU D 384 13.64 -4.48 -29.60
CA GLU D 384 13.98 -4.38 -28.20
C GLU D 384 14.81 -3.11 -27.93
N ALA D 385 15.62 -2.71 -28.92
CA ALA D 385 16.36 -1.47 -28.85
C ALA D 385 15.43 -0.24 -28.77
N GLU D 386 14.36 -0.26 -29.55
CA GLU D 386 13.37 0.83 -29.52
C GLU D 386 12.70 0.97 -28.18
N LYS D 387 12.33 -0.17 -27.59
CA LYS D 387 11.72 -0.15 -26.25
C LYS D 387 12.71 0.39 -25.23
N ALA D 388 13.98 0.01 -25.39
CA ALA D 388 15.04 0.39 -24.47
C ALA D 388 15.23 1.90 -24.38
N VAL D 389 15.11 2.60 -25.50
CA VAL D 389 15.30 4.06 -25.55
C VAL D 389 14.00 4.85 -25.45
N ALA D 390 12.87 4.12 -25.35
CA ALA D 390 11.59 4.75 -25.30
C ALA D 390 11.47 5.75 -24.17
N PRO D 391 11.95 5.45 -22.95
CA PRO D 391 11.79 6.46 -21.89
C PRO D 391 12.35 7.83 -22.28
N LEU D 392 13.47 7.83 -23.01
CA LEU D 392 14.03 9.07 -23.57
C LEU D 392 13.23 9.69 -24.70
N MET D 393 12.85 8.90 -25.70
CA MET D 393 12.09 9.48 -26.85
C MET D 393 10.71 10.01 -26.41
N ASN D 394 10.09 9.31 -25.47
CA ASN D 394 8.84 9.76 -24.89
C ASN D 394 9.02 11.12 -24.18
N ALA D 395 10.11 11.27 -23.42
CA ALA D 395 10.33 12.50 -22.70
C ALA D 395 10.64 13.65 -23.65
N LEU D 396 11.26 13.34 -24.78
CA LEU D 396 11.52 14.31 -25.84
C LEU D 396 10.37 14.76 -26.70
N LYS D 397 9.26 14.03 -26.70
CA LYS D 397 8.04 14.47 -27.42
C LYS D 397 7.58 15.87 -27.04
N LYS D 398 7.82 16.29 -25.80
CA LYS D 398 7.37 17.65 -25.34
C LYS D 398 8.11 18.79 -26.03
N PHE D 399 9.23 18.48 -26.70
CA PHE D 399 10.07 19.46 -27.38
C PHE D 399 9.92 19.49 -28.89
N GLU D 400 8.92 18.81 -29.44
CA GLU D 400 8.83 18.68 -30.92
C GLU D 400 8.54 19.99 -31.59
N ASP D 401 7.76 20.86 -30.96
CA ASP D 401 7.51 22.19 -31.51
C ASP D 401 8.71 23.15 -31.44
N LYS D 402 9.64 22.89 -30.52
CA LYS D 402 10.74 23.79 -30.23
C LYS D 402 12.10 23.37 -30.83
N LEU D 403 12.25 22.06 -31.04
CA LEU D 403 13.51 21.48 -31.53
C LEU D 403 13.28 20.50 -32.67
N VAL D 404 14.25 20.40 -33.55
CA VAL D 404 14.27 19.40 -34.60
C VAL D 404 15.00 18.17 -34.08
N ILE D 405 14.31 17.03 -34.06
CA ILE D 405 14.83 15.81 -33.44
C ILE D 405 14.75 14.66 -34.42
N THR D 406 15.86 13.94 -34.60
CA THR D 406 15.91 12.82 -35.48
C THR D 406 16.45 11.64 -34.72
N SER D 407 15.98 10.48 -35.10
CA SER D 407 16.17 9.26 -34.33
C SER D 407 16.18 8.11 -35.29
N THR D 408 17.29 7.40 -35.40
CA THR D 408 17.39 6.25 -36.30
C THR D 408 18.10 5.09 -35.65
N PHE D 409 17.89 3.89 -36.18
CA PHE D 409 18.47 2.67 -35.65
C PHE D 409 19.19 1.92 -36.74
N ALA D 410 20.31 1.30 -36.40
CA ALA D 410 21.05 0.43 -37.28
C ALA D 410 21.32 -0.89 -36.57
N GLU D 411 21.00 -2.01 -37.21
CA GLU D 411 21.21 -3.35 -36.61
C GLU D 411 22.46 -3.98 -37.18
N TYR D 412 23.26 -4.63 -36.32
CA TYR D 412 24.46 -5.40 -36.74
C TYR D 412 24.30 -6.82 -36.26
N GLN D 413 24.98 -7.75 -36.93
CA GLN D 413 24.89 -9.21 -36.62
C GLN D 413 25.99 -9.79 -35.74
N ASP D 414 26.89 -8.94 -35.26
CA ASP D 414 27.88 -9.31 -34.23
C ASP D 414 28.50 -8.07 -33.64
N TYR D 415 29.33 -8.26 -32.63
CA TYR D 415 29.96 -7.14 -31.98
C TYR D 415 30.91 -6.37 -32.91
N TRP D 416 31.71 -7.07 -33.68
CA TRP D 416 32.79 -6.43 -34.41
C TRP D 416 32.36 -5.62 -35.61
N SER D 417 31.35 -6.07 -36.36
CA SER D 417 30.81 -5.25 -37.44
C SER D 417 30.19 -3.95 -36.84
N PHE D 418 29.54 -4.10 -35.68
CA PHE D 418 29.02 -2.98 -34.92
C PHE D 418 30.14 -2.05 -34.47
N TYR D 419 31.19 -2.64 -33.89
CA TYR D 419 32.25 -1.86 -33.28
C TYR D 419 32.86 -0.94 -34.31
N TRP D 420 33.24 -1.53 -35.44
CA TRP D 420 33.96 -0.78 -36.45
C TRP D 420 33.07 0.24 -37.18
N ALA D 421 31.77 -0.02 -37.25
CA ALA D 421 30.84 0.90 -37.85
C ALA D 421 30.53 2.10 -36.94
N GLU D 422 30.33 1.85 -35.65
CA GLU D 422 29.84 2.83 -34.72
C GLU D 422 30.88 3.41 -33.78
N SER D 423 32.06 2.79 -33.72
CA SER D 423 33.12 3.17 -32.81
C SER D 423 34.45 2.95 -33.54
N GLY D 424 35.52 2.56 -32.83
CA GLY D 424 36.83 2.35 -33.48
C GLY D 424 37.33 3.68 -34.03
N LEU D 425 37.32 4.70 -33.18
CA LEU D 425 37.57 6.08 -33.61
C LEU D 425 39.07 6.37 -33.71
N HIS D 426 39.40 7.20 -34.68
CA HIS D 426 40.76 7.68 -34.91
C HIS D 426 40.58 9.19 -35.20
N ASP D 427 40.01 9.91 -34.24
CA ASP D 427 39.69 11.33 -34.41
C ASP D 427 40.97 12.18 -34.34
N PRO D 428 40.88 13.44 -34.83
CA PRO D 428 42.05 14.31 -34.72
C PRO D 428 42.39 14.61 -33.28
N VAL D 429 43.68 14.77 -33.01
CA VAL D 429 44.25 14.98 -31.66
C VAL D 429 45.24 16.15 -31.76
N GLY D 430 46.20 16.23 -30.84
CA GLY D 430 47.24 17.27 -30.88
C GLY D 430 47.01 18.56 -30.14
N SER D 431 45.91 18.65 -29.41
CA SER D 431 45.68 19.82 -28.51
C SER D 431 45.78 19.43 -27.05
N THR D 432 46.09 20.41 -26.21
CA THR D 432 46.08 20.26 -24.77
C THR D 432 44.65 19.97 -24.27
N SER D 433 44.53 19.04 -23.35
CA SER D 433 43.25 18.68 -22.76
C SER D 433 43.09 19.41 -21.46
N ILE D 434 41.98 20.14 -21.34
CA ILE D 434 41.58 20.80 -20.10
C ILE D 434 40.11 20.46 -19.89
N ILE D 435 39.90 19.37 -19.18
CA ILE D 435 38.56 18.84 -18.92
C ILE D 435 38.37 18.54 -17.44
N THR D 436 37.10 18.38 -17.08
CA THR D 436 36.70 17.90 -15.76
C THR D 436 35.72 16.73 -15.94
N SER D 437 35.74 15.73 -15.06
CA SER D 437 34.79 14.64 -15.18
C SER D 437 34.13 14.35 -13.87
N ARG D 438 32.87 13.94 -13.95
CA ARG D 438 32.08 13.66 -12.80
C ARG D 438 31.17 12.47 -13.05
N LEU D 439 31.33 11.45 -12.22
CA LEU D 439 30.43 10.31 -12.23
C LEU D 439 29.10 10.80 -11.64
N ILE D 440 28.00 10.43 -12.27
CA ILE D 440 26.65 10.88 -11.86
C ILE D 440 25.78 9.73 -11.37
N ASN D 441 25.36 9.80 -10.11
CA ASN D 441 24.45 8.79 -9.50
C ASN D 441 22.98 9.16 -9.80
N PRO D 442 22.08 8.16 -9.91
CA PRO D 442 20.68 8.49 -10.31
C PRO D 442 19.97 9.53 -9.46
N GLU D 443 20.24 9.50 -8.15
CA GLU D 443 19.63 10.38 -7.16
C GLU D 443 19.98 11.84 -7.34
N ALA D 444 21.10 12.12 -8.03
CA ALA D 444 21.46 13.49 -8.38
C ALA D 444 20.59 14.09 -9.45
N LEU D 445 19.71 13.29 -10.08
CA LEU D 445 18.98 13.71 -11.30
C LEU D 445 17.49 13.76 -11.17
N THR D 446 16.96 13.59 -9.98
CA THR D 446 15.53 13.47 -9.81
C THR D 446 14.88 14.87 -9.81
N ASP D 447 15.62 15.89 -9.40
CA ASP D 447 15.11 17.27 -9.43
C ASP D 447 15.58 17.94 -10.71
N TYR D 448 14.64 18.15 -11.64
CA TYR D 448 14.93 18.80 -12.89
C TYR D 448 15.67 20.13 -12.76
N ASN D 449 15.29 20.94 -11.76
CA ASN D 449 15.86 22.28 -11.66
C ASN D 449 17.34 22.23 -11.36
N LYS D 450 17.75 21.31 -10.48
CA LYS D 450 19.18 21.12 -10.18
C LYS D 450 20.00 20.70 -11.39
N VAL D 451 19.39 19.84 -12.19
CA VAL D 451 20.03 19.32 -13.39
C VAL D 451 20.17 20.45 -14.39
N ARG D 452 19.06 21.11 -14.66
CA ARG D 452 19.04 22.26 -15.56
C ARG D 452 20.07 23.33 -15.22
N GLU D 453 20.22 23.61 -13.92
CA GLU D 453 21.23 24.55 -13.43
C GLU D 453 22.68 24.06 -13.72
N ALA D 454 22.93 22.76 -13.54
CA ALA D 454 24.22 22.18 -13.89
C ALA D 454 24.51 22.30 -15.39
N ILE D 455 23.53 21.91 -16.20
CA ILE D 455 23.59 22.04 -17.66
C ILE D 455 23.86 23.50 -18.08
N GLU D 456 23.18 24.48 -17.44
CA GLU D 456 23.39 25.87 -17.78
C GLU D 456 24.84 26.27 -17.63
N VAL D 457 25.43 25.93 -16.48
CA VAL D 457 26.86 26.22 -16.23
C VAL D 457 27.84 25.48 -17.15
N VAL D 458 27.73 24.15 -17.27
CA VAL D 458 28.65 23.40 -18.17
C VAL D 458 28.48 23.71 -19.67
N ALA D 459 27.32 24.20 -20.09
CA ALA D 459 27.12 24.71 -21.46
C ALA D 459 28.12 25.84 -21.81
N GLY D 460 28.54 26.56 -20.79
CA GLY D 460 29.59 27.54 -20.98
C GLY D 460 29.08 28.83 -21.56
N LYS D 461 30.00 29.76 -21.75
CA LYS D 461 29.70 31.07 -22.32
C LYS D 461 29.66 30.90 -23.85
N PRO D 462 28.58 31.29 -24.52
CA PRO D 462 28.46 31.06 -25.96
C PRO D 462 29.65 31.53 -26.85
N GLU D 463 30.50 32.41 -26.31
CA GLU D 463 31.67 32.98 -26.95
C GLU D 463 32.86 32.03 -26.82
N GLU D 464 32.83 31.17 -25.80
CA GLU D 464 33.86 30.13 -25.64
C GLU D 464 33.25 28.77 -25.95
N VAL D 465 33.88 28.01 -26.84
CA VAL D 465 33.37 26.69 -27.21
C VAL D 465 33.65 25.73 -26.06
N SER D 466 32.58 25.08 -25.59
CA SER D 466 32.66 24.15 -24.49
C SER D 466 32.24 22.76 -25.00
N SER D 467 33.16 21.80 -24.91
CA SER D 467 32.82 20.41 -25.20
C SER D 467 32.16 19.81 -23.97
N ASN D 468 30.99 19.23 -24.17
CA ASN D 468 30.31 18.46 -23.16
C ASN D 468 30.07 17.06 -23.73
N VAL D 469 30.35 16.06 -22.90
CA VAL D 469 30.31 14.68 -23.36
C VAL D 469 29.63 13.87 -22.25
N VAL D 470 28.73 12.98 -22.69
CA VAL D 470 28.11 11.95 -21.86
C VAL D 470 28.73 10.58 -22.15
N LEU D 471 29.25 9.91 -21.13
CA LEU D 471 29.85 8.55 -21.28
C LEU D 471 28.91 7.55 -20.62
N LEU D 472 27.98 7.01 -21.38
CA LEU D 472 27.01 6.11 -20.82
C LEU D 472 27.65 4.73 -20.82
N VAL D 473 28.53 4.55 -19.84
CA VAL D 473 29.48 3.41 -19.89
C VAL D 473 29.52 2.58 -18.65
N SER D 474 28.74 2.91 -17.63
CA SER D 474 28.68 2.11 -16.43
C SER D 474 27.28 1.54 -16.32
N GLY D 475 26.80 1.23 -15.12
CA GLY D 475 25.56 0.50 -14.95
C GLY D 475 25.81 -0.99 -15.28
N GLY D 476 24.73 -1.77 -15.35
CA GLY D 476 24.80 -3.19 -15.74
C GLY D 476 25.89 -3.98 -15.00
N GLN D 477 26.85 -4.52 -15.75
CA GLN D 477 27.85 -5.42 -15.17
C GLN D 477 28.83 -4.64 -14.27
N VAL D 478 29.02 -3.35 -14.56
CA VAL D 478 29.89 -2.53 -13.72
C VAL D 478 29.32 -2.42 -12.29
N PHE D 479 27.98 -2.31 -12.19
CA PHE D 479 27.31 -2.30 -10.90
C PHE D 479 27.44 -3.68 -10.24
N LYS D 480 27.12 -4.71 -10.99
CA LYS D 480 27.27 -6.07 -10.51
C LYS D 480 28.67 -6.39 -9.97
N ASP D 481 29.70 -5.87 -10.64
CA ASP D 481 31.10 -6.19 -10.29
C ASP D 481 31.53 -5.54 -8.98
N LYS D 482 30.64 -4.82 -8.32
CA LYS D 482 30.84 -4.46 -6.92
C LYS D 482 31.07 -5.67 -6.02
N ALA D 483 30.46 -6.82 -6.34
CA ALA D 483 30.73 -8.05 -5.62
C ALA D 483 32.21 -8.50 -5.67
N ASP D 484 32.95 -8.08 -6.67
CA ASP D 484 34.36 -8.42 -6.81
C ASP D 484 35.26 -7.54 -5.90
N THR D 485 35.57 -8.06 -4.72
CA THR D 485 36.40 -7.35 -3.75
C THR D 485 37.90 -7.28 -4.10
N SER D 486 38.35 -8.08 -5.09
CA SER D 486 39.72 -7.95 -5.60
C SER D 486 39.94 -6.66 -6.44
N SER D 487 38.85 -6.03 -6.83
CA SER D 487 38.91 -4.80 -7.63
C SER D 487 39.30 -3.56 -6.83
N GLY D 488 40.02 -2.66 -7.48
CA GLY D 488 40.39 -1.38 -6.90
C GLY D 488 39.61 -0.18 -7.41
N LEU D 489 38.47 -0.42 -8.09
CA LEU D 489 37.78 0.64 -8.79
C LEU D 489 37.09 1.56 -7.82
N HIS D 490 37.23 2.86 -8.05
CA HIS D 490 36.48 3.90 -7.31
C HIS D 490 35.05 3.43 -7.02
N PRO D 491 34.64 3.38 -5.74
CA PRO D 491 33.25 3.01 -5.37
C PRO D 491 32.13 3.66 -6.21
N ALA D 492 32.27 4.94 -6.52
CA ALA D 492 31.27 5.66 -7.29
C ALA D 492 30.91 5.00 -8.62
N TRP D 493 31.84 4.27 -9.23
CA TRP D 493 31.52 3.49 -10.43
C TRP D 493 30.36 2.52 -10.23
N ARG D 494 30.24 2.02 -9.00
CA ARG D 494 29.26 1.03 -8.69
C ARG D 494 27.84 1.59 -8.53
N VAL D 495 27.71 2.93 -8.43
CA VAL D 495 26.40 3.60 -8.33
C VAL D 495 26.08 4.57 -9.46
N SER D 496 27.05 4.87 -10.31
CA SER D 496 26.91 5.91 -11.33
C SER D 496 26.87 5.29 -12.72
N PRO D 497 25.73 5.40 -13.43
CA PRO D 497 25.66 4.72 -14.72
C PRO D 497 26.36 5.46 -15.83
N PHE D 498 26.62 6.76 -15.65
CA PHE D 498 27.31 7.54 -16.65
C PHE D 498 28.23 8.59 -16.07
N VAL D 499 29.08 9.12 -16.94
CA VAL D 499 30.02 10.19 -16.62
C VAL D 499 29.69 11.40 -17.47
N MET D 500 29.78 12.58 -16.87
CA MET D 500 29.76 13.86 -17.61
C MET D 500 31.18 14.36 -17.66
N ILE D 501 31.62 14.72 -18.88
CA ILE D 501 32.84 15.45 -19.11
C ILE D 501 32.49 16.82 -19.68
N SER D 502 33.11 17.86 -19.15
CA SER D 502 33.03 19.21 -19.74
C SER D 502 34.43 19.76 -19.87
N GLY D 503 34.74 20.44 -20.96
CA GLY D 503 36.09 21.02 -21.14
C GLY D 503 36.14 22.15 -22.12
N GLN D 504 37.33 22.78 -22.22
CA GLN D 504 37.58 23.85 -23.20
C GLN D 504 39.00 23.73 -23.69
N GLY D 505 39.26 24.32 -24.85
CA GLY D 505 40.61 24.41 -25.41
C GLY D 505 41.30 25.73 -25.13
N ILE D 506 42.60 25.77 -25.42
CA ILE D 506 43.42 26.94 -25.37
C ILE D 506 44.12 27.07 -26.72
N PRO D 507 44.54 28.29 -27.10
CA PRO D 507 45.34 28.44 -28.31
C PRO D 507 46.54 27.52 -28.32
N LYS D 508 46.98 27.13 -29.51
CA LYS D 508 48.13 26.24 -29.67
C LYS D 508 49.38 26.87 -29.01
N VAL D 509 49.60 28.16 -29.23
CA VAL D 509 50.61 28.92 -28.49
C VAL D 509 49.88 29.75 -27.43
N ALA D 510 49.89 29.25 -26.21
CA ALA D 510 49.04 29.75 -25.14
C ALA D 510 49.87 30.38 -24.05
N SER D 511 49.60 31.66 -23.76
CA SER D 511 50.20 32.33 -22.62
C SER D 511 49.78 31.69 -21.31
N ARG D 512 50.59 31.84 -20.27
CA ARG D 512 50.23 31.31 -18.94
C ARG D 512 48.91 31.89 -18.43
N GLU D 513 48.66 33.16 -18.74
CA GLU D 513 47.49 33.87 -18.25
C GLU D 513 46.23 33.30 -18.85
N ILE D 514 46.28 33.00 -20.16
CA ILE D 514 45.13 32.47 -20.87
C ILE D 514 44.84 31.06 -20.39
N ARG D 515 45.88 30.26 -20.16
CA ARG D 515 45.69 28.90 -19.65
C ARG D 515 45.12 28.90 -18.24
N ASP D 516 45.59 29.80 -17.38
CA ASP D 516 45.06 29.90 -15.99
C ASP D 516 43.60 30.31 -16.00
N TYR D 517 43.22 31.22 -16.91
CA TYR D 517 41.80 31.62 -17.07
C TYR D 517 40.96 30.39 -17.50
N VAL D 518 41.40 29.66 -18.50
CA VAL D 518 40.66 28.50 -18.96
C VAL D 518 40.62 27.41 -17.91
N GLN D 519 41.76 27.12 -17.27
CA GLN D 519 41.82 26.08 -16.23
C GLN D 519 40.86 26.38 -15.08
N HIS D 520 40.79 27.66 -14.70
CA HIS D 520 39.85 28.13 -13.68
C HIS D 520 38.40 27.95 -14.06
N GLN D 521 38.04 28.24 -15.31
CA GLN D 521 36.68 27.95 -15.77
C GLN D 521 36.37 26.47 -15.67
N VAL D 522 37.28 25.61 -16.17
CA VAL D 522 37.06 24.17 -16.13
C VAL D 522 36.98 23.64 -14.73
N THR D 523 37.92 23.99 -13.86
CA THR D 523 37.99 23.42 -12.51
C THR D 523 36.93 24.05 -11.56
N HIS D 524 36.87 25.38 -11.51
CA HIS D 524 36.11 26.09 -10.47
C HIS D 524 34.74 26.63 -10.89
N VAL D 525 34.42 26.63 -12.19
CA VAL D 525 33.08 26.96 -12.67
C VAL D 525 32.42 25.66 -13.18
N LYS D 526 32.99 25.02 -14.19
CA LYS D 526 32.41 23.78 -14.74
C LYS D 526 32.44 22.65 -13.72
N GLY D 527 33.63 22.28 -13.27
CA GLY D 527 33.82 21.17 -12.32
C GLY D 527 33.03 21.31 -11.04
N ALA D 528 32.95 22.55 -10.54
CA ALA D 528 32.21 22.92 -9.35
C ALA D 528 30.70 22.71 -9.50
N ALA D 529 30.17 23.00 -10.67
CA ALA D 529 28.76 22.79 -10.94
C ALA D 529 28.48 21.29 -10.96
N LEU D 530 29.38 20.53 -11.57
CA LEU D 530 29.21 19.06 -11.65
C LEU D 530 29.27 18.42 -10.28
N LYS D 531 30.15 18.94 -9.41
CA LYS D 531 30.24 18.47 -8.03
C LYS D 531 29.01 18.80 -7.23
N LYS D 532 28.49 20.01 -7.41
CA LYS D 532 27.23 20.40 -6.76
C LYS D 532 26.06 19.52 -7.22
N LEU D 533 26.00 19.20 -8.50
CA LEU D 533 25.04 18.23 -9.01
C LEU D 533 25.18 16.85 -8.38
N ALA D 534 26.40 16.30 -8.41
CA ALA D 534 26.68 14.99 -7.82
C ALA D 534 27.81 15.02 -6.80
N PRO D 535 27.50 15.39 -5.52
CA PRO D 535 28.58 15.64 -4.57
C PRO D 535 29.18 14.42 -3.92
N ASN D 536 28.55 13.26 -4.05
CA ASN D 536 28.97 12.06 -3.30
C ASN D 536 29.64 11.02 -4.16
N THR D 537 30.06 11.38 -5.37
CA THR D 537 30.62 10.41 -6.32
C THR D 537 32.14 10.61 -6.52
N GLY D 538 32.55 11.17 -7.66
CA GLY D 538 33.95 11.30 -8.00
C GLY D 538 34.09 11.57 -9.48
N GLY D 539 35.31 11.43 -9.98
CA GLY D 539 35.63 11.69 -11.36
C GLY D 539 36.40 10.50 -11.90
N TYR D 540 36.85 10.66 -13.15
CA TYR D 540 37.58 9.66 -13.91
C TYR D 540 39.00 10.16 -14.19
N MET D 541 39.99 9.55 -13.57
CA MET D 541 41.38 10.00 -13.62
C MET D 541 41.93 10.12 -15.04
N ASN D 542 41.62 9.17 -15.90
CA ASN D 542 42.19 9.09 -17.26
C ASN D 542 41.69 10.23 -18.15
N GLU D 543 40.47 10.71 -17.88
CA GLU D 543 39.89 11.82 -18.60
C GLU D 543 39.24 12.67 -17.54
N GLY D 544 40.07 13.48 -16.92
CA GLY D 544 39.68 14.20 -15.73
C GLY D 544 40.58 15.39 -15.42
N ASP D 545 40.29 15.99 -14.28
CA ASP D 545 40.83 17.30 -13.94
C ASP D 545 42.04 17.15 -13.07
N GLY D 546 43.21 17.25 -13.67
CA GLY D 546 44.47 17.09 -12.92
C GLY D 546 44.83 18.32 -12.12
N SER D 547 44.13 19.45 -12.31
CA SER D 547 44.31 20.65 -11.51
C SER D 547 43.32 20.82 -10.38
N ASP D 548 42.46 19.86 -10.15
CA ASP D 548 41.50 19.92 -9.07
C ASP D 548 42.25 19.77 -7.77
N PRO D 549 42.20 20.80 -6.90
CA PRO D 549 42.75 20.63 -5.55
C PRO D 549 42.25 19.40 -4.81
N GLU D 550 41.04 18.96 -5.12
CA GLU D 550 40.48 17.78 -4.48
C GLU D 550 40.61 16.51 -5.34
N TYR D 551 41.56 16.50 -6.28
CA TYR D 551 41.73 15.38 -7.20
C TYR D 551 41.88 14.03 -6.53
N ILE D 552 42.47 13.95 -5.35
CA ILE D 552 42.68 12.65 -4.66
C ILE D 552 41.33 11.97 -4.46
N ASP D 553 40.43 12.74 -3.86
CA ASP D 553 39.03 12.34 -3.63
C ASP D 553 38.33 11.96 -4.95
N ALA D 554 38.42 12.85 -5.92
CA ALA D 554 37.78 12.68 -7.23
C ALA D 554 38.27 11.39 -7.90
N PHE D 555 39.58 11.21 -7.96
CA PHE D 555 40.19 10.18 -8.74
C PHE D 555 40.10 8.80 -8.10
N TYR D 556 40.36 8.74 -6.79
CA TYR D 556 40.54 7.47 -6.05
C TYR D 556 39.45 7.19 -5.01
N GLY D 557 38.83 8.25 -4.48
CA GLY D 557 37.85 8.10 -3.44
C GLY D 557 38.37 7.42 -2.18
N LYS D 558 37.48 6.68 -1.54
CA LYS D 558 37.77 6.00 -0.30
C LYS D 558 38.73 4.81 -0.44
N ASN D 559 39.01 4.37 -1.67
CA ASN D 559 40.09 3.38 -1.89
C ASN D 559 41.51 3.94 -1.68
N TYR D 560 41.63 5.25 -1.47
CA TYR D 560 42.93 5.90 -1.57
C TYR D 560 43.96 5.38 -0.57
N ALA D 561 43.56 5.26 0.71
CA ALA D 561 44.45 4.79 1.76
C ALA D 561 45.06 3.41 1.42
N GLN D 562 44.26 2.53 0.85
CA GLN D 562 44.73 1.22 0.41
C GLN D 562 45.61 1.32 -0.82
N HIS D 563 45.28 2.21 -1.75
CA HIS D 563 46.16 2.42 -2.89
C HIS D 563 47.52 2.93 -2.43
N LEU D 564 47.49 3.93 -1.57
CA LEU D 564 48.71 4.49 -1.01
C LEU D 564 49.56 3.45 -0.27
N ALA D 565 48.95 2.56 0.49
CA ALA D 565 49.72 1.52 1.18
C ALA D 565 50.50 0.65 0.17
N ALA D 566 49.81 0.14 -0.84
CA ALA D 566 50.42 -0.59 -1.94
C ALA D 566 51.56 0.23 -2.63
N LYS D 567 51.31 1.51 -2.84
CA LYS D 567 52.32 2.40 -3.40
C LYS D 567 53.57 2.46 -2.55
N ARG D 568 53.39 2.63 -1.24
CA ARG D 568 54.51 2.72 -0.32
C ARG D 568 55.22 1.37 -0.09
N LYS D 569 54.47 0.26 -0.13
CA LYS D 569 55.05 -1.10 -0.04
C LYS D 569 55.92 -1.42 -1.26
N TYR D 570 55.35 -1.28 -2.45
CA TYR D 570 55.97 -1.75 -3.69
C TYR D 570 56.91 -0.76 -4.38
N ASP D 571 56.69 0.55 -4.14
CA ASP D 571 57.60 1.57 -4.62
C ASP D 571 57.87 2.62 -3.54
N PRO D 572 58.62 2.25 -2.48
CA PRO D 572 58.85 3.20 -1.39
C PRO D 572 59.60 4.48 -1.78
N ASP D 573 60.46 4.41 -2.81
CA ASP D 573 61.27 5.55 -3.24
C ASP D 573 60.63 6.37 -4.33
N ASN D 574 59.48 5.86 -4.82
CA ASN D 574 58.69 6.54 -5.82
C ASN D 574 59.49 6.72 -7.11
N ILE D 575 60.11 5.62 -7.51
CA ILE D 575 60.83 5.55 -8.76
C ILE D 575 59.88 5.79 -9.94
N PHE D 576 58.59 5.44 -9.75
CA PHE D 576 57.60 5.58 -10.79
C PHE D 576 56.67 6.77 -10.62
N PHE D 577 57.14 7.82 -9.97
CA PHE D 577 56.40 9.06 -9.78
C PHE D 577 55.69 9.47 -11.05
N CYS D 578 54.41 9.75 -10.92
CA CYS D 578 53.71 10.51 -11.95
C CYS D 578 52.73 11.49 -11.33
N ARG D 579 52.51 12.55 -12.08
CA ARG D 579 51.64 13.68 -11.71
C ARG D 579 50.21 13.21 -11.39
N THR D 580 49.68 13.55 -10.23
CA THR D 580 48.36 13.09 -9.74
C THR D 580 48.28 11.61 -9.38
N CYS D 581 49.32 10.81 -9.64
CA CYS D 581 49.29 9.38 -9.33
C CYS D 581 49.28 9.24 -7.82
N VAL D 582 48.89 8.04 -7.36
CA VAL D 582 48.79 7.79 -5.94
C VAL D 582 50.17 8.05 -5.31
N GLY D 583 50.18 8.84 -4.24
CA GLY D 583 51.43 9.20 -3.56
C GLY D 583 52.18 10.41 -4.09
N ALA D 584 51.70 11.03 -5.16
CA ALA D 584 52.39 12.14 -5.81
C ALA D 584 52.51 13.38 -4.96
N GLU D 585 51.60 13.52 -3.99
CA GLU D 585 51.64 14.63 -3.04
C GLU D 585 52.86 14.65 -2.11
N ASP D 586 53.61 13.55 -2.04
CA ASP D 586 54.84 13.53 -1.29
C ASP D 586 56.02 14.17 -2.01
N PHE D 587 55.80 14.54 -3.28
CA PHE D 587 56.78 15.20 -4.11
C PHE D 587 56.28 16.55 -4.65
N ILE D 588 57.22 17.35 -5.13
CA ILE D 588 56.94 18.57 -5.88
C ILE D 588 57.53 18.40 -7.27
N GLU D 589 56.67 18.43 -8.29
CA GLU D 589 57.07 18.43 -9.67
C GLU D 589 57.16 19.88 -10.17
N ARG D 590 58.14 20.11 -11.03
CA ARG D 590 58.27 21.41 -11.70
C ARG D 590 58.23 21.11 -13.20
N PRO D 591 57.76 22.09 -13.98
CA PRO D 591 57.82 21.96 -15.44
C PRO D 591 59.23 22.20 -16.00
N ASP D 592 60.08 22.89 -15.24
CA ASP D 592 61.38 23.37 -15.70
C ASP D 592 62.53 23.18 -14.69
N GLY D 593 62.35 22.29 -13.72
CA GLY D 593 63.40 21.96 -12.78
C GLY D 593 63.29 20.57 -12.23
N PRO D 594 64.24 20.16 -11.36
CA PRO D 594 64.23 18.83 -10.75
C PRO D 594 62.94 18.52 -9.99
N LEU D 595 62.51 17.26 -10.10
CA LEU D 595 61.48 16.68 -9.27
C LEU D 595 62.09 16.44 -7.91
N CYS D 596 61.40 16.86 -6.84
CA CYS D 596 61.95 16.73 -5.48
C CYS D 596 60.95 16.13 -4.52
N ARG D 597 61.46 15.35 -3.56
CA ARG D 597 60.69 14.92 -2.40
C ARG D 597 60.49 16.08 -1.48
N LYS D 598 59.29 16.21 -0.93
CA LYS D 598 59.03 17.21 0.13
C LYS D 598 59.89 16.86 1.33
#